data_3JAD
#
_entry.id   3JAD
#
_cell.length_a   1
_cell.length_b   1
_cell.length_c   1
_cell.angle_alpha   90
_cell.angle_beta   90
_cell.angle_gamma   90
#
_symmetry.space_group_name_H-M   'P 1'
#
loop_
_entity.id
_entity.type
_entity.pdbx_description
1 polymer 'Glycine receptor subunit alphaZ1'
2 branched 2-acetamido-2-deoxy-beta-D-glucopyranose-(1-4)-2-acetamido-2-deoxy-beta-D-glucopyranose
3 non-polymer STRYCHNINE
#
_entity_poly.entity_id   1
_entity_poly.type   'polypeptide(L)'
_entity_poly.pdbx_seq_one_letter_code
;APSEFLDKLMGKVSGYDARIRPNFKGPPVNVTCNIFINSFGSIAETTMDYRVNIFLRQQWNDPRLAYSEYPDDSLDLDPS
MLDSIWKPDLFFANEKGANFHEVTTDNKLLRISKNGNVLYSIRITLVLACPMDLKNFPMDVQTCIMQLESFGYTMNDLIF
EWDEKGAVQVADGLTLPQFILKEEKDLRYCTKHYNTGKFTCIEARFHLERQMGYYLIQMYIPSLLIVILSWVSFWINMDA
APARVGLGITTVLTMTTQSSGSRASLPKVSYVKAIDIWMAVCLLFVFSALLEYAAVNFIARAGTKLFISRAKRIDTVSRV
AFPLVFLIFNIFYWITYKLVPR
;
_entity_poly.pdbx_strand_id   A,B,C,D,E
#
# COMPACT_ATOMS: atom_id res chain seq x y z
N ALA A 1 -26.99 8.71 -42.70
CA ALA A 1 -27.34 10.07 -43.12
C ALA A 1 -26.80 11.16 -42.19
N PRO A 2 -27.03 11.04 -40.86
CA PRO A 2 -26.47 12.11 -40.02
C PRO A 2 -24.95 12.07 -39.98
N SER A 3 -24.38 10.89 -40.22
CA SER A 3 -22.94 10.71 -40.22
C SER A 3 -22.25 11.54 -41.31
N GLU A 4 -22.76 11.46 -42.53
CA GLU A 4 -22.15 12.15 -43.66
C GLU A 4 -22.41 13.66 -43.61
N PHE A 5 -23.57 14.04 -43.11
CA PHE A 5 -23.93 15.45 -43.00
C PHE A 5 -23.07 16.07 -41.91
N LEU A 6 -22.71 15.23 -40.94
CA LEU A 6 -21.69 15.56 -39.93
C LEU A 6 -20.31 15.68 -40.54
N ASP A 7 -20.01 14.83 -41.52
CA ASP A 7 -18.73 14.84 -42.20
C ASP A 7 -18.53 16.10 -43.05
N LYS A 8 -19.64 16.64 -43.57
CA LYS A 8 -19.56 17.89 -44.32
C LYS A 8 -19.16 19.05 -43.40
N LEU A 9 -19.76 19.08 -42.23
CA LEU A 9 -19.56 20.16 -41.27
C LEU A 9 -18.18 20.09 -40.61
N MET A 10 -17.86 18.92 -40.07
CA MET A 10 -16.63 18.77 -39.29
C MET A 10 -15.44 18.30 -40.14
N GLY A 11 -15.69 18.03 -41.42
CA GLY A 11 -14.64 17.52 -42.30
C GLY A 11 -13.97 18.57 -43.16
N LYS A 12 -12.99 18.14 -43.95
CA LYS A 12 -12.24 19.02 -44.85
C LYS A 12 -13.15 19.63 -45.92
N VAL A 13 -14.26 18.95 -46.19
CA VAL A 13 -15.30 19.49 -47.05
C VAL A 13 -15.81 20.78 -46.41
N SER A 14 -16.11 21.78 -47.24
CA SER A 14 -16.27 23.16 -46.77
C SER A 14 -14.97 23.53 -46.07
N GLY A 15 -15.07 23.98 -44.84
CA GLY A 15 -13.87 24.13 -44.02
C GLY A 15 -14.16 24.21 -42.55
N TYR A 16 -13.20 23.74 -41.76
CA TYR A 16 -13.28 23.82 -40.31
C TYR A 16 -11.87 23.63 -39.76
N ASP A 17 -11.63 24.09 -38.54
CA ASP A 17 -10.33 23.87 -37.89
C ASP A 17 -10.48 23.37 -36.47
N ALA A 18 -9.96 22.18 -36.20
CA ALA A 18 -9.85 21.68 -34.84
C ALA A 18 -8.88 22.56 -34.09
N ARG A 19 -7.90 23.08 -34.81
CA ARG A 19 -6.89 23.95 -34.25
C ARG A 19 -7.50 25.25 -33.75
N ILE A 20 -8.34 25.87 -34.58
CA ILE A 20 -8.83 27.22 -34.33
C ILE A 20 -10.15 27.25 -33.57
N ARG A 21 -10.19 28.07 -32.53
CA ARG A 21 -11.37 28.18 -31.66
C ARG A 21 -12.50 28.90 -32.39
N PRO A 22 -13.72 28.86 -31.82
CA PRO A 22 -14.79 29.68 -32.39
C PRO A 22 -14.49 31.17 -32.22
N ASN A 23 -15.00 31.99 -33.13
CA ASN A 23 -14.87 33.45 -33.03
C ASN A 23 -13.41 33.91 -32.98
N PHE A 24 -12.56 33.31 -33.80
CA PHE A 24 -11.14 33.65 -33.81
C PHE A 24 -10.96 35.07 -34.35
N LYS A 25 -10.12 35.85 -33.67
CA LYS A 25 -10.03 37.29 -33.90
C LYS A 25 -11.41 37.93 -33.69
N GLY A 26 -11.98 37.70 -32.51
CA GLY A 26 -13.33 38.14 -32.19
C GLY A 26 -13.64 38.09 -30.70
N PRO A 27 -14.94 38.13 -30.35
CA PRO A 27 -15.38 38.05 -28.94
C PRO A 27 -15.03 36.71 -28.28
N PRO A 28 -14.72 36.74 -26.97
CA PRO A 28 -14.27 35.57 -26.21
C PRO A 28 -15.34 34.50 -25.97
N VAL A 29 -14.93 33.24 -26.07
CA VAL A 29 -15.83 32.09 -26.00
C VAL A 29 -16.24 31.72 -24.57
N ASN A 30 -17.54 31.68 -24.31
CA ASN A 30 -18.05 31.21 -23.02
C ASN A 30 -18.21 29.71 -22.98
N VAL A 31 -17.71 29.10 -21.91
CA VAL A 31 -18.05 27.71 -21.64
C VAL A 31 -18.77 27.67 -20.31
N THR A 32 -20.05 27.35 -20.35
CA THR A 32 -20.80 27.15 -19.12
C THR A 32 -20.69 25.68 -18.76
N CYS A 33 -20.02 25.40 -17.65
CA CYS A 33 -19.76 24.02 -17.28
C CYS A 33 -20.17 23.71 -15.84
N ASN A 34 -20.85 22.59 -15.69
CA ASN A 34 -21.28 22.12 -14.39
C ASN A 34 -20.88 20.66 -14.20
N ILE A 35 -20.58 20.27 -12.97
CA ILE A 35 -20.09 18.92 -12.69
C ILE A 35 -21.04 18.17 -11.78
N PHE A 36 -21.20 16.88 -12.05
CA PHE A 36 -21.96 16.02 -11.17
C PHE A 36 -21.02 14.97 -10.59
N ILE A 37 -20.71 15.05 -9.30
CA ILE A 37 -19.67 14.19 -8.73
C ILE A 37 -20.24 12.85 -8.28
N ASN A 38 -19.59 11.77 -8.70
CA ASN A 38 -20.05 10.43 -8.35
C ASN A 38 -19.60 9.97 -6.98
N SER A 39 -18.34 10.25 -6.64
CA SER A 39 -17.79 9.72 -5.39
C SER A 39 -16.64 10.52 -4.80
N PHE A 40 -16.59 10.58 -3.47
CA PHE A 40 -15.37 10.95 -2.77
C PHE A 40 -14.83 9.70 -2.09
N GLY A 41 -13.52 9.68 -1.89
CA GLY A 41 -12.89 8.57 -1.21
C GLY A 41 -11.42 8.80 -0.96
N SER A 42 -10.83 7.91 -0.17
CA SER A 42 -9.40 7.88 0.07
C SER A 42 -8.84 9.26 0.38
N ILE A 43 -9.40 9.91 1.39
CA ILE A 43 -8.89 11.21 1.76
C ILE A 43 -7.81 10.94 2.79
N ALA A 44 -6.56 11.15 2.39
CA ALA A 44 -5.43 10.68 3.19
C ALA A 44 -4.62 11.84 3.73
N GLU A 45 -4.27 11.74 5.01
CA GLU A 45 -3.34 12.70 5.59
C GLU A 45 -2.02 12.59 4.85
N THR A 46 -1.71 11.36 4.42
CA THR A 46 -0.41 11.03 3.86
C THR A 46 -0.07 11.77 2.57
N THR A 47 -0.88 11.58 1.54
CA THR A 47 -0.53 12.10 0.21
C THR A 47 -1.11 13.50 0.07
N MET A 48 -1.89 13.90 1.07
CA MET A 48 -2.48 15.23 1.17
C MET A 48 -3.43 15.48 -0.01
N ASP A 49 -4.31 14.51 -0.25
CA ASP A 49 -5.22 14.57 -1.39
C ASP A 49 -6.45 13.68 -1.25
N TYR A 50 -7.47 13.94 -2.07
CA TYR A 50 -8.60 13.01 -2.18
C TYR A 50 -8.82 12.59 -3.63
N ARG A 51 -9.60 11.52 -3.82
CA ARG A 51 -9.88 10.99 -5.13
C ARG A 51 -11.36 11.11 -5.47
N VAL A 52 -11.65 11.60 -6.65
CA VAL A 52 -13.04 11.84 -7.06
C VAL A 52 -13.21 11.60 -8.55
N ASN A 53 -14.33 11.00 -8.94
CA ASN A 53 -14.68 10.94 -10.35
C ASN A 53 -15.95 11.74 -10.60
N ILE A 54 -15.94 12.52 -11.67
CA ILE A 54 -17.05 13.41 -11.94
C ILE A 54 -17.57 13.21 -13.35
N PHE A 55 -18.81 13.64 -13.57
CA PHE A 55 -19.28 13.93 -14.90
C PHE A 55 -19.11 15.42 -15.15
N LEU A 56 -18.17 15.75 -16.03
CA LEU A 56 -17.92 17.13 -16.39
C LEU A 56 -18.77 17.47 -17.60
N ARG A 57 -19.65 18.46 -17.43
CA ARG A 57 -20.57 18.86 -18.47
C ARG A 57 -20.25 20.26 -18.96
N GLN A 58 -19.73 20.35 -20.18
CA GLN A 58 -19.37 21.63 -20.77
C GLN A 58 -20.37 22.02 -21.85
N GLN A 59 -20.69 23.29 -21.93
CA GLN A 59 -21.54 23.79 -22.99
C GLN A 59 -21.01 25.07 -23.58
N TRP A 60 -20.87 25.07 -24.90
CA TRP A 60 -20.46 26.29 -25.59
C TRP A 60 -21.01 26.24 -26.99
N ASN A 61 -21.30 27.39 -27.59
CA ASN A 61 -21.76 27.40 -28.97
C ASN A 61 -20.78 28.10 -29.93
N ASP A 62 -20.50 27.44 -31.04
CA ASP A 62 -19.76 28.06 -32.14
C ASP A 62 -20.71 28.46 -33.26
N PRO A 63 -20.58 29.71 -33.73
CA PRO A 63 -21.38 30.21 -34.85
C PRO A 63 -21.24 29.34 -36.10
N ARG A 64 -20.02 28.88 -36.32
CA ARG A 64 -19.71 27.91 -37.36
C ARG A 64 -20.33 26.56 -37.00
N LEU A 65 -20.44 25.68 -37.99
CA LEU A 65 -20.81 24.28 -37.77
C LEU A 65 -22.28 24.07 -37.46
N ALA A 66 -23.06 25.15 -37.41
CA ALA A 66 -24.49 25.03 -37.19
C ALA A 66 -25.24 24.93 -38.51
N TYR A 67 -25.77 23.75 -38.80
CA TYR A 67 -26.54 23.52 -40.03
C TYR A 67 -27.82 24.36 -40.16
N SER A 68 -28.80 24.10 -39.30
CA SER A 68 -30.16 24.66 -39.38
C SER A 68 -30.95 24.16 -40.60
N GLU A 69 -30.26 23.54 -41.54
CA GLU A 69 -30.88 22.97 -42.75
C GLU A 69 -31.45 21.57 -42.52
N TYR A 70 -30.72 20.75 -41.77
CA TYR A 70 -30.98 19.32 -41.67
C TYR A 70 -32.14 18.98 -40.73
N PRO A 71 -33.05 18.08 -41.17
CA PRO A 71 -34.28 17.69 -40.46
C PRO A 71 -34.12 17.29 -39.00
N ASP A 72 -33.12 16.49 -38.67
CA ASP A 72 -32.95 16.01 -37.29
C ASP A 72 -32.59 17.15 -36.35
N ASP A 73 -32.98 17.02 -35.10
CA ASP A 73 -32.61 17.99 -34.09
C ASP A 73 -31.38 17.50 -33.33
N SER A 74 -30.54 18.45 -32.96
CA SER A 74 -29.21 18.20 -32.41
C SER A 74 -28.43 17.29 -33.36
N LEU A 75 -27.61 16.42 -32.78
CA LEU A 75 -26.77 15.49 -33.52
C LEU A 75 -25.87 14.78 -32.52
N ASP A 76 -25.28 13.66 -32.92
CA ASP A 76 -24.30 12.98 -32.09
C ASP A 76 -23.17 12.43 -32.94
N LEU A 77 -21.95 12.66 -32.51
CA LEU A 77 -20.80 12.13 -33.22
C LEU A 77 -20.08 11.11 -32.34
N ASP A 78 -19.41 10.15 -32.99
CA ASP A 78 -18.70 9.09 -32.28
C ASP A 78 -17.47 9.63 -31.57
N PRO A 79 -17.14 9.04 -30.41
CA PRO A 79 -16.00 9.48 -29.59
C PRO A 79 -14.69 9.56 -30.35
N SER A 80 -14.57 8.80 -31.44
CA SER A 80 -13.38 8.84 -32.28
C SER A 80 -13.36 10.09 -33.16
N MET A 81 -14.54 10.56 -33.54
CA MET A 81 -14.67 11.74 -34.39
C MET A 81 -14.68 12.99 -33.53
N LEU A 82 -14.43 12.81 -32.24
CA LEU A 82 -14.41 13.91 -31.29
C LEU A 82 -13.31 14.93 -31.60
N ASP A 83 -12.23 14.47 -32.21
CA ASP A 83 -11.09 15.35 -32.49
C ASP A 83 -11.43 16.42 -33.53
N SER A 84 -12.25 16.05 -34.51
CA SER A 84 -12.58 16.94 -35.62
C SER A 84 -13.05 18.32 -35.16
N ILE A 85 -13.93 18.35 -34.14
CA ILE A 85 -14.44 19.61 -33.62
C ILE A 85 -13.55 20.17 -32.51
N TRP A 86 -13.46 21.50 -32.46
CA TRP A 86 -12.74 22.20 -31.40
C TRP A 86 -13.38 22.01 -30.04
N LYS A 87 -12.56 21.72 -29.04
CA LYS A 87 -13.02 21.62 -27.67
C LYS A 87 -12.29 22.62 -26.79
N PRO A 88 -12.99 23.18 -25.80
CA PRO A 88 -12.34 24.09 -24.85
C PRO A 88 -11.29 23.35 -24.04
N ASP A 89 -10.10 23.94 -23.97
CA ASP A 89 -8.99 23.26 -23.33
C ASP A 89 -8.97 23.55 -21.83
N LEU A 90 -9.18 22.48 -21.07
CA LEU A 90 -9.41 22.57 -19.64
C LEU A 90 -8.58 21.59 -18.84
N PHE A 91 -7.87 22.06 -17.82
CA PHE A 91 -7.37 21.12 -16.82
C PHE A 91 -7.95 21.45 -15.47
N PHE A 92 -7.82 20.51 -14.55
CA PHE A 92 -8.02 20.88 -13.17
C PHE A 92 -6.64 21.31 -12.73
N ALA A 93 -6.56 22.38 -11.95
CA ALA A 93 -5.26 22.95 -11.61
C ALA A 93 -4.55 22.15 -10.53
N ASN A 94 -5.32 21.59 -9.61
CA ASN A 94 -4.77 20.94 -8.43
C ASN A 94 -4.65 19.40 -8.39
N GLU A 95 -4.93 18.68 -9.48
CA GLU A 95 -4.85 17.21 -9.38
C GLU A 95 -3.41 16.73 -9.54
N LYS A 96 -3.08 15.62 -8.89
CA LYS A 96 -1.81 14.97 -9.10
C LYS A 96 -1.88 14.16 -10.39
N GLY A 97 -3.00 13.47 -10.60
CA GLY A 97 -3.19 12.65 -11.79
C GLY A 97 -4.65 12.36 -12.09
N ALA A 98 -4.94 12.05 -13.35
CA ALA A 98 -6.31 11.87 -13.82
C ALA A 98 -6.39 10.89 -14.98
N ASN A 99 -7.57 10.34 -15.24
CA ASN A 99 -7.76 9.47 -16.40
C ASN A 99 -9.20 9.44 -16.91
N PHE A 100 -9.35 9.15 -18.20
CA PHE A 100 -10.65 8.84 -18.79
C PHE A 100 -11.10 7.43 -18.42
N HIS A 101 -12.38 7.14 -18.60
CA HIS A 101 -12.83 5.76 -18.53
C HIS A 101 -13.14 5.20 -19.91
N GLU A 102 -12.40 4.17 -20.30
CA GLU A 102 -12.60 3.54 -21.59
C GLU A 102 -13.49 2.29 -21.48
N VAL A 103 -13.90 1.93 -20.26
CA VAL A 103 -14.63 0.68 -20.00
C VAL A 103 -15.86 0.48 -20.87
N THR A 104 -15.95 -0.70 -21.47
CA THR A 104 -16.96 -1.00 -22.47
C THR A 104 -16.80 0.05 -23.58
N THR A 105 -17.83 0.83 -23.85
CA THR A 105 -17.71 1.93 -24.80
C THR A 105 -16.97 3.09 -24.16
N ASP A 106 -16.50 4.01 -24.99
CA ASP A 106 -15.83 5.21 -24.50
C ASP A 106 -16.87 6.17 -23.86
N ASN A 107 -16.49 6.82 -22.76
CA ASN A 107 -17.42 7.66 -21.99
C ASN A 107 -17.49 9.12 -22.42
N LYS A 108 -16.87 9.46 -23.55
CA LYS A 108 -16.97 10.83 -24.04
C LYS A 108 -18.23 10.98 -24.90
N LEU A 109 -19.13 11.87 -24.49
CA LEU A 109 -20.37 12.09 -25.22
C LEU A 109 -20.45 13.52 -25.74
N LEU A 110 -20.87 13.66 -26.99
CA LEU A 110 -20.93 14.97 -27.60
C LEU A 110 -22.18 15.15 -28.46
N ARG A 111 -22.81 16.31 -28.34
CA ARG A 111 -23.97 16.64 -29.14
C ARG A 111 -23.88 18.05 -29.71
N ILE A 112 -24.18 18.17 -31.00
CA ILE A 112 -24.15 19.44 -31.70
C ILE A 112 -25.57 19.85 -32.04
N SER A 113 -26.08 20.88 -31.37
CA SER A 113 -27.47 21.29 -31.52
C SER A 113 -27.73 21.98 -32.85
N LYS A 114 -29.00 22.03 -33.25
CA LYS A 114 -29.42 22.67 -34.49
C LYS A 114 -28.98 24.13 -34.55
N ASN A 115 -29.20 24.86 -33.46
CA ASN A 115 -28.86 26.28 -33.39
C ASN A 115 -27.35 26.52 -33.40
N GLY A 116 -26.58 25.45 -33.18
CA GLY A 116 -25.13 25.59 -33.07
C GLY A 116 -24.62 25.57 -31.64
N ASN A 117 -25.46 25.12 -30.73
CA ASN A 117 -25.02 24.91 -29.34
C ASN A 117 -24.35 23.54 -29.22
N VAL A 118 -23.33 23.45 -28.37
CA VAL A 118 -22.57 22.21 -28.22
C VAL A 118 -22.51 21.75 -26.76
N LEU A 119 -22.99 20.51 -26.56
CA LEU A 119 -23.01 19.85 -25.26
C LEU A 119 -21.97 18.72 -25.22
N TYR A 120 -20.93 18.92 -24.43
CA TYR A 120 -19.82 17.99 -24.35
C TYR A 120 -19.61 17.47 -22.92
N SER A 121 -19.92 16.20 -22.72
CA SER A 121 -19.86 15.63 -21.39
C SER A 121 -18.86 14.48 -21.33
N ILE A 122 -17.97 14.52 -20.35
CA ILE A 122 -17.00 13.45 -20.20
C ILE A 122 -16.93 12.98 -18.78
N ARG A 123 -16.63 11.70 -18.61
CA ARG A 123 -16.53 11.11 -17.29
C ARG A 123 -15.08 10.95 -16.89
N ILE A 124 -14.66 11.62 -15.82
CA ILE A 124 -13.24 11.64 -15.48
C ILE A 124 -12.99 11.23 -14.05
N THR A 125 -12.13 10.25 -13.84
CA THR A 125 -11.63 10.00 -12.49
C THR A 125 -10.32 10.75 -12.30
N LEU A 126 -10.21 11.44 -11.18
CA LEU A 126 -9.01 12.22 -10.90
C LEU A 126 -8.73 12.44 -9.42
N VAL A 127 -7.45 12.56 -9.11
CA VAL A 127 -7.00 12.69 -7.75
C VAL A 127 -6.60 14.13 -7.49
N LEU A 128 -7.39 14.86 -6.71
CA LEU A 128 -7.12 16.27 -6.43
C LEU A 128 -6.37 16.46 -5.11
N ALA A 129 -5.44 17.43 -5.10
CA ALA A 129 -4.65 17.69 -3.90
C ALA A 129 -5.21 18.82 -3.05
N CYS A 130 -5.66 18.49 -1.83
CA CYS A 130 -6.16 19.48 -0.88
C CYS A 130 -5.20 19.66 0.30
N PRO A 131 -4.82 20.92 0.58
CA PRO A 131 -4.05 21.26 1.78
C PRO A 131 -4.86 21.01 3.05
N MET A 132 -4.27 20.35 4.04
CA MET A 132 -5.01 20.00 5.25
C MET A 132 -4.28 20.46 6.51
N ASP A 133 -4.99 21.17 7.37
CA ASP A 133 -4.44 21.54 8.67
C ASP A 133 -5.09 20.71 9.77
N LEU A 134 -4.33 19.77 10.32
CA LEU A 134 -4.80 18.89 11.38
C LEU A 134 -4.52 19.52 12.74
N LYS A 135 -4.12 20.79 12.73
CA LYS A 135 -3.73 21.52 13.93
C LYS A 135 -4.71 21.26 15.06
N ASN A 136 -5.99 21.22 14.71
CA ASN A 136 -6.97 20.62 15.59
C ASN A 136 -7.52 19.35 14.93
N PHE A 137 -7.05 18.19 15.39
CA PHE A 137 -7.41 16.94 14.73
C PHE A 137 -8.82 16.39 14.98
N PRO A 138 -9.23 16.23 16.26
CA PRO A 138 -10.54 15.63 16.47
C PRO A 138 -11.69 16.56 16.09
N MET A 139 -11.53 17.85 16.37
CA MET A 139 -12.57 18.84 16.14
C MET A 139 -12.47 19.41 14.73
N ASP A 140 -11.57 18.80 13.94
CA ASP A 140 -11.17 19.28 12.62
C ASP A 140 -12.30 19.58 11.62
N VAL A 141 -12.12 20.67 10.87
CA VAL A 141 -12.98 20.96 9.72
C VAL A 141 -12.13 21.19 8.48
N GLN A 142 -12.26 20.30 7.50
CA GLN A 142 -11.49 20.39 6.26
C GLN A 142 -12.25 21.04 5.13
N THR A 143 -11.51 21.79 4.31
CA THR A 143 -12.09 22.43 3.14
C THR A 143 -11.42 21.89 1.87
N CYS A 144 -12.25 21.54 0.89
CA CYS A 144 -11.77 20.86 -0.31
C CYS A 144 -12.05 21.67 -1.57
N ILE A 145 -10.98 22.10 -2.24
CA ILE A 145 -11.13 22.93 -3.42
C ILE A 145 -10.89 22.14 -4.70
N MET A 146 -11.84 22.25 -5.62
CA MET A 146 -11.72 21.69 -6.96
C MET A 146 -11.75 22.84 -7.97
N GLN A 147 -10.62 23.12 -8.60
CA GLN A 147 -10.56 24.30 -9.46
C GLN A 147 -10.24 23.98 -10.92
N LEU A 148 -11.09 24.48 -11.81
CA LEU A 148 -11.03 24.17 -13.23
C LEU A 148 -10.55 25.38 -14.02
N GLU A 149 -9.36 25.28 -14.61
CA GLU A 149 -8.79 26.42 -15.32
C GLU A 149 -8.51 26.07 -16.78
N SER A 150 -8.59 27.08 -17.63
CA SER A 150 -8.26 26.90 -19.04
C SER A 150 -6.76 26.87 -19.21
N PHE A 151 -6.31 26.10 -20.19
CA PHE A 151 -4.89 25.88 -20.38
C PHE A 151 -4.45 26.50 -21.70
N GLY A 152 -3.72 27.60 -21.63
CA GLY A 152 -3.21 28.22 -22.83
C GLY A 152 -4.18 29.18 -23.52
N TYR A 153 -5.23 29.60 -22.82
CA TYR A 153 -6.10 30.65 -23.34
C TYR A 153 -6.40 31.74 -22.32
N THR A 154 -5.97 32.94 -22.64
CA THR A 154 -6.15 34.13 -21.82
C THR A 154 -7.62 34.55 -21.76
N MET A 155 -7.93 35.45 -20.83
CA MET A 155 -9.26 36.05 -20.72
C MET A 155 -9.83 36.50 -22.05
N ASN A 156 -8.94 36.95 -22.94
CA ASN A 156 -9.34 37.38 -24.27
C ASN A 156 -9.87 36.23 -25.11
N ASP A 157 -9.30 35.04 -24.89
CA ASP A 157 -9.68 33.86 -25.66
C ASP A 157 -10.98 33.16 -25.22
N LEU A 158 -11.13 32.89 -23.92
CA LEU A 158 -12.33 32.21 -23.41
C LEU A 158 -12.61 32.44 -21.93
N ILE A 159 -13.83 32.12 -21.50
CA ILE A 159 -14.23 32.26 -20.10
C ILE A 159 -14.95 31.01 -19.60
N PHE A 160 -14.59 30.57 -18.39
CA PHE A 160 -15.32 29.51 -17.70
C PHE A 160 -16.25 30.08 -16.64
N GLU A 161 -17.47 29.55 -16.61
CA GLU A 161 -18.50 30.03 -15.71
C GLU A 161 -19.46 28.90 -15.34
N TRP A 162 -19.92 28.92 -14.11
CA TRP A 162 -20.79 27.87 -13.59
C TRP A 162 -22.19 27.93 -14.18
N ASP A 163 -22.91 26.81 -14.06
CA ASP A 163 -24.33 26.74 -14.38
C ASP A 163 -25.12 27.54 -13.34
N GLU A 164 -26.21 28.16 -13.79
CA GLU A 164 -27.07 28.94 -12.91
C GLU A 164 -27.75 28.04 -11.87
N LYS A 165 -28.36 26.96 -12.34
CA LYS A 165 -29.08 26.04 -11.45
C LYS A 165 -28.40 24.68 -11.37
N GLY A 166 -28.00 24.30 -10.16
CA GLY A 166 -27.35 23.02 -9.93
C GLY A 166 -26.00 22.85 -10.61
N ALA A 167 -25.11 23.83 -10.38
CA ALA A 167 -23.80 23.81 -11.01
C ALA A 167 -22.96 22.61 -10.54
N VAL A 168 -22.73 22.50 -9.25
CA VAL A 168 -22.05 21.32 -8.76
C VAL A 168 -23.05 20.46 -8.00
N GLN A 169 -23.22 19.23 -8.46
CA GLN A 169 -24.24 18.36 -7.90
C GLN A 169 -23.65 17.07 -7.34
N VAL A 170 -23.80 16.92 -6.04
CA VAL A 170 -23.34 15.73 -5.34
C VAL A 170 -24.34 14.60 -5.54
N ALA A 171 -23.87 13.47 -6.03
CA ALA A 171 -24.69 12.27 -6.05
C ALA A 171 -24.92 11.81 -4.61
N ASP A 172 -26.19 11.62 -4.25
CA ASP A 172 -26.56 11.37 -2.86
C ASP A 172 -26.02 10.05 -2.29
N GLY A 173 -25.93 9.99 -0.98
CA GLY A 173 -25.51 8.78 -0.30
C GLY A 173 -24.06 8.41 -0.52
N LEU A 174 -23.18 9.41 -0.51
CA LEU A 174 -21.75 9.15 -0.64
C LEU A 174 -21.17 8.49 0.60
N THR A 175 -21.61 8.96 1.77
CA THR A 175 -21.24 8.40 3.09
C THR A 175 -19.74 8.09 3.25
N LEU A 176 -18.92 9.12 3.01
CA LEU A 176 -17.47 9.04 3.18
C LEU A 176 -17.11 8.46 4.53
N PRO A 177 -16.10 7.58 4.56
CA PRO A 177 -15.78 6.78 5.76
C PRO A 177 -15.38 7.58 6.99
N GLN A 178 -14.45 8.52 6.83
CA GLN A 178 -13.96 9.25 7.98
C GLN A 178 -14.58 10.64 8.18
N PHE A 179 -15.27 11.15 7.16
CA PHE A 179 -15.82 12.51 7.19
C PHE A 179 -17.32 12.54 6.90
N ILE A 180 -17.95 13.66 7.24
CA ILE A 180 -19.30 13.94 6.77
C ILE A 180 -19.23 15.14 5.84
N LEU A 181 -19.96 15.08 4.73
CA LEU A 181 -19.96 16.15 3.75
C LEU A 181 -21.07 17.16 4.06
N LYS A 182 -20.68 18.40 4.36
CA LYS A 182 -21.65 19.46 4.62
C LYS A 182 -22.46 19.75 3.37
N GLU A 183 -23.78 19.74 3.51
CA GLU A 183 -24.70 19.91 2.39
C GLU A 183 -24.44 21.21 1.63
N GLU A 184 -24.01 22.25 2.35
CA GLU A 184 -23.68 23.52 1.72
C GLU A 184 -22.41 23.39 0.89
N LYS A 185 -22.52 23.69 -0.39
CA LYS A 185 -21.37 23.65 -1.31
C LYS A 185 -21.14 25.03 -1.89
N ASP A 186 -20.00 25.63 -1.56
CA ASP A 186 -19.76 27.02 -1.92
C ASP A 186 -18.86 27.14 -3.13
N LEU A 187 -19.41 27.57 -4.26
CA LEU A 187 -18.62 27.73 -5.46
C LEU A 187 -18.50 29.20 -5.83
N ARG A 188 -17.37 29.58 -6.42
CA ARG A 188 -17.13 30.96 -6.81
C ARG A 188 -16.02 31.07 -7.86
N TYR A 189 -15.96 32.20 -8.54
CA TYR A 189 -14.93 32.41 -9.56
C TYR A 189 -13.55 32.54 -8.94
N CYS A 190 -12.54 32.22 -9.75
CA CYS A 190 -11.15 32.55 -9.42
C CYS A 190 -10.40 33.01 -10.68
N THR A 191 -9.43 33.89 -10.50
CA THR A 191 -8.71 34.45 -11.64
C THR A 191 -7.22 34.27 -11.46
N LYS A 192 -6.60 33.71 -12.49
CA LYS A 192 -5.16 33.47 -12.49
C LYS A 192 -4.47 34.68 -13.10
N HIS A 193 -3.59 35.33 -12.35
CA HIS A 193 -2.80 36.42 -12.90
C HIS A 193 -1.32 36.04 -13.03
N TYR A 194 -0.88 35.95 -14.28
CA TYR A 194 0.49 35.57 -14.62
C TYR A 194 1.12 36.60 -15.54
N ASN A 195 2.44 36.49 -15.71
CA ASN A 195 3.20 37.35 -16.60
C ASN A 195 2.64 37.33 -18.03
N THR A 196 2.16 36.17 -18.46
CA THR A 196 1.62 36.01 -19.81
C THR A 196 0.22 36.64 -19.93
N GLY A 197 -0.48 36.75 -18.81
CA GLY A 197 -1.80 37.36 -18.81
C GLY A 197 -2.73 36.96 -17.68
N LYS A 198 -4.03 37.09 -17.93
CA LYS A 198 -5.05 36.64 -16.98
C LYS A 198 -5.82 35.45 -17.56
N PHE A 199 -5.93 34.39 -16.77
CA PHE A 199 -6.60 33.16 -17.19
C PHE A 199 -7.78 32.85 -16.27
N THR A 200 -8.82 32.23 -16.82
CA THR A 200 -10.00 31.91 -16.03
C THR A 200 -9.79 30.68 -15.16
N CYS A 201 -10.45 30.64 -14.02
CA CYS A 201 -10.70 29.36 -13.37
C CYS A 201 -11.97 29.45 -12.55
N ILE A 202 -12.66 28.33 -12.41
CA ILE A 202 -13.80 28.29 -11.53
C ILE A 202 -13.44 27.42 -10.33
N GLU A 203 -13.72 27.90 -9.13
CA GLU A 203 -13.33 27.17 -7.93
C GLU A 203 -14.54 26.67 -7.17
N ALA A 204 -14.59 25.37 -6.93
CA ALA A 204 -15.65 24.76 -6.14
C ALA A 204 -15.13 24.39 -4.76
N ARG A 205 -15.94 24.62 -3.72
CA ARG A 205 -15.50 24.31 -2.37
C ARG A 205 -16.51 23.43 -1.64
N PHE A 206 -16.01 22.29 -1.16
CA PHE A 206 -16.79 21.37 -0.37
C PHE A 206 -16.31 21.41 1.08
N HIS A 207 -17.22 21.61 2.01
CA HIS A 207 -16.86 21.57 3.41
C HIS A 207 -17.06 20.16 3.96
N LEU A 208 -15.96 19.55 4.41
CA LEU A 208 -15.99 18.24 5.05
C LEU A 208 -15.71 18.36 6.54
N GLU A 209 -16.70 18.03 7.37
CA GLU A 209 -16.50 18.05 8.81
C GLU A 209 -16.07 16.67 9.29
N ARG A 210 -14.96 16.60 10.00
CA ARG A 210 -14.55 15.34 10.61
C ARG A 210 -15.44 15.06 11.80
N GLN A 211 -15.98 13.85 11.87
CA GLN A 211 -16.79 13.44 13.01
C GLN A 211 -15.89 12.81 14.08
N MET A 212 -15.95 13.36 15.29
CA MET A 212 -14.98 13.01 16.33
C MET A 212 -15.40 11.86 17.21
N GLY A 213 -16.55 11.25 16.93
CA GLY A 213 -17.14 10.25 17.79
C GLY A 213 -16.25 9.10 18.24
N TYR A 214 -15.64 8.42 17.27
CA TYR A 214 -14.77 7.29 17.58
C TYR A 214 -13.61 7.71 18.46
N TYR A 215 -13.13 8.93 18.29
CA TYR A 215 -12.01 9.43 19.07
C TYR A 215 -12.48 9.83 20.47
N LEU A 216 -13.70 10.32 20.56
CA LEU A 216 -14.28 10.67 21.85
C LEU A 216 -14.40 9.42 22.71
N ILE A 217 -14.85 8.33 22.09
CA ILE A 217 -15.08 7.10 22.85
C ILE A 217 -13.80 6.27 23.10
N GLN A 218 -12.96 6.11 22.08
CA GLN A 218 -11.80 5.21 22.19
C GLN A 218 -10.59 5.85 22.88
N MET A 219 -10.45 7.16 22.76
CA MET A 219 -9.25 7.86 23.21
C MET A 219 -9.48 8.68 24.49
N TYR A 220 -10.38 9.66 24.41
CA TYR A 220 -10.63 10.59 25.52
C TYR A 220 -11.13 9.95 26.81
N ILE A 221 -12.29 9.30 26.73
CA ILE A 221 -12.98 8.79 27.91
C ILE A 221 -12.12 7.86 28.78
N PRO A 222 -11.42 6.87 28.19
CA PRO A 222 -10.57 6.02 29.04
C PRO A 222 -9.49 6.81 29.80
N SER A 223 -8.81 7.71 29.10
CA SER A 223 -7.77 8.53 29.71
C SER A 223 -8.31 9.37 30.86
N LEU A 224 -9.37 10.12 30.57
CA LEU A 224 -10.06 10.94 31.57
C LEU A 224 -10.43 10.12 32.81
N LEU A 225 -10.96 8.93 32.55
CA LEU A 225 -11.39 8.03 33.61
C LEU A 225 -10.19 7.62 34.48
N ILE A 226 -9.07 7.36 33.83
CA ILE A 226 -7.83 7.03 34.53
C ILE A 226 -7.41 8.19 35.44
N VAL A 227 -7.55 9.41 34.93
CA VAL A 227 -7.27 10.61 35.72
C VAL A 227 -8.15 10.62 36.98
N ILE A 228 -9.43 10.30 36.82
CA ILE A 228 -10.33 10.18 37.96
C ILE A 228 -9.80 9.15 38.96
N LEU A 229 -9.29 8.03 38.45
CA LEU A 229 -8.69 7.01 39.31
C LEU A 229 -7.53 7.55 40.13
N SER A 230 -6.69 8.37 39.53
CA SER A 230 -5.60 9.00 40.28
C SER A 230 -6.13 9.97 41.35
N TRP A 231 -7.18 10.70 40.99
CA TRP A 231 -7.87 11.55 41.97
C TRP A 231 -8.29 10.73 43.18
N VAL A 232 -8.84 9.54 42.93
CA VAL A 232 -9.23 8.64 43.99
C VAL A 232 -8.01 8.13 44.76
N SER A 233 -6.87 8.07 44.06
CA SER A 233 -5.61 7.69 44.71
C SER A 233 -5.13 8.79 45.66
N PHE A 234 -5.59 10.02 45.44
CA PHE A 234 -5.29 11.11 46.37
C PHE A 234 -6.01 10.92 47.72
N TRP A 235 -7.17 10.26 47.68
CA TRP A 235 -7.94 9.92 48.89
C TRP A 235 -7.25 8.87 49.78
N ILE A 236 -6.32 8.12 49.19
CA ILE A 236 -5.70 6.97 49.85
C ILE A 236 -5.02 7.35 51.16
N ASN A 237 -4.90 6.37 52.05
CA ASN A 237 -4.42 6.57 53.42
C ASN A 237 -3.11 7.34 53.49
N MET A 238 -2.97 8.11 54.55
CA MET A 238 -1.82 9.00 54.74
C MET A 238 -0.64 8.21 55.27
N ASP A 239 -0.80 6.90 55.32
CA ASP A 239 0.24 6.00 55.82
C ASP A 239 0.82 5.12 54.73
N ALA A 240 0.00 4.25 54.12
CA ALA A 240 0.49 3.17 53.27
C ALA A 240 0.89 3.61 51.86
N ALA A 241 2.16 3.39 51.52
CA ALA A 241 2.69 3.64 50.18
C ALA A 241 2.27 2.65 49.06
N PRO A 242 2.53 1.33 49.25
CA PRO A 242 2.60 0.44 48.08
C PRO A 242 1.31 0.29 47.25
N ALA A 243 0.15 0.41 47.89
CA ALA A 243 -1.12 0.37 47.15
C ALA A 243 -1.44 1.74 46.58
N ARG A 244 -0.95 2.78 47.26
CA ARG A 244 -1.18 4.18 46.88
C ARG A 244 -0.17 4.64 45.84
N VAL A 245 1.11 4.59 46.20
CA VAL A 245 2.19 4.73 45.22
C VAL A 245 1.89 3.79 44.06
N GLY A 246 1.43 2.59 44.38
CA GLY A 246 0.95 1.63 43.40
C GLY A 246 -0.15 2.17 42.50
N LEU A 247 -1.17 2.77 43.09
CA LEU A 247 -2.26 3.37 42.32
C LEU A 247 -1.72 4.40 41.33
N GLY A 248 -0.86 5.28 41.81
CA GLY A 248 -0.22 6.26 40.94
C GLY A 248 0.62 5.70 39.81
N ILE A 249 1.50 4.75 40.14
CA ILE A 249 2.38 4.12 39.15
C ILE A 249 1.58 3.38 38.08
N THR A 250 0.56 2.63 38.53
CA THR A 250 -0.35 1.93 37.64
C THR A 250 -1.04 2.92 36.71
N THR A 251 -1.48 4.03 37.29
CA THR A 251 -2.11 5.11 36.56
C THR A 251 -1.20 5.59 35.43
N VAL A 252 0.06 5.85 35.77
CA VAL A 252 1.07 6.26 34.80
C VAL A 252 1.21 5.23 33.68
N LEU A 253 1.41 3.96 34.05
CA LEU A 253 1.62 2.91 33.04
C LEU A 253 0.45 2.72 32.08
N THR A 254 -0.77 2.68 32.62
CA THR A 254 -1.97 2.58 31.78
C THR A 254 -2.08 3.78 30.85
N MET A 255 -1.81 4.96 31.39
CA MET A 255 -1.83 6.16 30.59
C MET A 255 -0.84 6.07 29.42
N THR A 256 0.35 5.56 29.71
CA THR A 256 1.41 5.44 28.72
C THR A 256 1.06 4.47 27.60
N THR A 257 0.54 3.30 27.95
CA THR A 257 0.18 2.33 26.92
C THR A 257 -1.03 2.83 26.11
N GLN A 258 -1.91 3.59 26.75
CA GLN A 258 -3.03 4.19 26.04
C GLN A 258 -2.53 5.18 24.98
N SER A 259 -1.63 6.07 25.41
CA SER A 259 -1.03 7.04 24.51
C SER A 259 -0.24 6.37 23.39
N SER A 260 0.34 5.22 23.68
CA SER A 260 1.09 4.46 22.69
C SER A 260 0.17 3.90 21.60
N GLY A 261 -0.89 3.23 22.03
CA GLY A 261 -1.86 2.66 21.10
C GLY A 261 -2.51 3.72 20.23
N SER A 262 -2.97 4.79 20.86
CA SER A 262 -3.54 5.91 20.13
C SER A 262 -2.50 6.48 19.15
N ARG A 263 -1.24 6.55 19.58
CA ARG A 263 -0.16 7.05 18.72
C ARG A 263 0.10 6.13 17.53
N ALA A 264 -0.30 4.87 17.65
CA ALA A 264 -0.19 3.95 16.51
C ALA A 264 -1.36 4.14 15.54
N SER A 265 -2.57 4.30 16.07
CA SER A 265 -3.77 4.34 15.23
C SER A 265 -4.06 5.68 14.51
N LEU A 266 -3.63 6.79 15.10
CA LEU A 266 -3.85 8.12 14.52
C LEU A 266 -3.09 8.33 13.21
N PRO A 267 -3.46 9.35 12.43
CA PRO A 267 -2.66 9.66 11.23
C PRO A 267 -1.28 10.22 11.58
N LYS A 268 -0.27 9.86 10.78
CA LYS A 268 1.10 10.25 11.07
C LYS A 268 1.39 11.68 10.65
N VAL A 269 1.76 12.50 11.63
CA VAL A 269 1.99 13.92 11.45
C VAL A 269 3.12 14.34 12.37
N SER A 270 4.01 15.20 11.90
CA SER A 270 5.10 15.65 12.75
C SER A 270 4.84 16.99 13.46
N TYR A 271 3.72 17.63 13.18
CA TYR A 271 3.37 18.82 13.96
C TYR A 271 2.33 18.48 15.02
N VAL A 272 2.45 19.17 16.16
CA VAL A 272 1.58 18.93 17.30
C VAL A 272 0.12 19.14 16.95
N LYS A 273 -0.69 18.13 17.24
CA LYS A 273 -2.10 18.16 16.93
C LYS A 273 -2.91 18.05 18.22
N ALA A 274 -4.18 18.47 18.17
CA ALA A 274 -5.03 18.62 19.36
C ALA A 274 -5.09 17.37 20.26
N ILE A 275 -5.44 16.23 19.67
CA ILE A 275 -5.56 15.00 20.43
C ILE A 275 -4.27 14.67 21.17
N ASP A 276 -3.13 14.95 20.52
CA ASP A 276 -1.83 14.72 21.13
C ASP A 276 -1.63 15.63 22.35
N ILE A 277 -2.02 16.89 22.20
CA ILE A 277 -2.00 17.86 23.28
C ILE A 277 -2.72 17.30 24.47
N TRP A 278 -3.93 16.83 24.21
CA TRP A 278 -4.82 16.37 25.26
C TRP A 278 -4.22 15.14 25.97
N MET A 279 -3.78 14.15 25.19
CA MET A 279 -3.13 12.96 25.73
C MET A 279 -1.98 13.35 26.66
N ALA A 280 -1.16 14.27 26.17
CA ALA A 280 0.02 14.72 26.90
C ALA A 280 -0.33 15.39 28.22
N VAL A 281 -1.31 16.29 28.19
CA VAL A 281 -1.72 17.00 29.40
C VAL A 281 -2.27 16.03 30.43
N CYS A 282 -3.11 15.09 29.98
CA CYS A 282 -3.64 14.06 30.86
C CYS A 282 -2.51 13.29 31.53
N LEU A 283 -1.53 12.88 30.72
CA LEU A 283 -0.35 12.20 31.25
C LEU A 283 0.37 13.07 32.28
N LEU A 284 0.36 14.39 32.04
CA LEU A 284 0.97 15.34 32.96
C LEU A 284 0.29 15.36 34.33
N PHE A 285 -1.04 15.40 34.35
CA PHE A 285 -1.74 15.32 35.64
C PHE A 285 -1.53 13.98 36.33
N VAL A 286 -1.60 12.91 35.54
CA VAL A 286 -1.30 11.57 36.02
C VAL A 286 0.03 11.54 36.76
N PHE A 287 1.05 12.18 36.20
CA PHE A 287 2.31 12.36 36.90
C PHE A 287 2.16 13.22 38.15
N SER A 288 1.46 14.34 38.01
CA SER A 288 1.31 15.32 39.08
C SER A 288 0.77 14.67 40.35
N ALA A 289 -0.01 13.60 40.18
CA ALA A 289 -0.45 12.79 41.30
C ALA A 289 0.75 12.29 42.11
N LEU A 290 1.65 11.57 41.44
CA LEU A 290 2.83 11.03 42.11
C LEU A 290 3.80 12.12 42.53
N LEU A 291 3.73 13.29 41.90
CA LEU A 291 4.58 14.40 42.29
C LEU A 291 4.15 14.95 43.65
N GLU A 292 2.88 15.31 43.75
CA GLU A 292 2.34 15.85 44.99
C GLU A 292 2.38 14.81 46.10
N TYR A 293 2.14 13.55 45.75
CA TYR A 293 2.09 12.47 46.72
C TYR A 293 3.50 12.00 47.15
N ALA A 294 4.49 12.23 46.30
CA ALA A 294 5.88 11.99 46.72
C ALA A 294 6.35 13.15 47.59
N ALA A 295 5.80 14.34 47.33
CA ALA A 295 6.04 15.48 48.19
C ALA A 295 5.48 15.21 49.58
N VAL A 296 4.27 14.64 49.62
CA VAL A 296 3.62 14.26 50.88
C VAL A 296 4.39 13.15 51.58
N ASN A 297 4.79 12.14 50.81
CA ASN A 297 5.50 10.98 51.38
C ASN A 297 6.88 11.34 51.92
N PHE A 298 7.53 12.31 51.29
CA PHE A 298 8.83 12.75 51.77
C PHE A 298 8.70 13.72 52.95
N ILE A 299 7.70 14.61 52.91
CA ILE A 299 7.54 15.57 53.99
C ILE A 299 7.01 14.82 55.22
N ALA A 300 6.42 13.65 55.00
CA ALA A 300 5.92 12.81 56.10
C ALA A 300 7.05 12.27 56.96
N ARG A 301 8.16 11.90 56.33
CA ARG A 301 9.31 11.35 57.04
C ARG A 301 9.98 12.40 57.92
N LYS A 305 5.08 16.79 63.38
CA LYS A 305 3.93 17.57 63.83
C LYS A 305 3.52 18.58 62.76
N LEU A 306 4.40 19.53 62.48
CA LEU A 306 4.16 20.55 61.47
C LEU A 306 4.15 19.93 60.07
N PHE A 307 5.03 18.96 59.87
CA PHE A 307 5.15 18.27 58.59
C PHE A 307 3.88 17.49 58.25
N ILE A 308 3.25 16.92 59.29
CA ILE A 308 2.01 16.18 59.12
C ILE A 308 0.87 17.11 58.72
N SER A 309 0.82 18.28 59.35
CA SER A 309 -0.19 19.28 59.03
C SER A 309 -0.01 19.82 57.61
N ARG A 310 1.24 19.98 57.20
CA ARG A 310 1.55 20.38 55.83
C ARG A 310 1.17 19.28 54.84
N ALA A 311 1.27 18.03 55.28
CA ALA A 311 0.90 16.89 54.45
C ALA A 311 -0.62 16.80 54.25
N LYS A 312 -1.36 17.06 55.33
CA LYS A 312 -2.82 17.05 55.27
C LYS A 312 -3.35 18.25 54.49
N ARG A 313 -2.69 19.40 54.65
CA ARG A 313 -3.04 20.59 53.89
C ARG A 313 -2.72 20.39 52.41
N ILE A 314 -1.64 19.65 52.11
CA ILE A 314 -1.30 19.30 50.74
C ILE A 314 -2.30 18.28 50.19
N ASP A 315 -2.89 17.49 51.09
CA ASP A 315 -3.89 16.50 50.71
C ASP A 315 -5.22 17.16 50.33
N THR A 316 -5.68 18.07 51.18
CA THR A 316 -6.90 18.83 50.89
C THR A 316 -6.70 19.71 49.65
N VAL A 317 -5.53 20.32 49.57
CA VAL A 317 -5.17 21.16 48.43
C VAL A 317 -5.16 20.34 47.15
N SER A 318 -4.66 19.11 47.21
CA SER A 318 -4.67 18.24 46.04
C SER A 318 -6.10 17.90 45.62
N ARG A 319 -6.88 17.44 46.60
CA ARG A 319 -8.29 17.11 46.38
C ARG A 319 -9.09 18.24 45.73
N VAL A 320 -8.81 19.48 46.13
CA VAL A 320 -9.52 20.61 45.54
C VAL A 320 -8.94 20.99 44.17
N ALA A 321 -7.62 20.98 44.06
CA ALA A 321 -6.94 21.52 42.88
C ALA A 321 -7.08 20.64 41.64
N PHE A 322 -6.90 19.32 41.78
CA PHE A 322 -6.89 18.46 40.60
C PHE A 322 -8.20 18.57 39.78
N PRO A 323 -9.38 18.35 40.42
CA PRO A 323 -10.60 18.48 39.63
C PRO A 323 -10.83 19.89 39.09
N LEU A 324 -10.47 20.91 39.87
CA LEU A 324 -10.68 22.31 39.47
C LEU A 324 -9.76 22.72 38.32
N VAL A 325 -8.50 22.31 38.40
CA VAL A 325 -7.53 22.61 37.35
C VAL A 325 -7.91 21.89 36.07
N PHE A 326 -8.29 20.62 36.20
CA PHE A 326 -8.64 19.83 35.03
C PHE A 326 -9.95 20.34 34.40
N LEU A 327 -10.82 20.90 35.24
CA LEU A 327 -12.08 21.49 34.77
C LEU A 327 -11.84 22.81 34.02
N ILE A 328 -11.00 23.66 34.58
CA ILE A 328 -10.64 24.91 33.92
C ILE A 328 -9.98 24.60 32.58
N PHE A 329 -9.11 23.60 32.59
CA PHE A 329 -8.42 23.15 31.38
C PHE A 329 -9.38 22.64 30.31
N ASN A 330 -10.33 21.79 30.70
CA ASN A 330 -11.34 21.31 29.77
C ASN A 330 -12.11 22.49 29.18
N ILE A 331 -12.51 23.41 30.07
CA ILE A 331 -13.27 24.60 29.68
C ILE A 331 -12.55 25.43 28.62
N PHE A 332 -11.23 25.58 28.77
CA PHE A 332 -10.45 26.30 27.77
C PHE A 332 -10.33 25.50 26.47
N TYR A 333 -9.94 24.24 26.62
CA TYR A 333 -9.62 23.33 25.51
C TYR A 333 -10.77 23.12 24.52
N TRP A 334 -11.89 22.62 25.04
CA TRP A 334 -13.02 22.25 24.19
C TRP A 334 -13.58 23.45 23.44
N ILE A 335 -13.72 24.57 24.15
CA ILE A 335 -14.23 25.79 23.54
C ILE A 335 -13.22 26.31 22.52
N THR A 336 -11.94 26.09 22.80
CA THR A 336 -10.87 26.52 21.90
C THR A 336 -10.97 25.81 20.55
N TYR A 337 -10.92 24.48 20.57
CA TYR A 337 -10.89 23.73 19.30
C TYR A 337 -12.25 23.50 18.64
N LYS A 338 -13.30 23.36 19.41
CA LYS A 338 -14.61 23.09 18.80
C LYS A 338 -15.32 24.41 18.51
N LEU A 339 -15.57 24.66 17.23
CA LEU A 339 -16.07 25.93 16.72
C LEU A 339 -15.10 27.07 17.04
N VAL A 340 -15.65 28.20 17.51
CA VAL A 340 -14.85 29.37 17.91
C VAL A 340 -13.89 29.82 16.81
N ALA B 1 -6.52 29.71 -41.29
CA ALA B 1 -5.43 30.50 -41.84
C ALA B 1 -4.09 30.29 -41.10
N PRO B 2 -4.08 30.44 -39.75
CA PRO B 2 -2.77 30.23 -39.12
C PRO B 2 -2.33 28.77 -39.18
N SER B 3 -3.30 27.86 -39.30
CA SER B 3 -3.02 26.43 -39.40
C SER B 3 -2.18 26.08 -40.63
N GLU B 4 -2.60 26.58 -41.79
CA GLU B 4 -1.93 26.26 -43.05
C GLU B 4 -0.59 26.98 -43.18
N PHE B 5 -0.51 28.19 -42.64
CA PHE B 5 0.71 28.98 -42.69
C PHE B 5 1.72 28.32 -41.75
N LEU B 6 1.19 27.68 -40.71
CA LEU B 6 1.97 26.80 -39.84
C LEU B 6 2.43 25.54 -40.56
N ASP B 7 1.57 25.03 -41.45
CA ASP B 7 1.88 23.82 -42.21
C ASP B 7 2.99 24.08 -43.23
N LYS B 8 3.08 25.30 -43.74
CA LYS B 8 4.17 25.66 -44.64
C LYS B 8 5.52 25.62 -43.92
N LEU B 9 5.54 26.17 -42.72
CA LEU B 9 6.76 26.29 -41.93
C LEU B 9 7.21 24.94 -41.37
N MET B 10 6.30 24.24 -40.71
CA MET B 10 6.65 23.01 -40.02
C MET B 10 6.45 21.77 -40.88
N GLY B 11 5.94 21.95 -42.09
CA GLY B 11 5.65 20.82 -42.98
C GLY B 11 6.73 20.54 -44.01
N LYS B 12 6.50 19.50 -44.82
CA LYS B 12 7.45 19.10 -45.87
C LYS B 12 7.56 20.19 -46.93
N VAL B 13 6.54 21.03 -47.04
CA VAL B 13 6.59 22.22 -47.87
C VAL B 13 7.74 23.10 -47.37
N SER B 14 8.46 23.72 -48.31
CA SER B 14 9.78 24.30 -48.01
C SER B 14 10.63 23.17 -47.47
N GLY B 15 11.21 23.36 -46.28
CA GLY B 15 11.84 22.25 -45.60
C GLY B 15 12.04 22.50 -44.13
N TYR B 16 12.02 21.42 -43.36
CA TYR B 16 12.29 21.48 -41.94
C TYR B 16 12.63 20.07 -41.48
N ASP B 17 13.31 19.95 -40.35
CA ASP B 17 13.61 18.63 -39.77
C ASP B 17 13.30 18.57 -38.29
N ALA B 18 12.39 17.69 -37.91
CA ALA B 18 12.15 17.39 -36.51
C ALA B 18 13.40 16.72 -35.95
N ARG B 19 14.08 15.97 -36.81
CA ARG B 19 15.30 15.29 -36.45
C ARG B 19 16.41 16.26 -36.07
N ILE B 20 16.60 17.28 -36.91
CA ILE B 20 17.75 18.17 -36.81
C ILE B 20 17.49 19.41 -35.96
N ARG B 21 18.39 19.68 -35.03
CA ARG B 21 18.26 20.80 -34.10
C ARG B 21 18.48 22.11 -34.83
N PRO B 22 18.13 23.25 -34.18
CA PRO B 22 18.49 24.54 -34.76
C PRO B 22 20.00 24.73 -34.80
N ASN B 23 20.48 25.50 -35.78
CA ASN B 23 21.91 25.84 -35.89
C ASN B 23 22.81 24.61 -36.00
N PHE B 24 22.38 23.63 -36.79
CA PHE B 24 23.15 22.40 -36.96
C PHE B 24 24.46 22.70 -37.69
N LYS B 25 25.55 22.13 -37.19
CA LYS B 25 26.90 22.51 -37.61
C LYS B 25 27.09 24.02 -37.39
N GLY B 26 26.87 24.45 -36.14
CA GLY B 26 26.91 25.86 -35.78
C GLY B 26 26.98 26.09 -34.28
N PRO B 27 26.67 27.32 -33.83
CA PRO B 27 26.66 27.67 -32.40
C PRO B 27 25.62 26.89 -31.59
N PRO B 28 25.94 26.56 -30.34
CA PRO B 28 25.10 25.73 -29.46
C PRO B 28 23.80 26.40 -29.00
N VAL B 29 22.72 25.62 -28.96
CA VAL B 29 21.38 26.10 -28.67
C VAL B 29 21.12 26.33 -27.18
N ASN B 30 20.70 27.55 -26.82
CA ASN B 30 20.30 27.83 -25.46
C ASN B 30 18.85 27.49 -25.20
N VAL B 31 18.58 26.81 -24.10
CA VAL B 31 17.22 26.68 -23.63
C VAL B 31 17.15 27.30 -22.25
N THR B 32 16.44 28.41 -22.15
CA THR B 32 16.21 29.02 -20.86
C THR B 32 14.91 28.43 -20.31
N CYS B 33 15.02 27.67 -19.23
CA CYS B 33 13.86 26.98 -18.71
C CYS B 33 13.66 27.22 -17.22
N ASN B 34 12.42 27.52 -16.86
CA ASN B 34 12.04 27.72 -15.48
C ASN B 34 10.82 26.87 -15.14
N ILE B 35 10.73 26.43 -13.89
CA ILE B 35 9.66 25.53 -13.49
C ILE B 35 8.80 26.15 -12.40
N PHE B 36 7.49 25.90 -12.49
CA PHE B 36 6.58 26.32 -11.45
C PHE B 36 5.96 25.08 -10.81
N ILE B 37 6.33 24.78 -9.57
CA ILE B 37 5.94 23.49 -8.98
C ILE B 37 4.56 23.59 -8.31
N ASN B 38 3.69 22.65 -8.63
CA ASN B 38 2.34 22.64 -8.07
C ASN B 38 2.26 22.03 -6.70
N SER B 39 2.96 20.91 -6.48
CA SER B 39 2.82 20.18 -5.22
C SER B 39 4.02 19.33 -4.83
N PHE B 40 4.28 19.26 -3.53
CA PHE B 40 5.11 18.20 -2.98
C PHE B 40 4.22 17.27 -2.19
N GLY B 41 4.63 16.02 -2.10
CA GLY B 41 3.89 15.05 -1.32
C GLY B 41 4.60 13.72 -1.21
N SER B 42 4.07 12.86 -0.35
CA SER B 42 4.52 11.48 -0.23
C SER B 42 6.03 11.38 -0.14
N ILE B 43 6.62 12.09 0.81
CA ILE B 43 8.06 12.02 0.97
C ILE B 43 8.29 10.87 1.94
N ALA B 44 8.81 9.77 1.43
CA ALA B 44 8.85 8.53 2.18
C ALA B 44 10.27 8.11 2.50
N GLU B 45 10.49 7.71 3.76
CA GLU B 45 11.75 7.12 4.13
C GLU B 45 11.95 5.85 3.32
N THR B 46 10.84 5.17 3.03
CA THR B 46 10.84 3.86 2.42
C THR B 46 11.45 3.80 1.02
N THR B 47 10.87 4.54 0.09
CA THR B 47 11.27 4.42 -1.30
C THR B 47 12.38 5.43 -1.59
N MET B 48 12.65 6.26 -0.59
CA MET B 48 13.74 7.24 -0.63
C MET B 48 13.50 8.25 -1.75
N ASP B 49 12.28 8.79 -1.81
CA ASP B 49 11.89 9.71 -2.88
C ASP B 49 10.69 10.58 -2.52
N TYR B 50 10.48 11.65 -3.28
CA TYR B 50 9.25 12.42 -3.19
C TYR B 50 8.57 12.55 -4.54
N ARG B 51 7.30 12.94 -4.53
CA ARG B 51 6.52 13.09 -5.74
C ARG B 51 6.12 14.53 -5.97
N VAL B 52 6.31 15.01 -7.20
CA VAL B 52 6.05 16.40 -7.51
C VAL B 52 5.55 16.54 -8.94
N ASN B 53 4.58 17.42 -9.17
CA ASN B 53 4.21 17.78 -10.53
C ASN B 53 4.51 19.24 -10.79
N ILE B 54 5.10 19.52 -11.94
CA ILE B 54 5.54 20.86 -12.25
C ILE B 54 4.99 21.34 -13.58
N PHE B 55 4.96 22.66 -13.74
CA PHE B 55 4.89 23.24 -15.07
C PHE B 55 6.31 23.55 -15.52
N LEU B 56 6.79 22.79 -16.49
CA LEU B 56 8.10 23.01 -17.06
C LEU B 56 7.98 23.96 -18.24
N ARG B 57 8.66 25.09 -18.13
CA ARG B 57 8.60 26.13 -19.15
C ARG B 57 9.93 26.30 -19.84
N GLN B 58 10.00 25.87 -21.10
CA GLN B 58 11.22 25.95 -21.88
C GLN B 58 11.12 27.05 -22.91
N GLN B 59 12.20 27.77 -23.12
CA GLN B 59 12.24 28.78 -24.18
C GLN B 59 13.53 28.70 -24.98
N TRP B 60 13.38 28.60 -26.29
CA TRP B 60 14.54 28.62 -27.17
C TRP B 60 14.12 29.18 -28.50
N ASN B 61 15.02 29.84 -29.22
CA ASN B 61 14.68 30.31 -30.56
C ASN B 61 15.49 29.63 -31.66
N ASP B 62 14.80 29.19 -32.70
CA ASP B 62 15.45 28.72 -33.91
C ASP B 62 15.37 29.79 -35.01
N PRO B 63 16.51 30.07 -35.65
CA PRO B 63 16.57 31.03 -36.77
C PRO B 63 15.61 30.65 -37.89
N ARG B 64 15.53 29.35 -38.14
CA ARG B 64 14.56 28.79 -39.07
C ARG B 64 13.16 28.93 -38.49
N LEU B 65 12.14 28.79 -39.35
CA LEU B 65 10.74 28.68 -38.91
C LEU B 65 10.14 30.00 -38.46
N ALA B 66 10.92 31.08 -38.51
CA ALA B 66 10.39 32.40 -38.15
C ALA B 66 9.87 33.11 -39.39
N TYR B 67 8.55 33.25 -39.49
CA TYR B 67 7.92 33.94 -40.60
C TYR B 67 8.28 35.42 -40.76
N SER B 68 7.85 36.24 -39.80
CA SER B 68 7.95 37.71 -39.84
C SER B 68 7.05 38.34 -40.92
N GLU B 69 6.54 37.51 -41.83
CA GLU B 69 5.64 37.96 -42.89
C GLU B 69 4.18 38.04 -42.44
N TYR B 70 3.75 37.06 -41.65
CA TYR B 70 2.33 36.85 -41.34
C TYR B 70 1.80 37.82 -40.28
N PRO B 71 0.61 38.38 -40.53
CA PRO B 71 -0.05 39.42 -39.70
C PRO B 71 -0.15 39.10 -38.19
N ASP B 72 -0.55 37.88 -37.84
CA ASP B 72 -0.73 37.52 -36.45
C ASP B 72 0.60 37.52 -35.69
N ASP B 73 0.53 37.80 -34.39
CA ASP B 73 1.71 37.74 -33.55
C ASP B 73 1.74 36.39 -32.84
N SER B 74 2.96 35.89 -32.65
CA SER B 74 3.22 34.53 -32.19
C SER B 74 2.46 33.53 -33.05
N LEU B 75 1.99 32.45 -32.43
CA LEU B 75 1.26 31.39 -33.11
C LEU B 75 1.02 30.28 -32.09
N ASP B 76 0.10 29.38 -32.39
CA ASP B 76 -0.11 28.21 -31.54
C ASP B 76 -0.40 26.99 -32.41
N LEU B 77 0.28 25.88 -32.10
CA LEU B 77 0.02 24.65 -32.82
C LEU B 77 -0.59 23.61 -31.88
N ASP B 78 -1.37 22.70 -32.44
CA ASP B 78 -2.04 21.66 -31.66
C ASP B 78 -1.05 20.65 -31.12
N PRO B 79 -1.32 20.11 -29.92
CA PRO B 79 -0.44 19.16 -29.25
C PRO B 79 -0.07 17.95 -30.12
N SER B 80 -0.90 17.63 -31.10
CA SER B 80 -0.62 16.54 -32.04
C SER B 80 0.43 16.95 -33.07
N MET B 81 0.44 18.23 -33.41
CA MET B 81 1.38 18.76 -34.40
C MET B 81 2.69 19.14 -33.71
N LEU B 82 2.79 18.81 -32.43
CA LEU B 82 3.97 19.12 -31.64
C LEU B 82 5.22 18.41 -32.16
N ASP B 83 5.04 17.25 -32.78
CA ASP B 83 6.18 16.46 -33.26
C ASP B 83 6.92 17.15 -34.40
N SER B 84 6.18 17.85 -35.26
CA SER B 84 6.74 18.48 -36.46
C SER B 84 7.96 19.36 -36.13
N ILE B 85 7.86 20.15 -35.08
CA ILE B 85 8.96 21.03 -34.69
C ILE B 85 9.93 20.34 -33.72
N TRP B 86 11.21 20.67 -33.86
CA TRP B 86 12.25 20.19 -32.96
C TRP B 86 12.07 20.68 -31.54
N LYS B 87 12.21 19.78 -30.58
CA LYS B 87 12.17 20.14 -29.17
C LYS B 87 13.47 19.75 -28.49
N PRO B 88 13.92 20.56 -27.53
CA PRO B 88 15.12 20.21 -26.76
C PRO B 88 14.88 18.95 -25.94
N ASP B 89 15.80 18.01 -26.04
CA ASP B 89 15.62 16.71 -25.40
C ASP B 89 16.11 16.75 -23.96
N LEU B 90 15.16 16.57 -23.05
CA LEU B 90 15.39 16.79 -21.63
C LEU B 90 14.83 15.66 -20.77
N PHE B 91 15.66 15.11 -19.89
CA PHE B 91 15.08 14.31 -18.81
C PHE B 91 15.40 14.92 -17.48
N PHE B 92 14.69 14.46 -16.45
CA PHE B 92 15.18 14.72 -15.12
C PHE B 92 16.09 13.54 -14.85
N ALA B 93 17.23 13.79 -14.23
CA ALA B 93 18.22 12.73 -14.06
C ALA B 93 17.85 11.77 -12.95
N ASN B 94 17.22 12.29 -11.90
CA ASN B 94 16.96 11.53 -10.69
C ASN B 94 15.56 10.92 -10.47
N GLU B 95 14.63 10.99 -11.42
CA GLU B 95 13.30 10.44 -11.14
C GLU B 95 13.28 8.92 -11.35
N LYS B 96 12.43 8.24 -10.58
CA LYS B 96 12.17 6.83 -10.80
C LYS B 96 11.21 6.69 -11.96
N GLY B 97 10.18 7.53 -11.99
CA GLY B 97 9.18 7.49 -13.04
C GLY B 97 8.40 8.78 -13.20
N ALA B 98 7.83 8.99 -14.39
CA ALA B 98 7.16 10.25 -14.71
C ALA B 98 6.05 10.05 -15.73
N ASN B 99 5.13 11.01 -15.82
CA ASN B 99 4.08 10.95 -16.84
C ASN B 99 3.53 12.31 -17.24
N PHE B 100 3.02 12.39 -18.46
CA PHE B 100 2.23 13.55 -18.91
C PHE B 100 0.84 13.51 -18.31
N HIS B 101 0.13 14.64 -18.36
CA HIS B 101 -1.30 14.63 -18.08
C HIS B 101 -2.12 14.78 -19.35
N GLU B 102 -2.91 13.75 -19.65
CA GLU B 102 -3.77 13.79 -20.83
C GLU B 102 -5.20 14.22 -20.50
N VAL B 103 -5.48 14.46 -19.21
CA VAL B 103 -6.84 14.74 -18.73
C VAL B 103 -7.54 15.87 -19.47
N THR B 104 -8.77 15.60 -19.91
CA THR B 104 -9.52 16.49 -20.78
C THR B 104 -8.64 16.70 -22.02
N THR B 105 -8.28 17.94 -22.31
CA THR B 105 -7.35 18.21 -23.41
C THR B 105 -5.92 17.86 -22.98
N ASP B 106 -5.03 17.72 -23.95
CA ASP B 106 -3.63 17.47 -23.67
C ASP B 106 -2.95 18.73 -23.09
N ASN B 107 -2.06 18.55 -22.12
CA ASN B 107 -1.46 19.67 -21.39
C ASN B 107 -0.17 20.23 -22.01
N LYS B 108 0.18 19.78 -23.21
CA LYS B 108 1.35 20.34 -23.88
C LYS B 108 0.97 21.60 -24.65
N LEU B 109 1.59 22.71 -24.29
CA LEU B 109 1.31 23.99 -24.94
C LEU B 109 2.54 24.54 -25.64
N LEU B 110 2.35 25.01 -26.87
CA LEU B 110 3.48 25.51 -27.64
C LEU B 110 3.13 26.78 -28.40
N ARG B 111 4.04 27.74 -28.40
CA ARG B 111 3.87 28.97 -29.14
C ARG B 111 5.14 29.36 -29.90
N ILE B 112 4.96 29.71 -31.17
CA ILE B 112 6.06 30.11 -32.03
C ILE B 112 5.96 31.60 -32.31
N SER B 113 6.86 32.39 -31.73
CA SER B 113 6.78 33.84 -31.83
C SER B 113 7.16 34.36 -33.22
N LYS B 114 6.75 35.58 -33.52
CA LYS B 114 7.04 36.22 -34.80
C LYS B 114 8.53 36.27 -35.09
N ASN B 115 9.32 36.67 -34.09
CA ASN B 115 10.76 36.81 -34.24
C ASN B 115 11.46 35.46 -34.38
N GLY B 116 10.72 34.38 -34.09
CA GLY B 116 11.32 33.05 -34.11
C GLY B 116 11.68 32.51 -32.74
N ASN B 117 11.13 33.14 -31.70
CA ASN B 117 11.28 32.62 -30.34
C ASN B 117 10.21 31.54 -30.09
N VAL B 118 10.58 30.52 -29.33
CA VAL B 118 9.68 29.40 -29.06
C VAL B 118 9.46 29.15 -27.58
N LEU B 119 8.19 29.21 -27.17
CA LEU B 119 7.76 28.96 -25.81
C LEU B 119 7.03 27.63 -25.69
N TYR B 120 7.66 26.67 -25.01
CA TYR B 120 7.14 25.31 -24.89
C TYR B 120 6.93 24.92 -23.44
N SER B 121 5.67 24.80 -23.04
CA SER B 121 5.34 24.51 -21.65
C SER B 121 4.59 23.20 -21.53
N ILE B 122 5.04 22.35 -20.62
CA ILE B 122 4.37 21.08 -20.42
C ILE B 122 4.16 20.81 -18.95
N ARG B 123 3.08 20.11 -18.65
CA ARG B 123 2.76 19.79 -17.27
C ARG B 123 3.13 18.36 -16.96
N ILE B 124 4.04 18.14 -16.03
CA ILE B 124 4.55 16.80 -15.80
C ILE B 124 4.45 16.39 -14.35
N THR B 125 3.84 15.25 -14.08
CA THR B 125 3.95 14.65 -12.75
C THR B 125 5.09 13.65 -12.76
N LEU B 126 5.94 13.72 -11.75
CA LEU B 126 7.09 12.84 -11.67
C LEU B 126 7.59 12.60 -10.25
N VAL B 127 8.16 11.41 -10.06
CA VAL B 127 8.62 10.98 -8.77
C VAL B 127 10.14 11.06 -8.74
N LEU B 128 10.70 12.02 -8.00
CA LEU B 128 12.14 12.20 -7.92
C LEU B 128 12.75 11.51 -6.71
N ALA B 129 13.94 10.95 -6.88
CA ALA B 129 14.61 10.24 -5.80
C ALA B 129 15.64 11.11 -5.06
N CYS B 130 15.36 11.38 -3.79
CA CYS B 130 16.27 12.14 -2.93
C CYS B 130 16.92 11.26 -1.87
N PRO B 131 18.27 11.30 -1.78
CA PRO B 131 19.00 10.64 -0.70
C PRO B 131 18.71 11.30 0.66
N MET B 132 18.41 10.49 1.68
CA MET B 132 18.03 11.03 2.97
C MET B 132 18.88 10.47 4.10
N ASP B 133 19.45 11.33 4.92
CA ASP B 133 20.16 10.88 6.11
C ASP B 133 19.34 11.21 7.36
N LEU B 134 18.77 10.17 7.96
CA LEU B 134 17.96 10.30 9.16
C LEU B 134 18.84 10.20 10.40
N LYS B 135 20.15 10.22 10.19
CA LYS B 135 21.14 10.04 11.26
C LYS B 135 20.76 10.86 12.49
N ASN B 136 20.28 12.07 12.24
CA ASN B 136 19.53 12.79 13.26
C ASN B 136 18.08 12.92 12.82
N PHE B 137 17.20 12.08 13.38
CA PHE B 137 15.81 12.04 12.93
C PHE B 137 14.91 13.20 13.35
N PRO B 138 14.81 13.49 14.66
CA PRO B 138 13.86 14.55 15.05
C PRO B 138 14.33 15.94 14.65
N MET B 139 15.62 16.19 14.74
CA MET B 139 16.19 17.50 14.46
C MET B 139 16.56 17.62 12.99
N ASP B 140 16.15 16.61 12.22
CA ASP B 140 16.52 16.42 10.82
C ASP B 140 16.31 17.62 9.88
N VAL B 141 17.27 17.82 8.98
CA VAL B 141 17.11 18.75 7.88
C VAL B 141 17.41 18.06 6.55
N GLN B 142 16.38 17.93 5.71
CA GLN B 142 16.52 17.27 4.41
C GLN B 142 16.74 18.23 3.27
N THR B 143 17.54 17.80 2.31
CA THR B 143 17.79 18.58 1.11
C THR B 143 17.31 17.82 -0.13
N CYS B 144 16.57 18.52 -1.00
CA CYS B 144 15.90 17.88 -2.13
C CYS B 144 16.40 18.45 -3.46
N ILE B 145 17.03 17.59 -4.26
CA ILE B 145 17.59 18.04 -5.52
C ILE B 145 16.73 17.59 -6.70
N MET B 146 16.40 18.55 -7.55
CA MET B 146 15.73 18.31 -8.81
C MET B 146 16.64 18.73 -9.95
N GLN B 147 17.17 17.77 -10.70
CA GLN B 147 18.16 18.12 -11.71
C GLN B 147 17.73 17.75 -13.14
N LEU B 148 17.81 18.74 -14.01
CA LEU B 148 17.33 18.63 -15.38
C LEU B 148 18.50 18.60 -16.35
N GLU B 149 18.69 17.45 -17.01
CA GLU B 149 19.83 17.30 -17.91
C GLU B 149 19.38 16.96 -19.33
N SER B 150 20.17 17.39 -20.31
CA SER B 150 19.90 17.06 -21.69
C SER B 150 20.31 15.63 -21.98
N PHE B 151 19.58 15.00 -22.88
CA PHE B 151 19.79 13.59 -23.15
C PHE B 151 20.31 13.42 -24.56
N GLY B 152 21.58 13.07 -24.68
CA GLY B 152 22.14 12.83 -25.99
C GLY B 152 22.64 14.05 -26.73
N TYR B 153 22.81 15.17 -26.02
CA TYR B 153 23.44 16.34 -26.60
C TYR B 153 24.52 16.95 -25.70
N THR B 154 25.74 16.93 -26.22
CA THR B 154 26.92 17.46 -25.55
C THR B 154 26.87 18.99 -25.43
N MET B 155 27.76 19.53 -24.60
CA MET B 155 27.92 20.99 -24.47
C MET B 155 27.97 21.70 -25.81
N ASN B 156 28.54 21.04 -26.81
CA ASN B 156 28.63 21.60 -28.15
C ASN B 156 27.25 21.74 -28.79
N ASP B 157 26.34 20.83 -28.46
CA ASP B 157 25.00 20.84 -29.04
C ASP B 157 24.00 21.83 -28.41
N LEU B 158 23.90 21.85 -27.08
CA LEU B 158 22.96 22.74 -26.40
C LEU B 158 23.31 23.03 -24.94
N ILE B 159 22.69 24.08 -24.38
CA ILE B 159 22.90 24.46 -22.99
C ILE B 159 21.58 24.72 -22.27
N PHE B 160 21.47 24.21 -21.05
CA PHE B 160 20.34 24.54 -20.17
C PHE B 160 20.74 25.58 -19.14
N GLU B 161 19.86 26.56 -18.95
CA GLU B 161 20.13 27.66 -18.05
C GLU B 161 18.83 28.19 -17.45
N TRP B 162 18.89 28.61 -16.19
CA TRP B 162 17.70 29.07 -15.48
C TRP B 162 17.23 30.44 -15.96
N ASP B 163 15.98 30.75 -15.65
CA ASP B 163 15.42 32.08 -15.84
C ASP B 163 16.08 33.06 -14.86
N GLU B 164 16.25 34.30 -15.30
CA GLU B 164 16.84 35.34 -14.46
C GLU B 164 15.94 35.66 -13.27
N LYS B 165 14.67 35.91 -13.54
CA LYS B 165 13.72 36.28 -12.49
C LYS B 165 12.67 35.19 -12.29
N GLY B 166 12.62 34.65 -11.09
CA GLY B 166 11.64 33.62 -10.74
C GLY B 166 11.82 32.31 -11.48
N ALA B 167 13.03 31.77 -11.45
CA ALA B 167 13.34 30.54 -12.18
C ALA B 167 12.54 29.36 -11.62
N VAL B 168 12.70 29.06 -10.34
CA VAL B 168 11.88 28.03 -9.75
C VAL B 168 10.87 28.67 -8.81
N GLN B 169 9.60 28.46 -9.09
CA GLN B 169 8.54 29.13 -8.34
C GLN B 169 7.61 28.14 -7.68
N VAL B 170 7.61 28.19 -6.36
CA VAL B 170 6.74 27.36 -5.55
C VAL B 170 5.34 27.95 -5.52
N ALA B 171 4.34 27.16 -5.89
CA ALA B 171 2.96 27.56 -5.69
C ALA B 171 2.68 27.58 -4.19
N ASP B 172 2.16 28.70 -3.71
CA ASP B 172 2.01 28.94 -2.27
C ASP B 172 1.02 28.00 -1.59
N GLY B 173 1.19 27.84 -0.28
CA GLY B 173 0.28 27.03 0.51
C GLY B 173 0.37 25.55 0.24
N LEU B 174 1.58 25.04 0.05
CA LEU B 174 1.76 23.61 -0.15
C LEU B 174 1.49 22.81 1.12
N THR B 175 1.98 23.33 2.24
CA THR B 175 1.76 22.77 3.58
C THR B 175 1.98 21.25 3.66
N LEU B 176 3.16 20.81 3.23
CA LEU B 176 3.55 19.41 3.30
C LEU B 176 3.32 18.83 4.69
N PRO B 177 2.81 17.59 4.76
CA PRO B 177 2.33 17.00 6.01
C PRO B 177 3.39 16.84 7.10
N GLN B 178 4.54 16.26 6.75
CA GLN B 178 5.56 16.00 7.75
C GLN B 178 6.69 17.04 7.82
N PHE B 179 6.80 17.87 6.79
CA PHE B 179 7.91 18.82 6.69
C PHE B 179 7.44 20.26 6.51
N ILE B 180 8.34 21.20 6.76
CA ILE B 180 8.11 22.59 6.35
C ILE B 180 9.13 22.94 5.27
N LEU B 181 8.67 23.64 4.24
CA LEU B 181 9.54 24.01 3.13
C LEU B 181 10.18 25.38 3.39
N LYS B 182 11.51 25.40 3.48
CA LYS B 182 12.24 26.65 3.69
C LYS B 182 12.08 27.55 2.47
N GLU B 183 11.68 28.79 2.72
CA GLU B 183 11.39 29.75 1.65
C GLU B 183 12.57 29.93 0.71
N GLU B 184 13.78 29.84 1.25
CA GLU B 184 14.99 29.95 0.44
C GLU B 184 15.14 28.73 -0.46
N LYS B 185 15.21 28.97 -1.76
CA LYS B 185 15.37 27.90 -2.74
C LYS B 185 16.66 28.14 -3.52
N ASP B 186 17.63 27.25 -3.35
CA ASP B 186 18.95 27.47 -3.92
C ASP B 186 19.16 26.69 -5.19
N LEU B 187 19.23 27.39 -6.32
CA LEU B 187 19.46 26.72 -7.59
C LEU B 187 20.82 27.10 -8.16
N ARG B 188 21.44 26.17 -8.87
CA ARG B 188 22.76 26.38 -9.46
C ARG B 188 23.04 25.40 -10.59
N TYR B 189 24.03 25.73 -11.43
CA TYR B 189 24.40 24.86 -12.53
C TYR B 189 25.03 23.56 -12.04
N CYS B 190 24.94 22.53 -12.88
CA CYS B 190 25.72 21.31 -12.71
C CYS B 190 26.19 20.79 -14.07
N THR B 191 27.35 20.15 -14.07
CA THR B 191 27.93 19.69 -15.33
C THR B 191 28.26 18.21 -15.25
N LYS B 192 27.78 17.46 -16.24
CA LYS B 192 27.99 16.03 -16.32
C LYS B 192 29.27 15.78 -17.13
N HIS B 193 30.26 15.13 -16.53
CA HIS B 193 31.44 14.75 -17.30
C HIS B 193 31.53 13.23 -17.48
N TYR B 194 31.40 12.81 -18.73
CA TYR B 194 31.43 11.41 -19.11
C TYR B 194 32.45 11.17 -20.21
N ASN B 195 32.72 9.90 -20.46
CA ASN B 195 33.63 9.47 -21.52
C ASN B 195 33.24 10.04 -22.88
N THR B 196 31.92 10.14 -23.12
CA THR B 196 31.41 10.64 -24.40
C THR B 196 31.55 12.17 -24.50
N GLY B 197 31.59 12.84 -23.34
CA GLY B 197 31.76 14.28 -23.33
C GLY B 197 31.26 15.00 -22.09
N LYS B 198 30.94 16.28 -22.25
CA LYS B 198 30.34 17.07 -21.19
C LYS B 198 28.90 17.44 -21.53
N PHE B 199 27.98 17.17 -20.61
CA PHE B 199 26.56 17.43 -20.81
C PHE B 199 26.04 18.42 -19.77
N THR B 200 25.05 19.22 -20.15
CA THR B 200 24.50 20.23 -19.25
C THR B 200 23.55 19.59 -18.24
N CYS B 201 23.47 20.18 -17.05
CA CYS B 201 22.28 19.98 -16.22
C CYS B 201 22.08 21.19 -15.33
N ILE B 202 20.83 21.48 -14.99
CA ILE B 202 20.58 22.53 -14.03
C ILE B 202 20.06 21.87 -12.76
N GLU B 203 20.60 22.24 -11.61
CA GLU B 203 20.21 21.60 -10.36
C GLU B 203 19.48 22.57 -9.45
N ALA B 204 18.28 22.20 -9.05
CA ALA B 204 17.50 22.99 -8.11
C ALA B 204 17.51 22.33 -6.72
N ARG B 205 17.63 23.14 -5.68
CA ARG B 205 17.68 22.59 -4.32
C ARG B 205 16.64 23.23 -3.41
N PHE B 206 15.80 22.38 -2.84
CA PHE B 206 14.80 22.80 -1.86
C PHE B 206 15.21 22.31 -0.48
N HIS B 207 15.26 23.22 0.49
CA HIS B 207 15.54 22.82 1.86
C HIS B 207 14.22 22.54 2.59
N LEU B 208 14.08 21.29 3.03
CA LEU B 208 12.93 20.89 3.84
C LEU B 208 13.34 20.61 5.28
N GLU B 209 12.85 21.42 6.21
CA GLU B 209 13.15 21.18 7.62
C GLU B 209 12.05 20.34 8.24
N ARG B 210 12.43 19.24 8.88
CA ARG B 210 11.48 18.43 9.61
C ARG B 210 11.12 19.14 10.89
N GLN B 211 9.82 19.27 11.15
CA GLN B 211 9.36 19.86 12.40
C GLN B 211 9.20 18.78 13.47
N MET B 212 9.87 18.97 14.59
CA MET B 212 10.01 17.91 15.59
C MET B 212 8.92 17.92 16.66
N GLY B 213 7.96 18.82 16.53
CA GLY B 213 6.95 19.03 17.57
C GLY B 213 6.22 17.81 18.09
N TYR B 214 5.63 17.04 17.18
CA TYR B 214 4.89 15.85 17.57
C TYR B 214 5.78 14.85 18.29
N TYR B 215 7.05 14.80 17.92
CA TYR B 215 7.97 13.86 18.55
C TYR B 215 8.41 14.39 19.92
N LEU B 216 8.51 15.71 20.04
CA LEU B 216 8.84 16.32 21.30
C LEU B 216 7.76 16.02 22.32
N ILE B 217 6.50 16.12 21.89
CA ILE B 217 5.40 15.92 22.81
C ILE B 217 5.05 14.43 23.08
N GLN B 218 5.00 13.61 22.03
CA GLN B 218 4.55 12.23 22.17
C GLN B 218 5.62 11.26 22.67
N MET B 219 6.89 11.55 22.36
CA MET B 219 7.98 10.62 22.64
C MET B 219 8.86 11.07 23.80
N TYR B 220 9.50 12.24 23.67
CA TYR B 220 10.45 12.74 24.66
C TYR B 220 9.89 12.97 26.06
N ILE B 221 8.91 13.86 26.16
CA ILE B 221 8.39 14.31 27.44
C ILE B 221 7.91 13.17 28.37
N PRO B 222 7.11 12.21 27.85
CA PRO B 222 6.71 11.12 28.74
C PRO B 222 7.89 10.32 29.31
N SER B 223 8.84 9.98 28.44
CA SER B 223 10.03 9.24 28.86
C SER B 223 10.83 9.99 29.92
N LEU B 224 11.15 11.25 29.62
CA LEU B 224 11.85 12.12 30.56
C LEU B 224 11.15 12.17 31.91
N LEU B 225 9.83 12.31 31.87
CA LEU B 225 9.01 12.39 33.06
C LEU B 225 9.12 11.10 33.89
N ILE B 226 9.13 9.97 33.19
CA ILE B 226 9.33 8.67 33.82
C ILE B 226 10.67 8.63 34.55
N VAL B 227 11.70 9.16 33.88
CA VAL B 227 13.03 9.25 34.50
C VAL B 227 12.95 10.05 35.80
N ILE B 228 12.22 11.16 35.78
CA ILE B 228 12.01 11.94 37.00
C ILE B 228 11.35 11.08 38.08
N LEU B 229 10.38 10.26 37.68
CA LEU B 229 9.73 9.34 38.62
C LEU B 229 10.73 8.39 39.28
N SER B 230 11.69 7.87 38.50
CA SER B 230 12.72 7.01 39.08
C SER B 230 13.62 7.79 40.05
N TRP B 231 13.93 9.03 39.69
CA TRP B 231 14.65 9.93 40.60
C TRP B 231 13.93 10.03 41.94
N VAL B 232 12.61 10.17 41.87
CA VAL B 232 11.79 10.23 43.08
C VAL B 232 11.82 8.88 43.80
N SER B 233 12.01 7.81 43.05
CA SER B 233 12.14 6.48 43.64
C SER B 233 13.46 6.34 44.39
N PHE B 234 14.44 7.18 44.04
CA PHE B 234 15.69 7.21 44.81
C PHE B 234 15.49 7.79 46.21
N TRP B 235 14.50 8.68 46.36
CA TRP B 235 14.12 9.26 47.65
C TRP B 235 13.49 8.25 48.61
N ILE B 236 12.99 7.15 48.07
CA ILE B 236 12.20 6.16 48.81
C ILE B 236 12.96 5.61 50.01
N ASN B 237 12.20 5.15 51.01
CA ASN B 237 12.74 4.72 52.30
C ASN B 237 13.89 3.72 52.17
N MET B 238 14.82 3.80 53.11
CA MET B 238 16.04 3.00 53.09
C MET B 238 15.75 1.60 53.63
N ASP B 239 14.46 1.34 53.87
CA ASP B 239 14.02 0.06 54.39
C ASP B 239 13.21 -0.75 53.38
N ALA B 240 12.05 -0.22 52.97
CA ALA B 240 11.07 -1.02 52.22
C ALA B 240 11.40 -1.21 50.74
N ALA B 241 11.53 -2.47 50.34
CA ALA B 241 11.75 -2.84 48.93
C ALA B 241 10.51 -2.74 47.99
N PRO B 242 9.38 -3.41 48.34
CA PRO B 242 8.40 -3.73 47.28
C PRO B 242 7.72 -2.53 46.59
N ALA B 243 7.57 -1.41 47.29
CA ALA B 243 7.03 -0.20 46.66
C ALA B 243 8.14 0.56 45.94
N ARG B 244 9.36 0.42 46.44
CA ARG B 244 10.55 1.10 45.91
C ARG B 244 11.13 0.32 44.73
N VAL B 245 11.54 -0.93 45.00
CA VAL B 245 11.86 -1.88 43.94
C VAL B 245 10.72 -1.86 42.92
N GLY B 246 9.50 -1.82 43.45
CA GLY B 246 8.30 -1.64 42.63
C GLY B 246 8.34 -0.40 41.75
N LEU B 247 8.67 0.74 42.33
CA LEU B 247 8.78 1.99 41.59
C LEU B 247 9.76 1.84 40.43
N GLY B 248 10.94 1.29 40.72
CA GLY B 248 11.93 1.03 39.69
C GLY B 248 11.49 0.08 38.58
N ILE B 249 10.92 -1.06 38.95
CA ILE B 249 10.46 -2.07 38.00
C ILE B 249 9.35 -1.51 37.11
N THR B 250 8.40 -0.80 37.72
CA THR B 250 7.32 -0.14 37.00
C THR B 250 7.90 0.86 36.00
N THR B 251 8.90 1.61 36.47
CA THR B 251 9.61 2.58 35.65
C THR B 251 10.17 1.90 34.39
N VAL B 252 10.86 0.79 34.61
CA VAL B 252 11.42 -0.01 33.52
C VAL B 252 10.33 -0.44 32.54
N LEU B 253 9.25 -1.03 33.04
CA LEU B 253 8.18 -1.54 32.18
C LEU B 253 7.49 -0.47 31.34
N THR B 254 7.16 0.66 31.96
CA THR B 254 6.57 1.77 31.25
C THR B 254 7.52 2.31 30.18
N MET B 255 8.79 2.41 30.54
CA MET B 255 9.80 2.83 29.58
C MET B 255 9.84 1.91 28.37
N THR B 256 9.78 0.60 28.64
CA THR B 256 9.85 -0.41 27.58
C THR B 256 8.65 -0.36 26.64
N THR B 257 7.44 -0.24 27.18
CA THR B 257 6.28 -0.18 26.30
C THR B 257 6.25 1.14 25.52
N GLN B 258 6.79 2.21 26.14
CA GLN B 258 6.90 3.49 25.44
C GLN B 258 7.83 3.36 24.23
N SER B 259 8.99 2.77 24.46
CA SER B 259 9.96 2.54 23.41
C SER B 259 9.41 1.61 22.32
N SER B 260 8.56 0.68 22.73
CA SER B 260 7.94 -0.24 21.77
C SER B 260 6.97 0.49 20.85
N GLY B 261 6.06 1.27 21.44
CA GLY B 261 5.10 2.03 20.67
C GLY B 261 5.76 3.01 19.71
N SER B 262 6.71 3.78 20.25
CA SER B 262 7.47 4.69 19.41
C SER B 262 8.20 3.91 18.30
N ARG B 263 8.70 2.73 18.62
CA ARG B 263 9.38 1.89 17.61
C ARG B 263 8.42 1.39 16.54
N ALA B 264 7.13 1.36 16.85
CA ALA B 264 6.14 1.01 15.84
C ALA B 264 5.81 2.21 14.94
N SER B 265 5.67 3.39 15.55
CA SER B 265 5.20 4.57 14.79
C SER B 265 6.26 5.29 13.93
N LEU B 266 7.52 5.22 14.33
CA LEU B 266 8.62 5.86 13.61
C LEU B 266 8.85 5.24 12.22
N PRO B 267 9.59 5.94 11.34
CA PRO B 267 9.94 5.33 10.06
C PRO B 267 10.95 4.19 10.22
N LYS B 268 10.81 3.15 9.41
CA LYS B 268 11.65 1.96 9.54
C LYS B 268 13.02 2.16 8.91
N VAL B 269 14.05 2.04 9.74
CA VAL B 269 15.42 2.28 9.37
C VAL B 269 16.31 1.32 10.14
N SER B 270 17.33 0.76 9.49
CA SER B 270 18.22 -0.16 10.19
C SER B 270 19.50 0.49 10.73
N TYR B 271 19.71 1.77 10.47
CA TYR B 271 20.83 2.46 11.09
C TYR B 271 20.35 3.30 12.27
N VAL B 272 21.19 3.38 13.30
CA VAL B 272 20.87 4.08 14.53
C VAL B 272 20.55 5.55 14.26
N LYS B 273 19.40 5.99 14.73
CA LYS B 273 18.94 7.36 14.54
C LYS B 273 18.78 8.04 15.89
N ALA B 274 18.77 9.37 15.88
CA ALA B 274 18.82 10.18 17.10
C ALA B 274 17.77 9.81 18.16
N ILE B 275 16.50 9.80 17.76
CA ILE B 275 15.41 9.50 18.68
C ILE B 275 15.62 8.15 19.34
N ASP B 276 16.15 7.18 18.59
CA ASP B 276 16.42 5.85 19.13
C ASP B 276 17.51 5.91 20.19
N ILE B 277 18.55 6.70 19.90
CA ILE B 277 19.64 6.95 20.84
C ILE B 277 19.06 7.42 22.16
N TRP B 278 18.21 8.42 22.04
CA TRP B 278 17.65 9.08 23.21
C TRP B 278 16.79 8.11 24.03
N MET B 279 15.87 7.40 23.35
CA MET B 279 15.05 6.39 24.00
C MET B 279 15.91 5.40 24.78
N ALA B 280 16.96 4.93 24.11
CA ALA B 280 17.85 3.92 24.67
C ALA B 280 18.57 4.43 25.93
N VAL B 281 19.10 5.65 25.85
CA VAL B 281 19.82 6.24 26.98
C VAL B 281 18.89 6.41 28.18
N CYS B 282 17.68 6.91 27.91
CA CYS B 282 16.68 7.06 28.96
C CYS B 282 16.41 5.72 29.63
N LEU B 283 16.21 4.69 28.81
CA LEU B 283 16.02 3.34 29.33
C LEU B 283 17.22 2.91 30.19
N LEU B 284 18.41 3.34 29.79
CA LEU B 284 19.64 3.04 30.52
C LEU B 284 19.64 3.65 31.92
N PHE B 285 19.27 4.92 32.05
CA PHE B 285 19.17 5.52 33.37
C PHE B 285 18.08 4.87 34.21
N VAL B 286 16.93 4.62 33.58
CA VAL B 286 15.84 3.89 34.21
C VAL B 286 16.33 2.60 34.85
N PHE B 287 17.16 1.86 34.12
CA PHE B 287 17.83 0.70 34.71
C PHE B 287 18.77 1.08 35.84
N SER B 288 19.59 2.11 35.60
CA SER B 288 20.62 2.53 36.54
C SER B 288 20.03 2.80 37.93
N ALA B 289 18.76 3.19 37.95
CA ALA B 289 18.03 3.32 39.20
C ALA B 289 18.06 2.00 39.97
N LEU B 290 17.55 0.93 39.35
CA LEU B 290 17.52 -0.38 39.99
C LEU B 290 18.91 -0.96 40.19
N LEU B 291 19.89 -0.50 39.42
CA LEU B 291 21.25 -0.96 39.58
C LEU B 291 21.84 -0.43 40.89
N GLU B 292 21.79 0.89 41.05
CA GLU B 292 22.31 1.54 42.25
C GLU B 292 21.52 1.14 43.48
N TYR B 293 20.21 0.97 43.31
CA TYR B 293 19.32 0.64 44.41
C TYR B 293 19.39 -0.85 44.79
N ALA B 294 19.78 -1.70 43.85
CA ALA B 294 20.06 -3.10 44.18
C ALA B 294 21.42 -3.19 44.86
N ALA B 295 22.32 -2.29 44.48
CA ALA B 295 23.61 -2.19 45.17
C ALA B 295 23.38 -1.78 46.63
N VAL B 296 22.47 -0.81 46.83
CA VAL B 296 22.10 -0.36 48.16
C VAL B 296 21.40 -1.46 48.95
N ASN B 297 20.46 -2.15 48.30
CA ASN B 297 19.68 -3.19 48.95
C ASN B 297 20.53 -4.40 49.34
N PHE B 298 21.54 -4.70 48.53
CA PHE B 298 22.44 -5.80 48.85
C PHE B 298 23.48 -5.41 49.89
N ILE B 299 24.00 -4.18 49.82
CA ILE B 299 25.01 -3.75 50.79
C ILE B 299 24.33 -3.52 52.14
N ALA B 300 23.01 -3.33 52.12
CA ALA B 300 22.23 -3.16 53.34
C ALA B 300 22.20 -4.44 54.19
N ARG B 301 22.10 -5.59 53.52
CA ARG B 301 22.05 -6.87 54.21
C ARG B 301 23.37 -7.19 54.89
N LYS B 305 26.78 -1.32 60.09
CA LYS B 305 27.21 0.01 60.51
C LYS B 305 27.89 0.76 59.36
N LEU B 306 29.01 0.23 58.89
CA LEU B 306 29.74 0.82 57.77
C LEU B 306 28.95 0.67 56.47
N PHE B 307 28.28 -0.47 56.34
CA PHE B 307 27.48 -0.76 55.16
C PHE B 307 26.30 0.21 55.03
N ILE B 308 25.73 0.58 56.16
CA ILE B 308 24.61 1.53 56.19
C ILE B 308 25.08 2.91 55.76
N SER B 309 26.25 3.32 56.23
CA SER B 309 26.83 4.61 55.87
C SER B 309 27.18 4.66 54.38
N ARG B 310 27.66 3.53 53.85
CA ARG B 310 27.92 3.41 52.43
C ARG B 310 26.63 3.45 51.61
N ALA B 311 25.55 2.94 52.21
CA ALA B 311 24.24 2.94 51.56
C ALA B 311 23.66 4.36 51.50
N LYS B 312 23.82 5.11 52.58
CA LYS B 312 23.36 6.49 52.63
C LYS B 312 24.20 7.41 51.75
N ARG B 313 25.51 7.14 51.71
CA ARG B 313 26.40 7.88 50.82
C ARG B 313 26.09 7.55 49.36
N ILE B 314 25.70 6.32 49.09
CA ILE B 314 25.28 5.92 47.75
C ILE B 314 23.92 6.56 47.42
N ASP B 315 23.14 6.83 48.45
CA ASP B 315 21.83 7.47 48.28
C ASP B 315 21.98 8.96 47.92
N THR B 316 22.81 9.67 48.67
CA THR B 316 23.10 11.07 48.38
C THR B 316 23.80 11.19 47.04
N VAL B 317 24.74 10.28 46.79
CA VAL B 317 25.46 10.25 45.53
C VAL B 317 24.52 10.02 44.35
N SER B 318 23.52 9.15 44.54
CA SER B 318 22.53 8.91 43.49
C SER B 318 21.71 10.17 43.24
N ARG B 319 21.17 10.73 44.33
CA ARG B 319 20.38 11.97 44.25
C ARG B 319 21.11 13.10 43.53
N VAL B 320 22.42 13.23 43.74
CA VAL B 320 23.16 14.27 43.06
C VAL B 320 23.50 13.89 41.61
N ALA B 321 23.90 12.64 41.41
CA ALA B 321 24.43 12.20 40.12
C ALA B 321 23.38 12.09 39.03
N PHE B 322 22.22 11.49 39.32
CA PHE B 322 21.24 11.26 38.25
C PHE B 322 20.80 12.55 37.54
N PRO B 323 20.33 13.57 38.28
CA PRO B 323 19.95 14.79 37.57
C PRO B 323 21.12 15.48 36.88
N LEU B 324 22.31 15.45 37.48
CA LEU B 324 23.50 16.10 36.94
C LEU B 324 24.00 15.40 35.67
N VAL B 325 24.03 14.07 35.70
CA VAL B 325 24.45 13.29 34.55
C VAL B 325 23.47 13.45 33.41
N PHE B 326 22.17 13.39 33.73
CA PHE B 326 21.15 13.51 32.70
C PHE B 326 21.13 14.94 32.12
N LEU B 327 21.51 15.92 32.94
CA LEU B 327 21.61 17.31 32.50
C LEU B 327 22.80 17.53 31.57
N ILE B 328 23.95 16.98 31.94
CA ILE B 328 25.14 17.06 31.09
C ILE B 328 24.85 16.38 29.76
N PHE B 329 24.18 15.23 29.84
CA PHE B 329 23.79 14.47 28.65
C PHE B 329 22.86 15.25 27.73
N ASN B 330 21.83 15.87 28.30
CA ASN B 330 20.92 16.70 27.51
C ASN B 330 21.70 17.84 26.84
N ILE B 331 22.57 18.47 27.63
CA ILE B 331 23.39 19.59 27.15
C ILE B 331 24.23 19.20 25.94
N PHE B 332 24.81 18.00 25.97
CA PHE B 332 25.58 17.52 24.82
C PHE B 332 24.68 17.17 23.63
N TYR B 333 23.63 16.40 23.92
CA TYR B 333 22.72 15.85 22.91
C TYR B 333 22.01 16.90 22.05
N TRP B 334 21.27 17.79 22.71
CA TRP B 334 20.44 18.76 22.00
C TRP B 334 21.28 19.71 21.15
N ILE B 335 22.39 20.17 21.72
CA ILE B 335 23.30 21.06 21.00
C ILE B 335 23.95 20.31 19.85
N THR B 336 24.19 19.01 20.05
CA THR B 336 24.78 18.16 19.02
C THR B 336 23.89 18.07 17.79
N TYR B 337 22.66 17.60 17.98
CA TYR B 337 21.78 17.37 16.83
C TYR B 337 21.04 18.60 16.30
N LYS B 338 20.69 19.54 17.16
CA LYS B 338 19.95 20.70 16.69
C LYS B 338 20.92 21.81 16.29
N LEU B 339 20.89 22.17 15.01
CA LEU B 339 21.85 23.06 14.37
C LEU B 339 23.27 22.50 14.47
N VAL B 340 24.23 23.36 14.83
CA VAL B 340 25.64 22.97 15.00
C VAL B 340 26.20 22.23 13.79
N ALA C 1 19.75 16.99 -44.14
CA ALA C 1 20.74 16.21 -44.89
C ALA C 1 21.07 14.87 -44.22
N PRO C 2 21.41 14.87 -42.91
CA PRO C 2 21.71 13.54 -42.35
C PRO C 2 20.47 12.65 -42.25
N SER C 3 19.30 13.28 -42.19
CA SER C 3 18.03 12.57 -42.11
C SER C 3 17.77 11.70 -43.35
N GLU C 4 17.95 12.30 -44.53
CA GLU C 4 17.68 11.60 -45.79
C GLU C 4 18.75 10.55 -46.11
N PHE C 5 19.98 10.85 -45.74
CA PHE C 5 21.10 9.95 -45.98
C PHE C 5 20.93 8.75 -45.05
N LEU C 6 20.32 9.02 -43.90
CA LEU C 6 19.86 7.97 -42.98
C LEU C 6 18.71 7.15 -43.56
N ASP C 7 17.83 7.83 -44.30
CA ASP C 7 16.69 7.19 -44.93
C ASP C 7 17.11 6.24 -46.05
N LYS C 8 18.22 6.57 -46.72
CA LYS C 8 18.77 5.67 -47.74
C LYS C 8 19.25 4.36 -47.14
N LEU C 9 19.95 4.48 -46.01
CA LEU C 9 20.56 3.34 -45.34
C LEU C 9 19.52 2.46 -44.64
N MET C 10 18.68 3.09 -43.83
CA MET C 10 17.72 2.35 -43.01
C MET C 10 16.37 2.15 -43.69
N GLY C 11 16.20 2.74 -44.87
CA GLY C 11 14.93 2.67 -45.58
C GLY C 11 14.85 1.60 -46.65
N LYS C 12 13.68 1.51 -47.29
CA LYS C 12 13.45 0.52 -48.35
C LYS C 12 14.35 0.77 -49.56
N VAL C 13 14.80 2.02 -49.69
CA VAL C 13 15.82 2.38 -50.68
C VAL C 13 17.06 1.55 -50.38
N SER C 14 17.74 1.11 -51.44
CA SER C 14 18.73 0.03 -51.31
C SER C 14 18.02 -1.16 -50.70
N GLY C 15 18.55 -1.68 -49.60
CA GLY C 15 17.82 -2.64 -48.83
C GLY C 15 18.33 -2.80 -47.42
N TYR C 16 17.42 -3.15 -46.52
CA TYR C 16 17.76 -3.44 -45.14
C TYR C 16 16.61 -4.21 -44.53
N ASP C 17 16.88 -4.95 -43.45
CA ASP C 17 15.82 -5.66 -42.73
C ASP C 17 15.88 -5.44 -41.23
N ALA C 18 14.81 -4.86 -40.68
CA ALA C 18 14.68 -4.77 -39.24
C ALA C 18 14.52 -6.18 -38.69
N ARG C 19 13.90 -7.04 -39.50
CA ARG C 19 13.69 -8.44 -39.13
C ARG C 19 15.01 -9.17 -38.97
N ILE C 20 15.89 -9.00 -39.96
CA ILE C 20 17.10 -9.82 -40.05
C ILE C 20 18.31 -9.20 -39.36
N ARG C 21 18.99 -10.01 -38.54
CA ARG C 21 20.12 -9.55 -37.76
C ARG C 21 21.33 -9.31 -38.66
N PRO C 22 22.37 -8.65 -38.13
CA PRO C 22 23.62 -8.55 -38.90
C PRO C 22 24.26 -9.92 -39.09
N ASN C 23 24.99 -10.11 -40.19
CA ASN C 23 25.73 -11.35 -40.45
C ASN C 23 24.84 -12.58 -40.47
N PHE C 24 23.67 -12.47 -41.10
CA PHE C 24 22.72 -13.59 -41.16
C PHE C 24 23.31 -14.70 -42.02
N LYS C 25 23.19 -15.93 -41.52
CA LYS C 25 23.90 -17.08 -42.10
C LYS C 25 25.41 -16.80 -42.08
N GLY C 26 25.94 -16.49 -40.90
CA GLY C 26 27.32 -16.08 -40.72
C GLY C 26 27.78 -16.12 -39.27
N PRO C 27 28.90 -15.46 -38.96
CA PRO C 27 29.44 -15.38 -37.60
C PRO C 27 28.51 -14.66 -36.62
N PRO C 28 28.48 -15.11 -35.36
CA PRO C 28 27.57 -14.60 -34.31
C PRO C 28 27.87 -13.17 -33.86
N VAL C 29 26.80 -12.41 -33.64
CA VAL C 29 26.87 -10.98 -33.31
C VAL C 29 27.22 -10.70 -31.85
N ASN C 30 28.29 -9.94 -31.62
CA ASN C 30 28.63 -9.51 -30.27
C ASN C 30 27.91 -8.25 -29.87
N VAL C 31 27.34 -8.25 -28.67
CA VAL C 31 26.86 -7.01 -28.08
C VAL C 31 27.62 -6.79 -26.79
N THR C 32 28.47 -5.77 -26.79
CA THR C 32 29.15 -5.39 -25.57
C THR C 32 28.28 -4.37 -24.86
N CYS C 33 27.76 -4.74 -23.69
CA CYS C 33 26.82 -3.88 -23.00
C CYS C 33 27.21 -3.67 -21.54
N ASN C 34 27.15 -2.41 -21.14
CA ASN C 34 27.43 -2.02 -19.77
C ASN C 34 26.30 -1.14 -19.23
N ILE C 35 26.04 -1.24 -17.93
CA ILE C 35 24.92 -0.53 -17.33
C ILE C 35 25.39 0.46 -16.28
N PHE C 36 24.74 1.61 -16.24
CA PHE C 36 25.00 2.59 -15.19
C PHE C 36 23.74 2.75 -14.36
N ILE C 37 23.76 2.26 -13.11
CA ILE C 37 22.52 2.22 -12.34
C ILE C 37 22.28 3.53 -11.59
N ASN C 38 21.07 4.07 -11.71
CA ASN C 38 20.73 5.32 -11.06
C ASN C 38 20.33 5.16 -9.61
N SER C 39 19.53 4.14 -9.31
CA SER C 39 18.99 4.00 -7.96
C SER C 39 18.62 2.58 -7.55
N PHE C 40 18.83 2.26 -6.28
CA PHE C 40 18.18 1.13 -5.66
C PHE C 40 17.14 1.66 -4.69
N GLY C 41 16.10 0.86 -4.46
CA GLY C 41 15.08 1.23 -3.52
C GLY C 41 14.06 0.14 -3.29
N SER C 42 13.21 0.34 -2.29
CA SER C 42 12.08 -0.54 -2.03
C SER C 42 12.46 -2.00 -2.04
N ILE C 43 13.46 -2.37 -1.24
CA ILE C 43 13.85 -3.75 -1.17
C ILE C 43 13.00 -4.37 -0.09
N ALA C 44 12.05 -5.20 -0.49
CA ALA C 44 10.99 -5.65 0.42
C ALA C 44 11.10 -7.14 0.68
N GLU C 45 10.97 -7.50 1.96
CA GLU C 45 10.86 -8.91 2.32
C GLU C 45 9.62 -9.47 1.65
N THR C 46 8.60 -8.62 1.54
CA THR C 46 7.27 -9.03 1.11
C THR C 46 7.21 -9.58 -0.31
N THR C 47 7.58 -8.76 -1.28
CA THR C 47 7.39 -9.14 -2.68
C THR C 47 8.64 -9.87 -3.18
N MET C 48 9.65 -9.89 -2.31
CA MET C 48 10.90 -10.61 -2.57
C MET C 48 11.62 -10.02 -3.79
N ASP C 49 11.74 -8.69 -3.81
CA ASP C 49 12.31 -8.00 -4.96
C ASP C 49 12.82 -6.59 -4.63
N TYR C 50 13.64 -6.03 -5.51
CA TYR C 50 14.00 -4.63 -5.43
C TYR C 50 13.70 -3.89 -6.73
N ARG C 51 13.69 -2.57 -6.67
CA ARG C 51 13.40 -1.75 -7.84
C ARG C 51 14.60 -0.89 -8.22
N VAL C 52 14.93 -0.89 -9.50
CA VAL C 52 16.10 -0.18 -9.98
C VAL C 52 15.87 0.37 -11.37
N ASN C 53 16.37 1.57 -11.63
CA ASN C 53 16.38 2.09 -13.00
C ASN C 53 17.81 2.26 -13.46
N ILE C 54 18.09 1.84 -14.69
CA ILE C 54 19.45 1.85 -15.20
C ILE C 54 19.53 2.57 -16.53
N PHE C 55 20.73 3.01 -16.87
CA PHE C 55 21.05 3.30 -18.24
C PHE C 55 21.73 2.08 -18.84
N LEU C 56 21.02 1.41 -19.75
CA LEU C 56 21.54 0.26 -20.44
C LEU C 56 22.23 0.70 -21.71
N ARG C 57 23.52 0.43 -21.80
CA ARG C 57 24.33 0.86 -22.93
C ARG C 57 24.80 -0.34 -23.73
N GLN C 58 24.23 -0.50 -24.92
CA GLN C 58 24.58 -1.61 -25.81
C GLN C 58 25.42 -1.13 -26.96
N GLN C 59 26.41 -1.93 -27.35
CA GLN C 59 27.20 -1.61 -28.53
C GLN C 59 27.41 -2.82 -29.40
N TRP C 60 27.08 -2.67 -30.67
CA TRP C 60 27.34 -3.75 -31.63
C TRP C 60 27.53 -3.13 -32.99
N ASN C 61 28.33 -3.76 -33.85
CA ASN C 61 28.47 -3.23 -35.21
C ASN C 61 27.93 -4.19 -36.28
N ASP C 62 27.14 -3.64 -37.19
CA ASP C 62 26.71 -4.37 -38.39
C ASP C 62 27.54 -3.93 -39.60
N PRO C 63 28.07 -4.90 -40.37
CA PRO C 63 28.82 -4.61 -41.58
C PRO C 63 28.00 -3.78 -42.58
N ARG C 64 26.72 -4.11 -42.65
CA ARG C 64 25.75 -3.34 -43.42
C ARG C 64 25.54 -1.98 -42.76
N LEU C 65 24.95 -1.04 -43.51
CA LEU C 65 24.48 0.23 -42.96
C LEU C 65 25.61 1.21 -42.65
N ALA C 66 26.86 0.81 -42.88
CA ALA C 66 27.97 1.73 -42.67
C ALA C 66 28.30 2.48 -43.95
N TYR C 67 28.01 3.78 -43.95
CA TYR C 67 28.29 4.63 -45.11
C TYR C 67 29.78 4.77 -45.48
N SER C 68 30.56 5.40 -44.60
CA SER C 68 31.96 5.79 -44.84
C SER C 68 32.11 6.86 -45.93
N GLU C 69 31.04 7.11 -46.68
CA GLU C 69 31.03 8.14 -47.72
C GLU C 69 30.72 9.54 -47.17
N TYR C 70 29.79 9.61 -46.23
CA TYR C 70 29.20 10.87 -45.79
C TYR C 70 30.09 11.66 -44.83
N PRO C 71 30.22 12.98 -45.05
CA PRO C 71 31.10 13.90 -44.31
C PRO C 71 30.99 13.84 -42.78
N ASP C 72 29.77 13.82 -42.25
CA ASP C 72 29.59 13.84 -40.80
C ASP C 72 30.10 12.57 -40.15
N ASP C 73 30.55 12.68 -38.90
CA ASP C 73 30.97 11.50 -38.16
C ASP C 73 29.82 11.02 -37.28
N SER C 74 29.76 9.70 -37.12
CA SER C 74 28.63 9.02 -36.51
C SER C 74 27.33 9.44 -37.17
N LEU C 75 26.26 9.53 -36.38
CA LEU C 75 24.94 9.89 -36.87
C LEU C 75 23.97 9.74 -35.70
N ASP C 76 22.79 10.34 -35.80
CA ASP C 76 21.76 10.14 -34.80
C ASP C 76 20.39 10.05 -35.47
N LEU C 77 19.61 9.05 -35.08
CA LEU C 77 18.26 8.92 -35.61
C LEU C 77 17.24 9.13 -34.50
N ASP C 78 16.06 9.61 -34.88
CA ASP C 78 14.99 9.89 -33.92
C ASP C 78 14.43 8.60 -33.33
N PRO C 79 14.00 8.65 -32.05
CA PRO C 79 13.48 7.50 -31.34
C PRO C 79 12.34 6.79 -32.07
N SER C 80 11.64 7.51 -32.94
CA SER C 80 10.57 6.92 -33.73
C SER C 80 11.12 6.09 -34.89
N MET C 81 12.28 6.50 -35.39
CA MET C 81 12.92 5.80 -36.51
C MET C 81 13.79 4.66 -35.97
N LEU C 82 13.70 4.42 -34.68
CA LEU C 82 14.47 3.38 -34.02
C LEU C 82 14.11 1.98 -34.54
N ASP C 83 12.88 1.80 -35.00
CA ASP C 83 12.42 0.49 -35.45
C ASP C 83 13.15 0.05 -36.73
N SER C 84 13.43 1.00 -37.61
CA SER C 84 14.03 0.70 -38.91
C SER C 84 15.27 -0.18 -38.80
N ILE C 85 16.15 0.13 -37.85
CA ILE C 85 17.36 -0.65 -37.66
C ILE C 85 17.16 -1.81 -36.70
N TRP C 86 17.85 -2.92 -36.97
CA TRP C 86 17.84 -4.09 -36.10
C TRP C 86 18.47 -3.79 -34.74
N LYS C 87 17.81 -4.25 -33.68
CA LYS C 87 18.35 -4.14 -32.34
C LYS C 87 18.48 -5.52 -31.71
N PRO C 88 19.53 -5.72 -30.89
CA PRO C 88 19.68 -6.98 -30.17
C PRO C 88 18.54 -7.19 -29.20
N ASP C 89 17.93 -8.36 -29.24
CA ASP C 89 16.75 -8.60 -28.43
C ASP C 89 17.14 -9.10 -27.04
N LEU C 90 16.82 -8.30 -26.04
CA LEU C 90 17.30 -8.49 -24.69
C LEU C 90 16.19 -8.34 -23.65
N PHE C 91 16.06 -9.33 -22.77
CA PHE C 91 15.29 -9.06 -21.56
C PHE C 91 16.15 -9.22 -20.34
N PHE C 92 15.66 -8.72 -19.22
CA PHE C 92 16.26 -9.15 -17.97
C PHE C 92 15.46 -10.39 -17.62
N ALA C 93 16.14 -11.42 -17.12
CA ALA C 93 15.49 -12.69 -16.90
C ALA C 93 14.62 -12.69 -15.64
N ASN C 94 15.08 -11.95 -14.63
CA ASN C 94 14.46 -11.99 -13.31
C ASN C 94 13.47 -10.86 -12.90
N GLU C 95 13.12 -9.92 -13.79
CA GLU C 95 12.22 -8.85 -13.34
C GLU C 95 10.77 -9.30 -13.34
N LYS C 96 9.98 -8.74 -12.44
CA LYS C 96 8.54 -8.94 -12.45
C LYS C 96 7.93 -8.04 -13.51
N GLY C 97 8.40 -6.79 -13.57
CA GLY C 97 7.90 -5.83 -14.53
C GLY C 97 8.84 -4.67 -14.79
N ALA C 98 8.70 -4.03 -15.95
CA ALA C 98 9.62 -2.99 -16.39
C ALA C 98 8.94 -1.97 -17.28
N ASN C 99 9.53 -0.78 -17.42
CA ASN C 99 9.00 0.22 -18.34
C ASN C 99 10.06 1.20 -18.87
N PHE C 100 9.79 1.74 -20.05
CA PHE C 100 10.56 2.86 -20.58
C PHE C 100 10.18 4.16 -19.89
N HIS C 101 11.01 5.19 -20.03
CA HIS C 101 10.61 6.53 -19.63
C HIS C 101 10.30 7.40 -20.85
N GLU C 102 9.05 7.84 -20.96
CA GLU C 102 8.65 8.69 -22.06
C GLU C 102 8.65 10.17 -21.68
N VAL C 103 8.99 10.47 -20.41
CA VAL C 103 8.89 11.85 -19.88
C VAL C 103 9.64 12.88 -20.70
N THR C 104 8.93 13.97 -21.01
CA THR C 104 9.41 14.99 -21.93
C THR C 104 9.69 14.27 -23.24
N THR C 105 10.93 14.33 -23.73
CA THR C 105 11.31 13.56 -24.92
C THR C 105 11.49 12.09 -24.56
N ASP C 106 11.50 11.23 -25.57
CA ASP C 106 11.73 9.81 -25.36
C ASP C 106 13.21 9.56 -25.00
N ASN C 107 13.47 8.63 -24.08
CA ASN C 107 14.81 8.38 -23.56
C ASN C 107 15.64 7.36 -24.34
N LYS C 108 15.15 6.93 -25.49
CA LYS C 108 15.93 6.01 -26.32
C LYS C 108 16.89 6.79 -27.21
N LEU C 109 18.18 6.56 -27.04
CA LEU C 109 19.21 7.25 -27.83
C LEU C 109 20.00 6.28 -28.69
N LEU C 110 20.20 6.64 -29.95
CA LEU C 110 20.91 5.76 -30.85
C LEU C 110 21.87 6.52 -31.76
N ARG C 111 23.06 5.96 -31.94
CA ARG C 111 24.06 6.53 -32.82
C ARG C 111 24.70 5.48 -33.71
N ILE C 112 24.79 5.80 -35.00
CA ILE C 112 25.39 4.91 -35.99
C ILE C 112 26.71 5.49 -36.45
N SER C 113 27.81 4.87 -36.06
CA SER C 113 29.15 5.41 -36.34
C SER C 113 29.54 5.25 -37.80
N LYS C 114 30.51 6.05 -38.23
CA LYS C 114 31.02 6.01 -39.60
C LYS C 114 31.49 4.62 -40.00
N ASN C 115 32.26 3.98 -39.13
CA ASN C 115 32.81 2.66 -39.40
C ASN C 115 31.74 1.57 -39.42
N GLY C 116 30.54 1.91 -38.93
CA GLY C 116 29.48 0.92 -38.82
C GLY C 116 29.28 0.37 -37.43
N ASN C 117 29.85 1.06 -36.44
CA ASN C 117 29.61 0.72 -35.05
C ASN C 117 28.30 1.37 -34.57
N VAL C 118 27.57 0.68 -33.71
CA VAL C 118 26.27 1.17 -33.24
C VAL C 118 26.20 1.23 -31.72
N LEU C 119 25.91 2.45 -31.23
CA LEU C 119 25.74 2.74 -29.82
C LEU C 119 24.28 3.01 -29.48
N TYR C 120 23.69 2.09 -28.73
CA TYR C 120 22.26 2.14 -28.40
C TYR C 120 22.05 2.17 -26.89
N SER C 121 21.59 3.31 -26.39
CA SER C 121 21.43 3.49 -24.96
C SER C 121 19.99 3.78 -24.60
N ILE C 122 19.45 3.05 -23.63
CA ILE C 122 18.07 3.28 -23.21
C ILE C 122 17.98 3.35 -21.72
N ARG C 123 17.04 4.14 -21.24
CA ARG C 123 16.84 4.30 -19.81
C ARG C 123 15.64 3.49 -19.35
N ILE C 124 15.87 2.52 -18.47
CA ILE C 124 14.80 1.61 -18.11
C ILE C 124 14.59 1.53 -16.61
N THR C 125 13.37 1.74 -16.15
CA THR C 125 13.04 1.40 -14.77
C THR C 125 12.45 0.00 -14.74
N LEU C 126 12.93 -0.82 -13.81
CA LEU C 126 12.46 -2.19 -13.71
C LEU C 126 12.61 -2.78 -12.31
N VAL C 127 11.71 -3.71 -12.01
CA VAL C 127 11.63 -4.32 -10.71
C VAL C 127 12.18 -5.74 -10.81
N LEU C 128 13.36 -5.98 -10.24
CA LEU C 128 14.00 -7.29 -10.30
C LEU C 128 13.72 -8.13 -9.05
N ALA C 129 13.53 -9.43 -9.24
CA ALA C 129 13.22 -10.32 -8.13
C ALA C 129 14.47 -11.04 -7.59
N CYS C 130 14.84 -10.73 -6.34
CA CYS C 130 15.96 -11.38 -5.66
C CYS C 130 15.49 -12.30 -4.55
N PRO C 131 15.94 -13.57 -4.56
CA PRO C 131 15.71 -14.50 -3.46
C PRO C 131 16.44 -14.06 -2.19
N MET C 132 15.74 -14.07 -1.06
CA MET C 132 16.32 -13.57 0.19
C MET C 132 16.22 -14.60 1.31
N ASP C 133 17.33 -14.89 1.97
CA ASP C 133 17.30 -15.74 3.15
C ASP C 133 17.54 -14.90 4.39
N LEU C 134 16.47 -14.71 5.17
CA LEU C 134 16.53 -13.93 6.40
C LEU C 134 16.88 -14.83 7.57
N LYS C 135 17.28 -16.07 7.26
CA LYS C 135 17.57 -17.09 8.27
C LYS C 135 18.40 -16.51 9.40
N ASN C 136 19.35 -15.66 9.05
CA ASN C 136 19.95 -14.76 10.02
C ASN C 136 19.55 -13.33 9.67
N PHE C 137 18.58 -12.78 10.40
CA PHE C 137 18.04 -11.46 10.06
C PHE C 137 18.92 -10.24 10.40
N PRO C 138 19.35 -10.10 11.67
CA PRO C 138 20.10 -8.89 11.98
C PRO C 138 21.49 -8.86 11.37
N MET C 139 22.15 -10.02 11.33
CA MET C 139 23.51 -10.14 10.85
C MET C 139 23.52 -10.39 9.34
N ASP C 140 22.34 -10.30 8.74
CA ASP C 140 22.07 -10.67 7.35
C ASP C 140 22.99 -10.07 6.30
N VAL C 141 23.35 -10.88 5.30
CA VAL C 141 24.01 -10.39 4.10
C VAL C 141 23.26 -10.86 2.85
N GLN C 142 22.70 -9.91 2.12
CA GLN C 142 21.93 -10.21 0.92
C GLN C 142 22.72 -10.06 -0.37
N THR C 143 22.43 -10.94 -1.32
CA THR C 143 23.07 -10.89 -2.63
C THR C 143 22.02 -10.63 -3.71
N CYS C 144 22.32 -9.69 -4.60
CA CYS C 144 21.35 -9.22 -5.59
C CYS C 144 21.84 -9.47 -7.00
N ILE C 145 21.12 -10.32 -7.73
CA ILE C 145 21.52 -10.67 -9.09
C ILE C 145 20.66 -9.95 -10.13
N MET C 146 21.34 -9.31 -11.07
CA MET C 146 20.71 -8.71 -12.24
C MET C 146 21.22 -9.41 -13.48
N GLN C 147 20.37 -10.19 -14.14
CA GLN C 147 20.86 -10.99 -15.26
C GLN C 147 20.18 -10.67 -16.59
N LEU C 148 21.00 -10.39 -17.60
CA LEU C 148 20.56 -9.94 -18.90
C LEU C 148 20.74 -11.02 -19.95
N GLU C 149 19.63 -11.55 -20.46
CA GLU C 149 19.70 -12.65 -21.42
C GLU C 149 19.04 -12.28 -22.73
N SER C 150 19.55 -12.86 -23.81
CA SER C 150 18.94 -12.67 -25.13
C SER C 150 17.69 -13.51 -25.26
N PHE C 151 16.73 -12.98 -26.00
CA PHE C 151 15.44 -13.64 -26.10
C PHE C 151 15.24 -14.14 -27.51
N GLY C 152 15.28 -15.45 -27.69
CA GLY C 152 15.04 -16.02 -29.01
C GLY C 152 16.24 -16.07 -29.93
N TYR C 153 17.44 -15.89 -29.38
CA TYR C 153 18.65 -16.11 -30.15
C TYR C 153 19.69 -16.97 -29.42
N THR C 154 19.97 -18.11 -30.03
CA THR C 154 20.95 -19.09 -29.53
C THR C 154 22.36 -18.55 -29.60
N MET C 155 23.28 -19.24 -28.92
CA MET C 155 24.72 -18.94 -28.99
C MET C 155 25.21 -18.72 -30.41
N ASN C 156 24.61 -19.43 -31.35
CA ASN C 156 24.97 -19.30 -32.76
C ASN C 156 24.59 -17.93 -33.31
N ASP C 157 23.50 -17.36 -32.79
CA ASP C 157 23.00 -16.07 -33.27
C ASP C 157 23.71 -14.83 -32.70
N LEU C 158 23.89 -14.77 -31.38
CA LEU C 158 24.54 -13.61 -30.75
C LEU C 158 25.15 -13.90 -29.37
N ILE C 159 26.01 -13.00 -28.91
CA ILE C 159 26.64 -13.12 -27.59
C ILE C 159 26.58 -11.80 -26.82
N PHE C 160 26.24 -11.90 -25.53
CA PHE C 160 26.33 -10.76 -24.63
C PHE C 160 27.58 -10.83 -23.76
N GLU C 161 28.26 -9.70 -23.63
CA GLU C 161 29.51 -9.63 -22.90
C GLU C 161 29.69 -8.25 -22.29
N TRP C 162 30.28 -8.21 -21.11
CA TRP C 162 30.46 -6.96 -20.38
C TRP C 162 31.52 -6.06 -20.99
N ASP C 163 31.47 -4.78 -20.63
CA ASP C 163 32.53 -3.83 -20.95
C ASP C 163 33.78 -4.17 -20.16
N GLU C 164 34.94 -3.93 -20.77
CA GLU C 164 36.22 -4.18 -20.12
C GLU C 164 36.42 -3.26 -18.91
N LYS C 165 36.23 -1.97 -19.12
CA LYS C 165 36.43 -0.98 -18.05
C LYS C 165 35.11 -0.34 -17.64
N GLY C 166 34.76 -0.49 -16.37
CA GLY C 166 33.54 0.09 -15.82
C GLY C 166 32.26 -0.47 -16.39
N ALA C 167 32.13 -1.80 -16.39
CA ALA C 167 30.97 -2.46 -16.97
C ALA C 167 29.69 -2.10 -16.20
N VAL C 168 29.65 -2.38 -14.91
CA VAL C 168 28.50 -1.95 -14.13
C VAL C 168 28.94 -0.82 -13.22
N GLN C 169 28.29 0.33 -13.37
CA GLN C 169 28.72 1.52 -12.63
C GLN C 169 27.59 2.07 -11.77
N VAL C 170 27.83 2.05 -10.48
CA VAL C 170 26.90 2.57 -9.51
C VAL C 170 27.02 4.09 -9.45
N ALA C 171 25.91 4.80 -9.64
CA ALA C 171 25.89 6.23 -9.39
C ALA C 171 26.04 6.46 -7.88
N ASP C 172 27.00 7.29 -7.51
CA ASP C 172 27.39 7.46 -6.11
C ASP C 172 26.29 8.07 -5.25
N GLY C 173 26.39 7.82 -3.94
CA GLY C 173 25.49 8.41 -2.99
C GLY C 173 24.07 7.87 -3.07
N LEU C 174 23.94 6.56 -3.29
CA LEU C 174 22.61 5.94 -3.31
C LEU C 174 21.97 5.90 -1.93
N THR C 175 22.78 5.56 -0.92
CA THR C 175 22.38 5.56 0.50
C THR C 175 21.03 4.87 0.75
N LEU C 176 20.92 3.62 0.31
CA LEU C 176 19.74 2.80 0.52
C LEU C 176 19.33 2.78 1.98
N PRO C 177 18.02 2.88 2.24
CA PRO C 177 17.50 3.11 3.61
C PRO C 177 17.83 2.01 4.61
N GLN C 178 17.60 0.75 4.26
CA GLN C 178 17.82 -0.31 5.21
C GLN C 178 19.14 -1.08 5.05
N PHE C 179 19.82 -0.89 3.92
CA PHE C 179 21.04 -1.63 3.61
C PHE C 179 22.22 -0.71 3.29
N ILE C 180 23.42 -1.27 3.33
CA ILE C 180 24.58 -0.60 2.77
C ILE C 180 25.07 -1.43 1.59
N LEU C 181 25.45 -0.73 0.51
CA LEU C 181 25.90 -1.39 -0.70
C LEU C 181 27.41 -1.58 -0.67
N LYS C 182 27.86 -2.84 -0.67
CA LYS C 182 29.29 -3.14 -0.69
C LYS C 182 29.91 -2.66 -2.00
N GLU C 183 30.99 -1.90 -1.90
CA GLU C 183 31.64 -1.28 -3.05
C GLU C 183 32.05 -2.32 -4.10
N GLU C 184 32.41 -3.51 -3.63
CA GLU C 184 32.78 -4.59 -4.54
C GLU C 184 31.54 -5.10 -5.28
N LYS C 185 31.60 -5.05 -6.61
CA LYS C 185 30.51 -5.51 -7.45
C LYS C 185 31.01 -6.64 -8.35
N ASP C 186 30.50 -7.84 -8.14
CA ASP C 186 31.04 -9.00 -8.82
C ASP C 186 30.18 -9.41 -10.01
N LEU C 187 30.69 -9.22 -11.22
CA LEU C 187 29.95 -9.62 -12.41
C LEU C 187 30.64 -10.77 -13.12
N ARG C 188 29.86 -11.63 -13.75
CA ARG C 188 30.38 -12.79 -14.46
C ARG C 188 29.38 -13.33 -15.47
N TYR C 189 29.87 -14.13 -16.41
CA TYR C 189 29.01 -14.73 -17.41
C TYR C 189 28.06 -15.76 -16.82
N CYS C 190 26.94 -15.97 -17.50
CA CYS C 190 26.07 -17.11 -17.23
C CYS C 190 25.54 -17.68 -18.54
N THR C 191 25.28 -18.98 -18.55
CA THR C 191 24.83 -19.63 -19.77
C THR C 191 23.56 -20.42 -19.53
N LYS C 192 22.57 -20.17 -20.37
CA LYS C 192 21.29 -20.83 -20.29
C LYS C 192 21.33 -22.09 -21.16
N HIS C 193 21.11 -23.26 -20.55
CA HIS C 193 21.00 -24.48 -21.35
C HIS C 193 19.58 -25.03 -21.35
N TYR C 194 18.96 -25.01 -22.52
CA TYR C 194 17.60 -25.46 -22.72
C TYR C 194 17.54 -26.48 -23.85
N ASN C 195 16.39 -27.13 -23.95
CA ASN C 195 16.12 -28.10 -25.01
C ASN C 195 16.32 -27.50 -26.40
N THR C 196 15.98 -26.22 -26.56
CA THR C 196 16.10 -25.54 -27.84
C THR C 196 17.56 -25.18 -28.14
N GLY C 197 18.37 -25.05 -27.10
CA GLY C 197 19.79 -24.75 -27.29
C GLY C 197 20.49 -24.09 -26.10
N LYS C 198 21.57 -23.36 -26.41
CA LYS C 198 22.28 -22.57 -25.41
C LYS C 198 22.12 -21.08 -25.70
N PHE C 199 21.73 -20.33 -24.68
CA PHE C 199 21.50 -18.89 -24.80
C PHE C 199 22.42 -18.12 -23.86
N THR C 200 22.81 -16.92 -24.28
CA THR C 200 23.70 -16.11 -23.46
C THR C 200 22.97 -15.42 -22.32
N CYS C 201 23.66 -15.21 -21.21
CA CYS C 201 23.23 -14.17 -20.27
C CYS C 201 24.44 -13.62 -19.53
N ILE C 202 24.36 -12.36 -19.15
CA ILE C 202 25.42 -11.81 -18.31
C ILE C 202 24.82 -11.57 -16.93
N GLU C 203 25.51 -11.99 -15.89
CA GLU C 203 24.97 -11.87 -14.54
C GLU C 203 25.79 -10.89 -13.71
N ALA C 204 25.12 -9.88 -13.16
CA ALA C 204 25.76 -8.92 -12.28
C ALA C 204 25.35 -9.19 -10.84
N ARG C 205 26.30 -9.08 -9.90
CA ARG C 205 26.00 -9.33 -8.51
C ARG C 205 26.42 -8.18 -7.60
N PHE C 206 25.44 -7.67 -6.86
CA PHE C 206 25.67 -6.62 -5.88
C PHE C 206 25.54 -7.21 -4.48
N HIS C 207 26.54 -7.00 -3.65
CA HIS C 207 26.46 -7.43 -2.26
C HIS C 207 25.90 -6.30 -1.40
N LEU C 208 24.74 -6.57 -0.79
CA LEU C 208 24.12 -5.63 0.15
C LEU C 208 24.19 -6.16 1.57
N GLU C 209 24.94 -5.46 2.43
CA GLU C 209 25.02 -5.86 3.83
C GLU C 209 23.97 -5.11 4.64
N ARG C 210 23.16 -5.84 5.38
CA ARG C 210 22.21 -5.22 6.28
C ARG C 210 22.96 -4.69 7.48
N GLN C 211 22.70 -3.43 7.82
CA GLN C 211 23.30 -2.84 9.01
C GLN C 211 22.40 -3.07 10.22
N MET C 212 22.95 -3.67 11.26
CA MET C 212 22.15 -4.18 12.37
C MET C 212 21.97 -3.18 13.50
N GLY C 213 22.49 -1.96 13.33
CA GLY C 213 22.53 -0.99 14.42
C GLY C 213 21.23 -0.69 15.14
N TYR C 214 20.20 -0.34 14.38
CA TYR C 214 18.90 -0.03 14.98
C TYR C 214 18.35 -1.22 15.76
N TYR C 215 18.65 -2.43 15.31
CA TYR C 215 18.14 -3.62 15.98
C TYR C 215 18.97 -3.91 17.22
N LEU C 216 20.26 -3.59 17.16
CA LEU C 216 21.13 -3.75 18.32
C LEU C 216 20.65 -2.85 19.44
N ILE C 217 20.29 -1.62 19.10
CA ILE C 217 19.89 -0.66 20.13
C ILE C 217 18.44 -0.82 20.60
N GLN C 218 17.49 -1.00 19.67
CA GLN C 218 16.07 -1.01 20.03
C GLN C 218 15.57 -2.36 20.57
N MET C 219 16.19 -3.44 20.13
CA MET C 219 15.70 -4.79 20.43
C MET C 219 16.57 -5.52 21.47
N TYR C 220 17.84 -5.75 21.14
CA TYR C 220 18.75 -6.52 21.98
C TYR C 220 19.00 -5.96 23.38
N ILE C 221 19.54 -4.74 23.42
CA ILE C 221 19.99 -4.15 24.68
C ILE C 221 18.91 -4.08 25.77
N PRO C 222 17.68 -3.62 25.45
CA PRO C 222 16.67 -3.61 26.50
C PRO C 222 16.38 -5.00 27.08
N SER C 223 16.22 -5.99 26.20
CA SER C 223 15.95 -7.36 26.61
C SER C 223 17.07 -7.90 27.51
N LEU C 224 18.30 -7.81 27.03
CA LEU C 224 19.47 -8.23 27.78
C LEU C 224 19.50 -7.59 29.17
N LEU C 225 19.22 -6.29 29.20
CA LEU C 225 19.20 -5.52 30.43
C LEU C 225 18.16 -6.06 31.41
N ILE C 226 16.99 -6.42 30.86
CA ILE C 226 15.93 -7.03 31.65
C ILE C 226 16.41 -8.34 32.27
N VAL C 227 17.13 -9.13 31.47
CA VAL C 227 17.73 -10.37 31.96
C VAL C 227 18.64 -10.09 33.15
N ILE C 228 19.46 -9.04 33.04
CA ILE C 228 20.30 -8.62 34.16
C ILE C 228 19.44 -8.30 35.39
N LEU C 229 18.31 -7.65 35.17
CA LEU C 229 17.39 -7.35 36.27
C LEU C 229 16.90 -8.62 36.98
N SER C 230 16.59 -9.65 36.21
CA SER C 230 16.19 -10.93 36.80
C SER C 230 17.35 -11.57 37.59
N TRP C 231 18.55 -11.45 37.05
CA TRP C 231 19.75 -11.88 37.77
C TRP C 231 19.82 -11.20 39.14
N VAL C 232 19.54 -9.90 39.17
CA VAL C 232 19.51 -9.15 40.41
C VAL C 232 18.37 -9.62 41.30
N SER C 233 17.30 -10.13 40.67
CA SER C 233 16.18 -10.70 41.42
C SER C 233 16.58 -12.01 42.09
N PHE C 234 17.61 -12.66 41.56
CA PHE C 234 18.15 -13.86 42.22
C PHE C 234 18.84 -13.52 43.54
N TRP C 235 19.37 -12.31 43.64
CA TRP C 235 20.00 -11.81 44.88
C TRP C 235 18.99 -11.55 46.01
N ILE C 236 17.73 -11.42 45.66
CA ILE C 236 16.67 -11.00 46.58
C ILE C 236 16.56 -11.95 47.77
N ASN C 237 16.03 -11.40 48.87
CA ASN C 237 15.99 -12.09 50.16
C ASN C 237 15.39 -13.50 50.08
N MET C 238 15.89 -14.38 50.94
CA MET C 238 15.52 -15.78 50.93
C MET C 238 14.19 -15.97 51.65
N ASP C 239 13.58 -14.85 52.02
CA ASP C 239 12.32 -14.85 52.75
C ASP C 239 11.16 -14.30 51.91
N ALA C 240 11.22 -13.03 51.52
CA ALA C 240 10.07 -12.33 50.96
C ALA C 240 9.78 -12.65 49.50
N ALA C 241 8.58 -13.17 49.26
CA ALA C 241 8.08 -13.44 47.90
C ALA C 241 7.66 -12.22 47.05
N PRO C 242 6.73 -11.37 47.55
CA PRO C 242 5.97 -10.50 46.63
C PRO C 242 6.78 -9.47 45.85
N ALA C 243 7.89 -8.98 46.40
CA ALA C 243 8.77 -8.07 45.67
C ALA C 243 9.72 -8.86 44.77
N ARG C 244 10.04 -10.08 45.19
CA ARG C 244 10.96 -10.97 44.48
C ARG C 244 10.24 -11.74 43.38
N VAL C 245 9.24 -12.53 43.77
CA VAL C 245 8.29 -13.10 42.82
C VAL C 245 7.81 -11.98 41.90
N GLY C 246 7.55 -10.82 42.50
CA GLY C 246 7.23 -9.61 41.77
C GLY C 246 8.26 -9.22 40.74
N LEU C 247 9.53 -9.19 41.14
CA LEU C 247 10.63 -8.87 40.23
C LEU C 247 10.61 -9.82 39.03
N GLY C 248 10.50 -11.12 39.30
CA GLY C 248 10.42 -12.10 38.24
C GLY C 248 9.23 -11.95 37.29
N ILE C 249 8.04 -11.79 37.86
CA ILE C 249 6.81 -11.64 37.09
C ILE C 249 6.85 -10.39 36.21
N THR C 250 7.32 -9.29 36.79
CA THR C 250 7.50 -8.03 36.08
C THR C 250 8.47 -8.23 34.92
N THR C 251 9.54 -8.95 35.22
CA THR C 251 10.56 -9.29 34.22
C THR C 251 9.92 -9.99 33.02
N VAL C 252 9.12 -11.01 33.33
CA VAL C 252 8.38 -11.75 32.31
C VAL C 252 7.49 -10.84 31.48
N LEU C 253 6.67 -10.02 32.14
CA LEU C 253 5.74 -9.14 31.43
C LEU C 253 6.41 -8.12 30.52
N THR C 254 7.46 -7.47 31.01
CA THR C 254 8.22 -6.52 30.21
C THR C 254 8.85 -7.23 29.00
N MET C 255 9.40 -8.41 29.26
CA MET C 255 9.98 -9.20 28.17
C MET C 255 8.93 -9.50 27.10
N THR C 256 7.73 -9.86 27.54
CA THR C 256 6.65 -10.23 26.61
C THR C 256 6.19 -9.05 25.76
N THR C 257 6.00 -7.88 26.37
CA THR C 257 5.57 -6.73 25.59
C THR C 257 6.68 -6.26 24.65
N GLN C 258 7.93 -6.44 25.07
CA GLN C 258 9.07 -6.12 24.21
C GLN C 258 9.07 -7.00 22.97
N SER C 259 8.90 -8.30 23.19
CA SER C 259 8.85 -9.26 22.10
C SER C 259 7.64 -9.00 21.18
N SER C 260 6.56 -8.50 21.77
CA SER C 260 5.36 -8.18 20.99
C SER C 260 5.61 -7.00 20.06
N GLY C 261 6.14 -5.90 20.61
CA GLY C 261 6.45 -4.73 19.81
C GLY C 261 7.43 -5.01 18.70
N SER C 262 8.52 -5.69 19.05
CA SER C 262 9.49 -6.10 18.05
C SER C 262 8.83 -6.99 16.99
N ARG C 263 7.93 -7.86 17.43
CA ARG C 263 7.21 -8.74 16.50
C ARG C 263 6.28 -7.95 15.57
N ALA C 264 5.89 -6.76 15.98
CA ALA C 264 5.11 -5.90 15.10
C ALA C 264 5.99 -5.17 14.08
N SER C 265 7.15 -4.68 14.53
CA SER C 265 7.99 -3.83 13.68
C SER C 265 8.87 -4.59 12.66
N LEU C 266 9.26 -5.82 12.96
CA LEU C 266 10.11 -6.63 12.08
C LEU C 266 9.39 -7.00 10.77
N PRO C 267 10.15 -7.46 9.75
CA PRO C 267 9.50 -7.95 8.53
C PRO C 267 8.76 -9.27 8.77
N LYS C 268 7.62 -9.45 8.11
CA LYS C 268 6.78 -10.62 8.33
C LYS C 268 7.31 -11.83 7.58
N VAL C 269 7.63 -12.87 8.35
CA VAL C 269 8.23 -14.09 7.83
C VAL C 269 7.72 -15.25 8.65
N SER C 270 7.42 -16.38 8.00
CA SER C 270 6.93 -17.53 8.75
C SER C 270 8.02 -18.56 9.11
N TYR C 271 9.25 -18.34 8.66
CA TYR C 271 10.34 -19.21 9.11
C TYR C 271 11.15 -18.52 10.20
N VAL C 272 11.63 -19.33 11.14
CA VAL C 272 12.38 -18.83 12.29
C VAL C 272 13.61 -18.06 11.86
N LYS C 273 13.73 -16.84 12.36
CA LYS C 273 14.85 -15.97 12.02
C LYS C 273 15.64 -15.64 13.29
N ALA C 274 16.88 -15.21 13.10
CA ALA C 274 17.84 -15.03 14.20
C ALA C 274 17.32 -14.18 15.37
N ILE C 275 16.86 -12.97 15.07
CA ILE C 275 16.38 -12.05 16.10
C ILE C 275 15.27 -12.71 16.92
N ASP C 276 14.41 -13.49 16.26
CA ASP C 276 13.33 -14.19 16.95
C ASP C 276 13.88 -15.25 17.90
N ILE C 277 14.90 -15.97 17.44
CA ILE C 277 15.60 -16.95 18.27
C ILE C 277 16.07 -16.29 19.54
N TRP C 278 16.73 -15.16 19.37
CA TRP C 278 17.34 -14.46 20.47
C TRP C 278 16.28 -13.97 21.47
N MET C 279 15.24 -13.32 20.97
CA MET C 279 14.11 -12.87 21.80
C MET C 279 13.58 -14.03 22.62
N ALA C 280 13.36 -15.15 21.95
CA ALA C 280 12.78 -16.34 22.57
C ALA C 280 13.66 -16.89 23.69
N VAL C 281 14.96 -17.00 23.42
CA VAL C 281 15.89 -17.53 24.41
C VAL C 281 15.95 -16.63 25.64
N CYS C 282 16.01 -15.33 25.40
CA CYS C 282 15.99 -14.36 26.49
C CYS C 282 14.75 -14.55 27.35
N LEU C 283 13.59 -14.66 26.69
CA LEU C 283 12.34 -14.94 27.39
C LEU C 283 12.44 -16.22 28.20
N LEU C 284 13.15 -17.21 27.66
CA LEU C 284 13.36 -18.48 28.33
C LEU C 284 14.14 -18.34 29.63
N PHE C 285 15.23 -17.58 29.63
CA PHE C 285 15.97 -17.34 30.87
C PHE C 285 15.14 -16.54 31.86
N VAL C 286 14.45 -15.51 31.36
CA VAL C 286 13.52 -14.73 32.15
C VAL C 286 12.55 -15.62 32.92
N PHE C 287 12.01 -16.63 32.24
CA PHE C 287 11.22 -17.65 32.91
C PHE C 287 12.03 -18.47 33.92
N SER C 288 13.21 -18.90 33.48
CA SER C 288 14.08 -19.77 34.28
C SER C 288 14.34 -19.17 35.66
N ALA C 289 14.32 -17.84 35.73
CA ALA C 289 14.39 -17.15 37.00
C ALA C 289 13.27 -17.61 37.93
N LEU C 290 12.03 -17.45 37.49
CA LEU C 290 10.88 -17.86 38.29
C LEU C 290 10.80 -19.37 38.47
N LEU C 291 11.42 -20.12 37.56
CA LEU C 291 11.43 -21.58 37.69
C LEU C 291 12.31 -21.99 38.87
N GLU C 292 13.56 -21.54 38.86
CA GLU C 292 14.51 -21.86 39.92
C GLU C 292 14.06 -21.26 41.25
N TYR C 293 13.47 -20.08 41.19
CA TYR C 293 13.04 -19.38 42.41
C TYR C 293 11.73 -19.93 42.96
N ALA C 294 10.91 -20.54 42.12
CA ALA C 294 9.73 -21.26 42.61
C ALA C 294 10.16 -22.60 43.18
N ALA C 295 11.23 -23.15 42.63
CA ALA C 295 11.83 -24.36 43.20
C ALA C 295 12.36 -24.05 44.60
N VAL C 296 13.01 -22.90 44.74
CA VAL C 296 13.52 -22.45 46.03
C VAL C 296 12.38 -22.15 47.00
N ASN C 297 11.35 -21.47 46.51
CA ASN C 297 10.22 -21.07 47.35
C ASN C 297 9.40 -22.28 47.83
N PHE C 298 9.33 -23.31 47.00
CA PHE C 298 8.61 -24.53 47.38
C PHE C 298 9.47 -25.41 48.29
N ILE C 299 10.76 -25.51 48.02
CA ILE C 299 11.63 -26.36 48.84
C ILE C 299 11.82 -25.69 50.20
N ALA C 300 11.59 -24.38 50.26
CA ALA C 300 11.70 -23.62 51.50
C ALA C 300 10.61 -24.02 52.50
N ARG C 301 9.40 -24.27 52.00
CA ARG C 301 8.28 -24.65 52.85
C ARG C 301 8.49 -26.03 53.46
N LYS C 305 15.82 -27.55 57.59
CA LYS C 305 17.26 -27.55 57.80
C LYS C 305 18.01 -27.91 56.52
N LEU C 306 17.80 -29.14 56.04
CA LEU C 306 18.41 -29.60 54.80
C LEU C 306 17.84 -28.85 53.59
N PHE C 307 16.54 -28.58 53.65
CA PHE C 307 15.84 -27.89 52.58
C PHE C 307 16.36 -26.45 52.42
N ILE C 308 16.70 -25.83 53.54
CA ILE C 308 17.25 -24.47 53.53
C ILE C 308 18.64 -24.45 52.89
N SER C 309 19.46 -25.45 53.22
CA SER C 309 20.79 -25.59 52.65
C SER C 309 20.72 -25.86 51.15
N ARG C 310 19.73 -26.65 50.73
CA ARG C 310 19.49 -26.90 49.31
C ARG C 310 19.01 -25.63 48.61
N ALA C 311 18.28 -24.78 49.35
CA ALA C 311 17.78 -23.53 48.79
C ALA C 311 18.92 -22.52 48.60
N LYS C 312 19.84 -22.48 49.56
CA LYS C 312 21.01 -21.59 49.47
C LYS C 312 21.99 -22.07 48.40
N ARG C 313 22.15 -23.39 48.31
CA ARG C 313 22.98 -23.98 47.27
C ARG C 313 22.37 -23.75 45.89
N ILE C 314 21.04 -23.76 45.81
CA ILE C 314 20.35 -23.44 44.57
C ILE C 314 20.47 -21.95 44.26
N ASP C 315 20.64 -21.15 45.31
CA ASP C 315 20.82 -19.71 45.16
C ASP C 315 22.20 -19.36 44.59
N THR C 316 23.24 -19.95 45.18
CA THR C 316 24.59 -19.76 44.69
C THR C 316 24.73 -20.35 43.29
N VAL C 317 24.13 -21.52 43.09
CA VAL C 317 24.14 -22.18 41.78
C VAL C 317 23.45 -21.32 40.73
N SER C 318 22.37 -20.66 41.10
CA SER C 318 21.67 -19.76 40.18
C SER C 318 22.56 -18.57 39.84
N ARG C 319 23.08 -17.91 40.86
CA ARG C 319 23.99 -16.78 40.70
C ARG C 319 25.17 -17.08 39.79
N VAL C 320 25.73 -18.29 39.88
CA VAL C 320 26.85 -18.64 39.01
C VAL C 320 26.37 -19.03 37.60
N ALA C 321 25.29 -19.80 37.53
CA ALA C 321 24.86 -20.40 36.27
C ALA C 321 24.27 -19.41 35.28
N PHE C 322 23.39 -18.52 35.74
CA PHE C 322 22.71 -17.63 34.80
C PHE C 322 23.69 -16.78 33.95
N PRO C 323 24.61 -16.03 34.59
CA PRO C 323 25.54 -15.26 33.76
C PRO C 323 26.44 -16.13 32.89
N LEU C 324 26.86 -17.28 33.41
CA LEU C 324 27.77 -18.18 32.69
C LEU C 324 27.09 -18.84 31.49
N VAL C 325 25.85 -19.30 31.69
CA VAL C 325 25.08 -19.92 30.63
C VAL C 325 24.76 -18.89 29.55
N PHE C 326 24.34 -17.70 29.97
CA PHE C 326 23.99 -16.65 29.02
C PHE C 326 25.23 -16.16 28.25
N LEU C 327 26.39 -16.23 28.91
CA LEU C 327 27.66 -15.87 28.29
C LEU C 327 28.10 -16.90 27.25
N ILE C 328 28.01 -18.18 27.61
CA ILE C 328 28.32 -19.26 26.67
C ILE C 328 27.39 -19.16 25.46
N PHE C 329 26.12 -18.89 25.74
CA PHE C 329 25.12 -18.72 24.69
C PHE C 329 25.43 -17.56 23.75
N ASN C 330 25.76 -16.41 24.31
CA ASN C 330 26.15 -15.26 23.49
C ASN C 330 27.35 -15.62 22.62
N ILE C 331 28.34 -16.26 23.25
CA ILE C 331 29.57 -16.68 22.57
C ILE C 331 29.29 -17.56 21.37
N PHE C 332 28.34 -18.48 21.50
CA PHE C 332 27.97 -19.34 20.37
C PHE C 332 27.20 -18.55 19.32
N TYR C 333 26.19 -17.81 19.77
CA TYR C 333 25.24 -17.10 18.92
C TYR C 333 25.88 -16.06 17.99
N TRP C 334 26.57 -15.11 18.58
CA TRP C 334 27.13 -13.99 17.82
C TRP C 334 28.16 -14.46 16.79
N ILE C 335 29.02 -15.38 17.20
CA ILE C 335 30.02 -15.93 16.30
C ILE C 335 29.35 -16.75 15.21
N THR C 336 28.24 -17.40 15.58
CA THR C 336 27.48 -18.20 14.61
C THR C 336 26.93 -17.34 13.47
N TYR C 337 26.13 -16.33 13.82
CA TYR C 337 25.48 -15.54 12.78
C TYR C 337 26.33 -14.43 12.15
N LYS C 338 27.23 -13.83 12.91
CA LYS C 338 28.01 -12.73 12.35
C LYS C 338 29.30 -13.30 11.73
N LEU C 339 29.43 -13.10 10.43
CA LEU C 339 30.48 -13.72 9.60
C LEU C 339 30.40 -15.25 9.67
N VAL C 340 31.56 -15.89 9.83
CA VAL C 340 31.66 -17.34 9.96
C VAL C 340 30.97 -18.08 8.81
N ALA D 1 15.52 -11.97 -47.33
CA ALA D 1 15.00 -13.12 -48.04
C ALA D 1 13.94 -13.90 -47.24
N PRO D 2 14.23 -14.26 -45.97
CA PRO D 2 13.16 -14.98 -45.26
C PRO D 2 11.96 -14.09 -44.96
N SER D 3 12.19 -12.78 -44.89
CA SER D 3 11.13 -11.81 -44.63
C SER D 3 10.07 -11.81 -45.72
N GLU D 4 10.50 -11.75 -46.98
CA GLU D 4 9.58 -11.67 -48.10
C GLU D 4 8.88 -13.01 -48.36
N PHE D 5 9.61 -14.09 -48.14
CA PHE D 5 9.06 -15.43 -48.35
C PHE D 5 8.03 -15.69 -47.26
N LEU D 6 8.25 -15.06 -46.10
CA LEU D 6 7.27 -14.98 -45.02
C LEU D 6 6.06 -14.14 -45.41
N ASP D 7 6.32 -13.07 -46.16
CA ASP D 7 5.26 -12.18 -46.61
C ASP D 7 4.34 -12.84 -47.63
N LYS D 8 4.89 -13.77 -48.43
CA LYS D 8 4.06 -14.54 -49.35
C LYS D 8 3.08 -15.43 -48.62
N LEU D 9 3.57 -16.09 -47.57
CA LEU D 9 2.79 -17.05 -46.81
C LEU D 9 1.74 -16.38 -45.94
N MET D 10 2.19 -15.40 -45.14
CA MET D 10 1.32 -14.76 -44.16
C MET D 10 0.61 -13.52 -44.71
N GLY D 11 0.94 -13.13 -45.95
CA GLY D 11 0.38 -11.93 -46.54
C GLY D 11 -0.82 -12.16 -47.44
N LYS D 12 -1.35 -11.06 -47.98
CA LYS D 12 -2.51 -11.12 -48.88
C LYS D 12 -2.17 -11.85 -50.18
N VAL D 13 -0.88 -11.88 -50.50
CA VAL D 13 -0.37 -12.70 -51.60
C VAL D 13 -0.72 -14.15 -51.30
N SER D 14 -1.09 -14.91 -52.33
CA SER D 14 -1.76 -16.19 -52.16
C SER D 14 -3.01 -15.91 -51.34
N GLY D 15 -3.17 -16.62 -50.23
CA GLY D 15 -4.19 -16.25 -49.27
C GLY D 15 -3.98 -16.84 -47.90
N TYR D 16 -4.46 -16.11 -46.90
CA TYR D 16 -4.41 -16.58 -45.53
C TYR D 16 -5.41 -15.75 -44.73
N ASP D 17 -5.85 -16.27 -43.58
CA ASP D 17 -6.75 -15.51 -42.71
C ASP D 17 -6.30 -15.55 -41.26
N ALA D 18 -6.01 -14.38 -40.71
CA ALA D 18 -5.76 -14.26 -39.28
C ALA D 18 -7.06 -14.57 -38.55
N ARG D 19 -8.17 -14.24 -39.19
CA ARG D 19 -9.49 -14.49 -38.63
C ARG D 19 -9.75 -15.99 -38.49
N ILE D 20 -9.46 -16.74 -39.54
CA ILE D 20 -9.87 -18.14 -39.62
C ILE D 20 -8.80 -19.10 -39.11
N ARG D 21 -9.23 -20.03 -38.25
CA ARG D 21 -8.33 -21.00 -37.62
C ARG D 21 -7.87 -22.02 -38.64
N PRO D 22 -6.84 -22.83 -38.28
CA PRO D 22 -6.48 -23.95 -39.15
C PRO D 22 -7.59 -24.98 -39.20
N ASN D 23 -7.70 -25.70 -40.32
CA ASN D 23 -8.67 -26.79 -40.47
C ASN D 23 -10.12 -26.34 -40.27
N PHE D 24 -10.46 -25.18 -40.81
CA PHE D 24 -11.81 -24.64 -40.67
C PHE D 24 -12.81 -25.52 -41.40
N LYS D 25 -13.93 -25.82 -40.76
CA LYS D 25 -14.86 -26.84 -41.22
C LYS D 25 -14.13 -28.18 -41.36
N GLY D 26 -13.50 -28.61 -40.27
CA GLY D 26 -12.66 -29.80 -40.26
C GLY D 26 -12.35 -30.29 -38.85
N PRO D 27 -11.32 -31.15 -38.72
CA PRO D 27 -10.89 -31.68 -37.43
C PRO D 27 -10.35 -30.59 -36.48
N PRO D 28 -10.60 -30.76 -35.16
CA PRO D 28 -10.25 -29.76 -34.14
C PRO D 28 -8.75 -29.61 -33.88
N VAL D 29 -8.33 -28.36 -33.69
CA VAL D 29 -6.92 -27.98 -33.55
C VAL D 29 -6.35 -28.27 -32.17
N ASN D 30 -5.26 -29.04 -32.12
CA ASN D 30 -4.55 -29.28 -30.87
C ASN D 30 -3.53 -28.20 -30.58
N VAL D 31 -3.54 -27.70 -29.35
CA VAL D 31 -2.42 -26.87 -28.90
C VAL D 31 -1.80 -27.56 -27.71
N THR D 32 -0.58 -28.03 -27.89
CA THR D 32 0.17 -28.60 -26.80
C THR D 32 0.96 -27.47 -26.16
N CYS D 33 0.61 -27.14 -24.92
CA CYS D 33 1.24 -26.00 -24.28
C CYS D 33 1.78 -26.33 -22.89
N ASN D 34 3.00 -25.88 -22.65
CA ASN D 34 3.65 -26.08 -21.37
C ASN D 34 4.21 -24.74 -20.86
N ILE D 35 4.23 -24.57 -19.54
CA ILE D 35 4.63 -23.29 -18.96
C ILE D 35 5.86 -23.46 -18.09
N PHE D 36 6.74 -22.47 -18.14
CA PHE D 36 7.89 -22.45 -17.26
C PHE D 36 7.78 -21.23 -16.35
N ILE D 37 7.52 -21.43 -15.06
CA ILE D 37 7.19 -20.30 -14.19
C ILE D 37 8.46 -19.69 -13.60
N ASN D 38 8.57 -18.37 -13.70
CA ASN D 38 9.74 -17.66 -13.19
C ASN D 38 9.67 -17.38 -11.71
N SER D 39 8.51 -16.95 -11.22
CA SER D 39 8.41 -16.53 -9.82
C SER D 39 7.01 -16.65 -9.21
N PHE D 40 6.98 -16.98 -7.93
CA PHE D 40 5.80 -16.75 -7.11
C PHE D 40 6.11 -15.62 -6.15
N GLY D 41 5.08 -14.90 -5.74
CA GLY D 41 5.24 -13.85 -4.77
C GLY D 41 3.93 -13.25 -4.33
N SER D 42 4.01 -12.40 -3.30
CA SER D 42 2.88 -11.62 -2.84
C SER D 42 1.61 -12.46 -2.69
N ILE D 43 1.70 -13.54 -1.93
CA ILE D 43 0.52 -14.35 -1.72
C ILE D 43 -0.15 -13.77 -0.50
N ALA D 44 -1.29 -13.12 -0.72
CA ALA D 44 -1.91 -12.30 0.31
C ALA D 44 -3.24 -12.88 0.77
N GLU D 45 -3.43 -12.92 2.08
CA GLU D 45 -4.72 -13.28 2.62
C GLU D 45 -5.74 -12.25 2.13
N THR D 46 -5.28 -11.01 2.00
CA THR D 46 -6.14 -9.88 1.72
C THR D 46 -6.89 -9.94 0.39
N THR D 47 -6.15 -10.01 -0.70
CA THR D 47 -6.76 -9.90 -2.02
C THR D 47 -7.13 -11.30 -2.51
N MET D 48 -6.71 -12.30 -1.73
CA MET D 48 -7.02 -13.70 -1.98
C MET D 48 -6.44 -14.15 -3.33
N ASP D 49 -5.15 -13.84 -3.53
CA ASP D 49 -4.49 -14.13 -4.80
C ASP D 49 -2.97 -14.17 -4.69
N TYR D 50 -2.32 -14.75 -5.70
CA TYR D 50 -0.87 -14.64 -5.83
C TYR D 50 -0.47 -14.09 -7.18
N ARG D 51 0.78 -13.64 -7.30
CA ARG D 51 1.29 -13.08 -8.53
C ARG D 51 2.41 -13.93 -9.11
N VAL D 52 2.33 -14.20 -10.41
CA VAL D 52 3.29 -15.07 -11.06
C VAL D 52 3.53 -14.63 -12.49
N ASN D 53 4.77 -14.70 -12.94
CA ASN D 53 5.07 -14.52 -14.36
C ASN D 53 5.60 -15.80 -14.94
N ILE D 54 5.11 -16.16 -16.13
CA ILE D 54 5.47 -17.42 -16.73
C ILE D 54 5.98 -17.22 -18.15
N PHE D 55 6.72 -18.21 -18.64
CA PHE D 55 6.89 -18.38 -20.07
C PHE D 55 5.86 -19.40 -20.55
N LEU D 56 4.89 -18.91 -21.30
CA LEU D 56 3.87 -19.76 -21.87
C LEU D 56 4.31 -20.23 -23.24
N ARG D 57 4.44 -21.53 -23.39
CA ARG D 57 4.92 -22.13 -24.62
C ARG D 57 3.82 -22.92 -25.31
N GLN D 58 3.32 -22.40 -26.42
CA GLN D 58 2.26 -23.05 -27.17
C GLN D 58 2.81 -23.66 -28.45
N GLN D 59 2.30 -24.84 -28.79
CA GLN D 59 2.68 -25.45 -30.05
C GLN D 59 1.47 -26.01 -30.78
N TRP D 60 1.33 -25.61 -32.04
CA TRP D 60 0.25 -26.17 -32.87
C TRP D 60 0.70 -26.11 -34.30
N ASN D 61 0.23 -27.03 -35.14
CA ASN D 61 0.56 -26.96 -36.56
C ASN D 61 -0.65 -26.72 -37.44
N ASP D 62 -0.52 -25.77 -38.36
CA ASP D 62 -1.51 -25.57 -39.41
C ASP D 62 -1.02 -26.16 -40.74
N PRO D 63 -1.88 -26.95 -41.40
CA PRO D 63 -1.55 -27.53 -42.71
C PRO D 63 -1.18 -26.47 -43.73
N ARG D 64 -1.89 -25.36 -43.67
CA ARG D 64 -1.58 -24.16 -44.45
C ARG D 64 -0.28 -23.55 -43.96
N LEU D 65 0.31 -22.67 -44.78
CA LEU D 65 1.44 -21.84 -44.36
C LEU D 65 2.76 -22.59 -44.26
N ALA D 66 2.74 -23.90 -44.54
CA ALA D 66 3.98 -24.68 -44.53
C ALA D 66 4.61 -24.71 -45.92
N TYR D 67 5.73 -24.01 -46.08
CA TYR D 67 6.45 -23.98 -47.34
C TYR D 67 6.98 -25.33 -47.84
N SER D 68 7.95 -25.89 -47.11
CA SER D 68 8.70 -27.09 -47.50
C SER D 68 9.61 -26.85 -48.73
N GLU D 69 9.39 -25.74 -49.43
CA GLU D 69 10.21 -25.36 -50.59
C GLU D 69 11.51 -24.64 -50.20
N TYR D 70 11.42 -23.77 -49.21
CA TYR D 70 12.48 -22.81 -48.90
C TYR D 70 13.63 -23.44 -48.12
N PRO D 71 14.89 -23.14 -48.52
CA PRO D 71 16.13 -23.71 -47.97
C PRO D 71 16.27 -23.67 -46.45
N ASP D 72 15.95 -22.53 -45.82
CA ASP D 72 16.12 -22.40 -44.37
C ASP D 72 15.19 -23.31 -43.61
N ASP D 73 15.61 -23.73 -42.43
CA ASP D 73 14.75 -24.53 -41.57
C ASP D 73 14.07 -23.63 -40.54
N SER D 74 12.83 -23.99 -40.21
CA SER D 74 11.93 -23.17 -39.43
C SER D 74 11.82 -21.78 -40.05
N LEU D 75 11.69 -20.76 -39.20
CA LEU D 75 11.55 -19.38 -39.63
C LEU D 75 11.28 -18.55 -38.38
N ASP D 76 11.45 -17.24 -38.46
CA ASP D 76 11.09 -16.35 -37.37
C ASP D 76 10.49 -15.07 -37.91
N LEU D 77 9.36 -14.65 -37.34
CA LEU D 77 8.74 -13.40 -37.74
C LEU D 77 8.79 -12.40 -36.60
N ASP D 78 8.81 -11.12 -36.94
CA ASP D 78 8.88 -10.05 -35.94
C ASP D 78 7.58 -9.95 -35.16
N PRO D 79 7.69 -9.57 -33.87
CA PRO D 79 6.54 -9.46 -32.97
C PRO D 79 5.42 -8.59 -33.51
N SER D 80 5.75 -7.67 -34.41
CA SER D 80 4.75 -6.81 -35.04
C SER D 80 3.97 -7.57 -36.12
N MET D 81 4.63 -8.52 -36.77
CA MET D 81 4.01 -9.32 -37.82
C MET D 81 3.30 -10.51 -37.22
N LEU D 82 3.24 -10.54 -35.89
CA LEU D 82 2.59 -11.63 -35.16
C LEU D 82 1.09 -11.73 -35.47
N ASP D 83 0.47 -10.60 -35.80
CA ASP D 83 -0.96 -10.57 -36.04
C ASP D 83 -1.35 -11.35 -37.30
N SER D 84 -0.49 -11.29 -38.32
CA SER D 84 -0.78 -11.91 -39.62
C SER D 84 -1.20 -13.37 -39.50
N ILE D 85 -0.50 -14.14 -38.66
CA ILE D 85 -0.81 -15.55 -38.46
C ILE D 85 -1.83 -15.75 -37.34
N TRP D 86 -2.70 -16.75 -37.52
CA TRP D 86 -3.67 -17.15 -36.51
C TRP D 86 -3.01 -17.68 -35.25
N LYS D 87 -3.47 -17.24 -34.10
CA LYS D 87 -3.01 -17.76 -32.82
C LYS D 87 -4.18 -18.33 -32.04
N PRO D 88 -3.91 -19.42 -31.28
CA PRO D 88 -4.95 -19.98 -30.42
C PRO D 88 -5.35 -19.00 -29.34
N ASP D 89 -6.65 -18.80 -29.18
CA ASP D 89 -7.12 -17.79 -28.26
C ASP D 89 -7.27 -18.36 -26.86
N LEU D 90 -6.46 -17.83 -25.95
CA LEU D 90 -6.30 -18.39 -24.62
C LEU D 90 -6.36 -17.33 -23.52
N PHE D 91 -7.19 -17.54 -22.52
CA PHE D 91 -7.00 -16.76 -21.30
C PHE D 91 -6.71 -17.67 -20.14
N PHE D 92 -6.22 -17.08 -19.06
CA PHE D 92 -6.25 -17.82 -17.81
C PHE D 92 -7.62 -17.48 -17.25
N ALA D 93 -8.30 -18.46 -16.67
CA ALA D 93 -9.66 -18.26 -16.23
C ALA D 93 -9.74 -17.48 -14.93
N ASN D 94 -8.77 -17.71 -14.06
CA ASN D 94 -8.79 -17.16 -12.70
C ASN D 94 -7.98 -15.90 -12.37
N GLU D 95 -7.35 -15.23 -13.34
CA GLU D 95 -6.55 -14.05 -12.96
C GLU D 95 -7.43 -12.82 -12.80
N LYS D 96 -7.02 -11.93 -11.91
CA LYS D 96 -7.65 -10.63 -11.79
C LYS D 96 -7.14 -9.72 -12.91
N GLY D 97 -5.84 -9.77 -13.16
CA GLY D 97 -5.24 -8.96 -14.20
C GLY D 97 -3.89 -9.48 -14.69
N ALA D 98 -3.51 -9.10 -15.90
CA ALA D 98 -2.30 -9.63 -16.53
C ALA D 98 -1.69 -8.62 -17.50
N ASN D 99 -0.41 -8.80 -17.84
CA ASN D 99 0.23 -7.95 -18.84
C ASN D 99 1.39 -8.63 -19.56
N PHE D 100 1.65 -8.17 -20.79
CA PHE D 100 2.86 -8.52 -21.52
C PHE D 100 4.07 -7.76 -20.97
N HIS D 101 5.27 -8.22 -21.30
CA HIS D 101 6.46 -7.41 -21.05
C HIS D 101 7.00 -6.81 -22.34
N GLU D 102 7.00 -5.48 -22.41
CA GLU D 102 7.52 -4.80 -23.58
C GLU D 102 8.97 -4.34 -23.39
N VAL D 103 9.54 -4.60 -22.21
CA VAL D 103 10.88 -4.09 -21.85
C VAL D 103 11.97 -4.44 -22.86
N THR D 104 12.72 -3.42 -23.24
CA THR D 104 13.70 -3.50 -24.32
C THR D 104 12.91 -3.97 -25.56
N THR D 105 13.28 -5.11 -26.14
CA THR D 105 12.50 -5.68 -27.23
C THR D 105 11.23 -6.32 -26.70
N ASP D 106 10.28 -6.57 -27.59
CA ASP D 106 9.06 -7.25 -27.23
C ASP D 106 9.33 -8.75 -26.95
N ASN D 107 8.67 -9.32 -25.94
CA ASN D 107 8.94 -10.69 -25.49
C ASN D 107 8.12 -11.77 -26.19
N LYS D 108 7.39 -11.41 -27.24
CA LYS D 108 6.65 -12.41 -28.00
C LYS D 108 7.56 -13.04 -29.05
N LEU D 109 7.76 -14.35 -28.96
CA LEU D 109 8.60 -15.07 -29.91
C LEU D 109 7.82 -16.11 -30.70
N LEU D 110 8.04 -16.14 -32.00
CA LEU D 110 7.29 -17.07 -32.83
C LEU D 110 8.18 -17.71 -33.90
N ARG D 111 7.99 -19.01 -34.09
CA ARG D 111 8.72 -19.74 -35.13
C ARG D 111 7.79 -20.66 -35.92
N ILE D 112 7.94 -20.61 -37.24
CA ILE D 112 7.14 -21.42 -38.15
C ILE D 112 8.04 -22.48 -38.77
N SER D 113 7.84 -23.73 -38.39
CA SER D 113 8.73 -24.81 -38.84
C SER D 113 8.49 -25.18 -40.30
N LYS D 114 9.48 -25.85 -40.89
CA LYS D 114 9.40 -26.29 -42.28
C LYS D 114 8.18 -27.16 -42.54
N ASN D 115 7.95 -28.13 -41.65
CA ASN D 115 6.84 -29.06 -41.79
C ASN D 115 5.48 -28.39 -41.58
N GLY D 116 5.50 -27.17 -41.06
CA GLY D 116 4.26 -26.48 -40.75
C GLY D 116 3.89 -26.52 -39.28
N ASN D 117 4.86 -26.86 -38.43
CA ASN D 117 4.66 -26.79 -36.99
C ASN D 117 4.93 -25.36 -36.51
N VAL D 118 4.18 -24.91 -35.51
CA VAL D 118 4.30 -23.54 -35.00
C VAL D 118 4.58 -23.49 -33.51
N LEU D 119 5.69 -22.85 -33.16
CA LEU D 119 6.12 -22.64 -31.79
C LEU D 119 5.97 -21.19 -31.37
N TYR D 120 5.03 -20.93 -30.47
CA TYR D 120 4.69 -19.58 -30.04
C TYR D 120 4.87 -19.42 -28.53
N SER D 121 5.87 -18.63 -28.15
CA SER D 121 6.19 -18.47 -26.75
C SER D 121 6.07 -17.02 -26.33
N ILE D 122 5.36 -16.78 -25.23
CA ILE D 122 5.21 -15.42 -24.74
C ILE D 122 5.47 -15.35 -23.26
N ARG D 123 5.98 -14.22 -22.82
CA ARG D 123 6.28 -14.03 -21.41
C ARG D 123 5.21 -13.17 -20.76
N ILE D 124 4.51 -13.72 -19.78
CA ILE D 124 3.37 -13.00 -19.22
C ILE D 124 3.44 -12.89 -17.72
N THR D 125 3.33 -11.67 -17.20
CA THR D 125 3.11 -11.51 -15.78
C THR D 125 1.62 -11.40 -15.50
N LEU D 126 1.14 -12.15 -14.53
CA LEU D 126 -0.27 -12.15 -14.20
C LEU D 126 -0.58 -12.51 -12.77
N VAL D 127 -1.69 -11.97 -12.27
CA VAL D 127 -2.10 -12.13 -10.90
C VAL D 127 -3.27 -13.10 -10.86
N LEU D 128 -3.05 -14.30 -10.36
CA LEU D 128 -4.09 -15.33 -10.29
C LEU D 128 -4.78 -15.37 -8.93
N ALA D 129 -6.08 -15.60 -8.93
CA ALA D 129 -6.86 -15.63 -7.70
C ALA D 129 -7.06 -17.06 -7.17
N CYS D 130 -6.47 -17.34 -6.01
CA CYS D 130 -6.63 -18.64 -5.33
C CYS D 130 -7.49 -18.53 -4.08
N PRO D 131 -8.53 -19.36 -3.97
CA PRO D 131 -9.33 -19.47 -2.74
C PRO D 131 -8.50 -20.05 -1.59
N MET D 132 -8.55 -19.44 -0.42
CA MET D 132 -7.72 -19.87 0.71
C MET D 132 -8.55 -20.13 1.95
N ASP D 133 -8.38 -21.30 2.55
CA ASP D 133 -9.01 -21.58 3.83
C ASP D 133 -7.97 -21.57 4.95
N LEU D 134 -8.01 -20.53 5.77
CA LEU D 134 -7.09 -20.37 6.88
C LEU D 134 -7.65 -21.03 8.13
N LYS D 135 -8.73 -21.79 7.95
CA LYS D 135 -9.45 -22.44 9.05
C LYS D 135 -8.48 -23.07 10.04
N ASN D 136 -7.43 -23.69 9.51
CA ASN D 136 -6.26 -23.99 10.30
C ASN D 136 -5.09 -23.15 9.80
N PHE D 137 -4.76 -22.08 10.53
CA PHE D 137 -3.75 -21.14 10.06
C PHE D 137 -2.28 -21.58 10.17
N PRO D 138 -1.84 -21.98 11.38
CA PRO D 138 -0.41 -22.32 11.48
C PRO D 138 -0.04 -23.62 10.76
N MET D 139 -0.94 -24.60 10.82
CA MET D 139 -0.68 -25.92 10.25
C MET D 139 -1.15 -25.96 8.79
N ASP D 140 -1.53 -24.79 8.28
CA ASP D 140 -2.16 -24.61 6.97
C ASP D 140 -1.45 -25.26 5.78
N VAL D 141 -2.26 -25.82 4.88
CA VAL D 141 -1.77 -26.26 3.57
C VAL D 141 -2.62 -25.66 2.46
N GLN D 142 -2.01 -24.80 1.66
CA GLN D 142 -2.71 -24.13 0.57
C GLN D 142 -2.52 -24.80 -0.78
N THR D 143 -3.57 -24.78 -1.59
CA THR D 143 -3.52 -25.32 -2.94
C THR D 143 -3.76 -24.20 -3.97
N CYS D 144 -2.92 -24.16 -4.98
CA CYS D 144 -2.92 -23.06 -5.95
C CYS D 144 -3.21 -23.56 -7.36
N ILE D 145 -4.34 -23.12 -7.91
CA ILE D 145 -4.73 -23.57 -9.24
C ILE D 145 -4.49 -22.51 -10.29
N MET D 146 -3.81 -22.91 -11.36
CA MET D 146 -3.61 -22.08 -12.54
C MET D 146 -4.30 -22.75 -13.72
N GLN D 147 -5.39 -22.18 -14.21
CA GLN D 147 -6.15 -22.86 -15.25
C GLN D 147 -6.26 -22.06 -16.55
N LEU D 148 -5.89 -22.73 -17.65
CA LEU D 148 -5.79 -22.12 -18.96
C LEU D 148 -6.91 -22.60 -19.87
N GLU D 149 -7.82 -21.71 -20.22
CA GLU D 149 -8.97 -22.09 -21.03
C GLU D 149 -9.03 -21.31 -22.34
N SER D 150 -9.58 -21.94 -23.36
CA SER D 150 -9.77 -21.27 -24.64
C SER D 150 -10.97 -20.35 -24.56
N PHE D 151 -10.89 -19.25 -25.29
CA PHE D 151 -11.91 -18.23 -25.21
C PHE D 151 -12.66 -18.14 -26.53
N GLY D 152 -13.90 -18.60 -26.54
CA GLY D 152 -14.70 -18.51 -27.74
C GLY D 152 -14.52 -19.64 -28.74
N TYR D 153 -13.90 -20.73 -28.30
CA TYR D 153 -13.84 -21.93 -29.14
C TYR D 153 -14.21 -23.21 -28.39
N THR D 154 -15.29 -23.83 -28.85
CA THR D 154 -15.82 -25.07 -28.32
C THR D 154 -14.88 -26.25 -28.55
N MET D 155 -15.15 -27.36 -27.88
CA MET D 155 -14.43 -28.62 -28.08
C MET D 155 -14.27 -28.96 -29.55
N ASN D 156 -15.27 -28.60 -30.36
CA ASN D 156 -15.24 -28.85 -31.79
C ASN D 156 -14.15 -28.03 -32.47
N ASP D 157 -13.89 -26.83 -31.95
CA ASP D 157 -12.90 -25.93 -32.55
C ASP D 157 -11.44 -26.24 -32.20
N LEU D 158 -11.13 -26.43 -30.92
CA LEU D 158 -9.74 -26.69 -30.50
C LEU D 158 -9.63 -27.40 -29.15
N ILE D 159 -8.43 -27.94 -28.87
CA ILE D 159 -8.17 -28.63 -27.61
C ILE D 159 -6.84 -28.18 -27.01
N PHE D 160 -6.84 -27.92 -25.70
CA PHE D 160 -5.61 -27.67 -24.95
C PHE D 160 -5.16 -28.91 -24.19
N GLU D 161 -3.87 -29.19 -24.26
CA GLU D 161 -3.31 -30.37 -23.64
C GLU D 161 -1.86 -30.13 -23.23
N TRP D 162 -1.46 -30.71 -22.11
CA TRP D 162 -0.13 -30.49 -21.56
C TRP D 162 0.96 -31.21 -22.36
N ASP D 163 2.19 -30.76 -22.17
CA ASP D 163 3.36 -31.44 -22.69
C ASP D 163 3.55 -32.77 -21.95
N GLU D 164 4.05 -33.78 -22.68
CA GLU D 164 4.31 -35.08 -22.11
C GLU D 164 5.41 -35.02 -21.04
N LYS D 165 6.54 -34.41 -21.40
CA LYS D 165 7.68 -34.32 -20.49
C LYS D 165 7.93 -32.87 -20.06
N GLY D 166 7.86 -32.64 -18.76
CA GLY D 166 8.11 -31.31 -18.20
C GLY D 166 7.10 -30.26 -18.59
N ALA D 167 5.82 -30.56 -18.41
CA ALA D 167 4.76 -29.66 -18.80
C ALA D 167 4.80 -28.35 -18.01
N VAL D 168 4.72 -28.45 -16.69
CA VAL D 168 4.88 -27.25 -15.88
C VAL D 168 6.20 -27.33 -15.15
N GLN D 169 7.07 -26.35 -15.41
CA GLN D 169 8.42 -26.38 -14.87
C GLN D 169 8.72 -25.17 -14.01
N VAL D 170 8.96 -25.45 -12.74
CA VAL D 170 9.31 -24.43 -11.78
C VAL D 170 10.78 -24.07 -11.92
N ALA D 171 11.07 -22.78 -12.12
CA ALA D 171 12.44 -22.31 -12.05
C ALA D 171 12.93 -22.43 -10.61
N ASP D 172 14.06 -23.09 -10.42
CA ASP D 172 14.54 -23.45 -9.09
C ASP D 172 14.91 -22.24 -8.22
N GLY D 173 14.90 -22.46 -6.91
CA GLY D 173 15.30 -21.43 -5.97
C GLY D 173 14.35 -20.26 -5.88
N LEU D 174 13.04 -20.55 -5.91
CA LEU D 174 12.04 -19.49 -5.76
C LEU D 174 12.01 -18.94 -4.34
N THR D 175 12.10 -19.84 -3.36
CA THR D 175 12.18 -19.52 -1.92
C THR D 175 11.14 -18.46 -1.48
N LEU D 176 9.88 -18.75 -1.75
CA LEU D 176 8.76 -17.90 -1.34
C LEU D 176 8.84 -17.55 0.14
N PRO D 177 8.55 -16.29 0.48
CA PRO D 177 8.80 -15.77 1.84
C PRO D 177 8.03 -16.47 2.95
N GLN D 178 6.72 -16.64 2.78
CA GLN D 178 5.93 -17.22 3.85
C GLN D 178 5.60 -18.70 3.68
N PHE D 179 5.83 -19.24 2.48
CA PHE D 179 5.47 -20.64 2.19
C PHE D 179 6.65 -21.45 1.66
N ILE D 180 6.49 -22.77 1.69
CA ILE D 180 7.41 -23.63 0.95
C ILE D 180 6.62 -24.32 -0.16
N LEU D 181 7.22 -24.42 -1.33
CA LEU D 181 6.56 -25.04 -2.48
C LEU D 181 6.86 -26.52 -2.54
N LYS D 182 5.82 -27.34 -2.42
CA LYS D 182 5.98 -28.80 -2.50
C LYS D 182 6.43 -29.19 -3.90
N GLU D 183 7.50 -29.97 -3.98
CA GLU D 183 8.11 -30.36 -5.26
C GLU D 183 7.12 -31.04 -6.18
N GLU D 184 6.17 -31.79 -5.60
CA GLU D 184 5.14 -32.44 -6.39
C GLU D 184 4.17 -31.41 -6.95
N LYS D 185 4.05 -31.40 -8.27
CA LYS D 185 3.14 -30.49 -8.97
C LYS D 185 2.11 -31.30 -9.76
N ASP D 186 0.84 -31.20 -9.35
CA ASP D 186 -0.17 -32.07 -9.92
C ASP D 186 -1.00 -31.36 -10.97
N LEU D 187 -0.84 -31.74 -12.23
CA LEU D 187 -1.61 -31.12 -13.30
C LEU D 187 -2.58 -32.12 -13.90
N ARG D 188 -3.73 -31.63 -14.36
CA ARG D 188 -4.76 -32.48 -14.95
C ARG D 188 -5.73 -31.67 -15.80
N TYR D 189 -6.46 -32.36 -16.66
CA TYR D 189 -7.45 -31.70 -17.52
C TYR D 189 -8.62 -31.15 -16.72
N CYS D 190 -9.26 -30.13 -17.28
CA CYS D 190 -10.57 -29.68 -16.81
C CYS D 190 -11.46 -29.31 -17.99
N THR D 191 -12.77 -29.49 -17.81
CA THR D 191 -13.70 -29.24 -18.90
C THR D 191 -14.80 -28.29 -18.46
N LYS D 192 -14.99 -27.24 -19.25
CA LYS D 192 -16.00 -26.24 -18.98
C LYS D 192 -17.30 -26.65 -19.67
N HIS D 193 -18.37 -26.84 -18.91
CA HIS D 193 -19.67 -27.10 -19.53
C HIS D 193 -20.63 -25.93 -19.34
N TYR D 194 -20.97 -25.31 -20.47
CA TYR D 194 -21.85 -24.15 -20.50
C TYR D 194 -22.99 -24.37 -21.48
N ASN D 195 -23.98 -23.49 -21.41
CA ASN D 195 -25.13 -23.51 -22.31
C ASN D 195 -24.70 -23.47 -23.78
N THR D 196 -23.64 -22.74 -24.07
CA THR D 196 -23.15 -22.59 -25.44
C THR D 196 -22.39 -23.85 -25.89
N GLY D 197 -21.86 -24.61 -24.94
CA GLY D 197 -21.17 -25.84 -25.26
C GLY D 197 -20.15 -26.34 -24.25
N LYS D 198 -19.19 -27.12 -24.72
CA LYS D 198 -18.08 -27.57 -23.90
C LYS D 198 -16.76 -26.94 -24.35
N PHE D 199 -16.03 -26.36 -23.42
CA PHE D 199 -14.78 -25.68 -23.71
C PHE D 199 -13.62 -26.33 -22.95
N THR D 200 -12.44 -26.31 -23.54
CA THR D 200 -11.28 -26.93 -22.92
C THR D 200 -10.69 -26.04 -21.81
N CYS D 201 -10.11 -26.67 -20.80
CA CYS D 201 -9.14 -25.96 -19.98
C CYS D 201 -8.14 -26.95 -19.40
N ILE D 202 -6.92 -26.49 -19.18
CA ILE D 202 -5.96 -27.35 -18.50
C ILE D 202 -5.70 -26.73 -17.12
N GLU D 203 -5.74 -27.57 -16.09
CA GLU D 203 -5.59 -27.06 -14.74
C GLU D 203 -4.30 -27.54 -14.11
N ALA D 204 -3.48 -26.60 -13.64
CA ALA D 204 -2.25 -26.93 -12.94
C ALA D 204 -2.41 -26.68 -11.44
N ARG D 205 -1.88 -27.57 -10.62
CA ARG D 205 -2.01 -27.41 -9.18
C ARG D 205 -0.67 -27.47 -8.47
N PHE D 206 -0.38 -26.40 -7.72
CA PHE D 206 0.82 -26.31 -6.90
C PHE D 206 0.44 -26.42 -5.44
N HIS D 207 1.07 -27.33 -4.71
CA HIS D 207 0.84 -27.42 -3.28
C HIS D 207 1.85 -26.56 -2.53
N LEU D 208 1.34 -25.57 -1.80
CA LEU D 208 2.16 -24.72 -0.95
C LEU D 208 1.90 -25.01 0.52
N GLU D 209 2.91 -25.52 1.22
CA GLU D 209 2.76 -25.77 2.65
C GLU D 209 3.27 -24.56 3.43
N ARG D 210 2.42 -24.04 4.32
CA ARG D 210 2.84 -22.97 5.20
C ARG D 210 3.76 -23.55 6.27
N GLN D 211 4.91 -22.92 6.46
CA GLN D 211 5.82 -23.33 7.51
C GLN D 211 5.51 -22.58 8.80
N MET D 212 5.26 -23.34 9.86
CA MET D 212 4.70 -22.77 11.09
C MET D 212 5.75 -22.31 12.10
N GLY D 213 7.03 -22.42 11.73
CA GLY D 213 8.12 -22.19 12.66
C GLY D 213 8.09 -20.88 13.45
N TYR D 214 7.99 -19.77 12.74
CA TYR D 214 7.97 -18.46 13.39
C TYR D 214 6.80 -18.33 14.35
N TYR D 215 5.68 -18.99 14.03
CA TYR D 215 4.51 -18.91 14.89
C TYR D 215 4.68 -19.84 16.10
N LEU D 216 5.37 -20.95 15.90
CA LEU D 216 5.66 -21.86 17.00
C LEU D 216 6.52 -21.15 18.02
N ILE D 217 7.52 -20.41 17.55
CA ILE D 217 8.44 -19.76 18.48
C ILE D 217 7.91 -18.44 19.07
N GLN D 218 7.31 -17.58 18.25
CA GLN D 218 6.91 -16.25 18.72
C GLN D 218 5.57 -16.22 19.46
N MET D 219 4.68 -17.14 19.12
CA MET D 219 3.31 -17.11 19.64
C MET D 219 3.04 -18.20 20.68
N TYR D 220 3.17 -19.46 20.28
CA TYR D 220 2.86 -20.60 21.15
C TYR D 220 3.67 -20.70 22.44
N ILE D 221 4.99 -20.84 22.29
CA ILE D 221 5.87 -21.11 23.43
C ILE D 221 5.75 -20.10 24.58
N PRO D 222 5.76 -18.78 24.28
CA PRO D 222 5.60 -17.84 25.41
C PRO D 222 4.29 -18.03 26.18
N SER D 223 3.19 -18.17 25.45
CA SER D 223 1.87 -18.36 26.05
C SER D 223 1.84 -19.63 26.93
N LEU D 224 2.25 -20.74 26.34
CA LEU D 224 2.33 -22.02 27.05
C LEU D 224 3.14 -21.88 28.35
N LEU D 225 4.28 -21.20 28.23
CA LEU D 225 5.18 -20.98 29.35
C LEU D 225 4.49 -20.20 30.46
N ILE D 226 3.72 -19.19 30.06
CA ILE D 226 2.92 -18.39 30.99
C ILE D 226 1.93 -19.29 31.74
N VAL D 227 1.30 -20.19 30.99
CA VAL D 227 0.40 -21.17 31.60
C VAL D 227 1.11 -21.99 32.68
N ILE D 228 2.34 -22.42 32.36
CA ILE D 228 3.15 -23.12 33.35
C ILE D 228 3.37 -22.26 34.59
N LEU D 229 3.61 -20.96 34.38
CA LEU D 229 3.75 -20.03 35.49
C LEU D 229 2.51 -19.99 36.39
N SER D 230 1.33 -20.01 35.78
CA SER D 230 0.09 -20.05 36.57
C SER D 230 -0.02 -21.37 37.35
N TRP D 231 0.38 -22.47 36.71
CA TRP D 231 0.45 -23.76 37.39
C TRP D 231 1.31 -23.66 38.65
N VAL D 232 2.45 -22.97 38.52
CA VAL D 232 3.33 -22.74 39.66
C VAL D 232 2.66 -21.83 40.68
N SER D 233 1.76 -20.97 40.20
CA SER D 233 0.99 -20.12 41.10
C SER D 233 -0.02 -20.92 41.91
N PHE D 234 -0.39 -22.11 41.39
CA PHE D 234 -1.25 -23.01 42.16
C PHE D 234 -0.52 -23.60 43.37
N TRP D 235 0.80 -23.73 43.28
CA TRP D 235 1.64 -24.19 44.38
C TRP D 235 1.74 -23.20 45.54
N ILE D 236 1.41 -21.94 45.27
CA ILE D 236 1.61 -20.83 46.21
C ILE D 236 0.87 -21.07 47.53
N ASN D 237 1.38 -20.43 48.59
CA ASN D 237 0.90 -20.66 49.96
C ASN D 237 -0.61 -20.53 50.10
N MET D 238 -1.16 -21.32 51.01
CA MET D 238 -2.59 -21.40 51.22
C MET D 238 -3.08 -20.23 52.06
N ASP D 239 -2.16 -19.31 52.32
CA ASP D 239 -2.45 -18.14 53.14
C ASP D 239 -2.42 -16.83 52.33
N ALA D 240 -1.26 -16.49 51.78
CA ALA D 240 -1.03 -15.14 51.23
C ALA D 240 -1.65 -14.93 49.83
N ALA D 241 -2.54 -13.94 49.75
CA ALA D 241 -3.16 -13.53 48.49
C ALA D 241 -2.27 -12.71 47.52
N PRO D 242 -1.68 -11.57 47.97
CA PRO D 242 -1.24 -10.55 47.01
C PRO D 242 -0.13 -10.97 46.04
N ALA D 243 0.76 -11.87 46.44
CA ALA D 243 1.77 -12.39 45.54
C ALA D 243 1.20 -13.51 44.68
N ARG D 244 0.22 -14.22 45.22
CA ARG D 244 -0.44 -15.35 44.57
C ARG D 244 -1.55 -14.88 43.63
N VAL D 245 -2.54 -14.20 44.21
CA VAL D 245 -3.52 -13.45 43.41
C VAL D 245 -2.75 -12.61 42.39
N GLY D 246 -1.66 -12.01 42.86
CA GLY D 246 -0.72 -11.30 42.00
C GLY D 246 -0.19 -12.12 40.84
N LEU D 247 0.30 -13.32 41.14
CA LEU D 247 0.80 -14.23 40.12
C LEU D 247 -0.27 -14.48 39.05
N GLY D 248 -1.47 -14.81 39.50
CA GLY D 248 -2.59 -15.00 38.59
C GLY D 248 -2.96 -13.80 37.72
N ILE D 249 -3.10 -12.63 38.35
CA ILE D 249 -3.45 -11.41 37.66
C ILE D 249 -2.39 -11.02 36.63
N THR D 250 -1.12 -11.12 37.04
CA THR D 250 0.01 -10.87 36.15
C THR D 250 -0.05 -11.82 34.95
N THR D 251 -0.35 -13.08 35.25
CA THR D 251 -0.50 -14.12 34.24
C THR D 251 -1.53 -13.70 33.19
N VAL D 252 -2.69 -13.26 33.69
CA VAL D 252 -3.77 -12.78 32.85
C VAL D 252 -3.31 -11.62 31.97
N LEU D 253 -2.70 -10.60 32.57
CA LEU D 253 -2.26 -9.41 31.83
C LEU D 253 -1.23 -9.69 30.74
N THR D 254 -0.23 -10.49 31.07
CA THR D 254 0.78 -10.89 30.09
C THR D 254 0.15 -11.68 28.95
N MET D 255 -0.76 -12.58 29.30
CA MET D 255 -1.48 -13.35 28.29
C MET D 255 -2.24 -12.41 27.35
N THR D 256 -2.90 -11.40 27.92
CA THR D 256 -3.71 -10.48 27.15
C THR D 256 -2.87 -9.64 26.18
N THR D 257 -1.75 -9.10 26.65
CA THR D 257 -0.91 -8.29 25.76
C THR D 257 -0.27 -9.17 24.68
N GLN D 258 0.02 -10.43 25.03
CA GLN D 258 0.55 -11.38 24.04
C GLN D 258 -0.47 -11.61 22.93
N SER D 259 -1.70 -11.89 23.32
CA SER D 259 -2.78 -12.10 22.38
C SER D 259 -3.05 -10.85 21.54
N SER D 260 -2.83 -9.68 22.13
CA SER D 260 -3.02 -8.42 21.41
C SER D 260 -1.97 -8.25 20.32
N GLY D 261 -0.70 -8.42 20.69
CA GLY D 261 0.39 -8.31 19.73
C GLY D 261 0.26 -9.30 18.58
N SER D 262 0.02 -10.56 18.93
CA SER D 262 -0.21 -11.58 17.92
C SER D 262 -1.41 -11.20 17.05
N ARG D 263 -2.44 -10.63 17.65
CA ARG D 263 -3.63 -10.21 16.90
C ARG D 263 -3.32 -9.05 15.95
N ALA D 264 -2.25 -8.31 16.23
CA ALA D 264 -1.82 -7.26 15.32
C ALA D 264 -1.02 -7.84 14.15
N SER D 265 -0.12 -8.79 14.44
CA SER D 265 0.80 -9.30 13.42
C SER D 265 0.23 -10.33 12.44
N LEU D 266 -0.77 -11.11 12.87
CA LEU D 266 -1.40 -12.14 12.03
C LEU D 266 -2.16 -11.55 10.84
N PRO D 267 -2.49 -12.37 9.84
CA PRO D 267 -3.34 -11.87 8.75
C PRO D 267 -4.78 -11.60 9.21
N LYS D 268 -5.40 -10.56 8.67
CA LYS D 268 -6.72 -10.15 9.10
C LYS D 268 -7.82 -11.00 8.48
N VAL D 269 -8.57 -11.67 9.35
CA VAL D 269 -9.61 -12.61 8.95
C VAL D 269 -10.74 -12.52 9.95
N SER D 270 -11.98 -12.58 9.48
CA SER D 270 -13.10 -12.51 10.40
C SER D 270 -13.68 -13.87 10.81
N TYR D 271 -13.16 -14.96 10.25
CA TYR D 271 -13.56 -16.28 10.72
C TYR D 271 -12.50 -16.86 11.64
N VAL D 272 -12.97 -17.60 12.64
CA VAL D 272 -12.11 -18.18 13.65
C VAL D 272 -11.06 -19.11 13.03
N LYS D 273 -9.81 -18.84 13.36
CA LYS D 273 -8.69 -19.60 12.83
C LYS D 273 -7.94 -20.28 13.97
N ALA D 274 -7.18 -21.33 13.65
CA ALA D 274 -6.56 -22.21 14.63
C ALA D 274 -5.75 -21.49 15.72
N ILE D 275 -4.81 -20.66 15.31
CA ILE D 275 -3.95 -19.94 16.23
C ILE D 275 -4.79 -19.12 17.22
N ASP D 276 -5.88 -18.53 16.73
CA ASP D 276 -6.78 -17.76 17.59
C ASP D 276 -7.46 -18.65 18.63
N ILE D 277 -7.88 -19.84 18.19
CA ILE D 277 -8.46 -20.84 19.06
C ILE D 277 -7.51 -21.10 20.21
N TRP D 278 -6.27 -21.36 19.84
CA TRP D 278 -5.25 -21.76 20.79
C TRP D 278 -4.99 -20.63 21.80
N MET D 279 -4.77 -19.42 21.30
CA MET D 279 -4.58 -18.24 22.16
C MET D 279 -5.71 -18.12 23.16
N ALA D 280 -6.94 -18.25 22.65
CA ALA D 280 -8.13 -18.09 23.47
C ALA D 280 -8.21 -19.15 24.58
N VAL D 281 -7.95 -20.40 24.22
CA VAL D 281 -8.02 -21.49 25.20
C VAL D 281 -6.97 -21.29 26.28
N CYS D 282 -5.76 -20.92 25.88
CA CYS D 282 -4.70 -20.63 26.84
C CYS D 282 -5.13 -19.55 27.81
N LEU D 283 -5.70 -18.47 27.26
CA LEU D 283 -6.24 -17.39 28.08
C LEU D 283 -7.30 -17.92 29.04
N LEU D 284 -8.08 -18.89 28.57
CA LEU D 284 -9.12 -19.51 29.39
C LEU D 284 -8.55 -20.24 30.61
N PHE D 285 -7.50 -21.04 30.41
CA PHE D 285 -6.86 -21.70 31.55
C PHE D 285 -6.22 -20.68 32.50
N VAL D 286 -5.55 -19.70 31.91
CA VAL D 286 -4.99 -18.59 32.67
C VAL D 286 -6.02 -17.98 33.63
N PHE D 287 -7.23 -17.77 33.12
CA PHE D 287 -8.33 -17.36 33.97
C PHE D 287 -8.69 -18.43 35.00
N SER D 288 -8.80 -19.67 34.55
CA SER D 288 -9.23 -20.79 35.39
C SER D 288 -8.38 -20.89 36.65
N ALA D 289 -7.12 -20.45 36.55
CA ALA D 289 -6.27 -20.34 37.71
C ALA D 289 -6.93 -19.46 38.78
N LEU D 290 -7.23 -18.21 38.42
CA LEU D 290 -7.84 -17.29 39.35
C LEU D 290 -9.26 -17.69 39.72
N LEU D 291 -9.91 -18.49 38.88
CA LEU D 291 -11.25 -18.97 39.20
C LEU D 291 -11.19 -19.97 40.35
N GLU D 292 -10.38 -21.01 40.17
CA GLU D 292 -10.24 -22.04 41.19
C GLU D 292 -9.62 -21.48 42.47
N TYR D 293 -8.70 -20.53 42.31
CA TYR D 293 -8.00 -19.95 43.45
C TYR D 293 -8.83 -18.89 44.17
N ALA D 294 -9.79 -18.29 43.48
CA ALA D 294 -10.76 -17.41 44.14
C ALA D 294 -11.79 -18.26 44.85
N ALA D 295 -12.08 -19.44 44.30
CA ALA D 295 -12.93 -20.41 44.96
C ALA D 295 -12.27 -20.85 46.28
N VAL D 296 -10.97 -21.11 46.21
CA VAL D 296 -10.19 -21.49 47.39
C VAL D 296 -10.13 -20.34 48.40
N ASN D 297 -9.88 -19.14 47.91
CA ASN D 297 -9.73 -17.96 48.78
C ASN D 297 -11.05 -17.59 49.46
N PHE D 298 -12.17 -17.83 48.78
CA PHE D 298 -13.48 -17.55 49.37
C PHE D 298 -13.91 -18.66 50.32
N ILE D 299 -13.63 -19.92 49.96
CA ILE D 299 -14.04 -21.03 50.82
C ILE D 299 -13.15 -21.05 52.07
N ALA D 300 -11.99 -20.41 51.96
CA ALA D 300 -11.06 -20.30 53.10
C ALA D 300 -11.63 -19.44 54.22
N ARG D 301 -12.32 -18.36 53.85
CA ARG D 301 -12.89 -17.44 54.82
C ARG D 301 -14.03 -18.10 55.59
N LYS D 305 -12.56 -25.66 59.30
CA LYS D 305 -12.10 -27.03 59.40
C LYS D 305 -12.38 -27.81 58.12
N LEU D 306 -13.68 -27.99 57.83
CA LEU D 306 -14.10 -28.69 56.62
C LEU D 306 -13.76 -27.86 55.36
N PHE D 307 -13.89 -26.55 55.49
CA PHE D 307 -13.61 -25.63 54.40
C PHE D 307 -12.13 -25.66 54.01
N ILE D 308 -11.27 -25.82 55.01
CA ILE D 308 -9.83 -25.91 54.79
C ILE D 308 -9.47 -27.19 54.04
N SER D 309 -10.11 -28.29 54.44
CA SER D 309 -9.90 -29.58 53.78
C SER D 309 -10.39 -29.56 52.34
N ARG D 310 -11.51 -28.86 52.11
CA ARG D 310 -12.03 -28.68 50.76
C ARG D 310 -11.10 -27.78 49.93
N ALA D 311 -10.43 -26.85 50.60
CA ALA D 311 -9.47 -25.96 49.94
C ALA D 311 -8.21 -26.71 49.52
N LYS D 312 -7.73 -27.60 50.40
CA LYS D 312 -6.56 -28.42 50.11
C LYS D 312 -6.85 -29.47 49.04
N ARG D 313 -8.06 -30.03 49.11
CA ARG D 313 -8.50 -30.99 48.09
C ARG D 313 -8.67 -30.28 46.74
N ILE D 314 -9.11 -29.03 46.76
CA ILE D 314 -9.22 -28.22 45.55
C ILE D 314 -7.82 -27.86 45.04
N ASP D 315 -6.87 -27.80 45.96
CA ASP D 315 -5.48 -27.50 45.61
C ASP D 315 -4.80 -28.68 44.91
N THR D 316 -4.95 -29.86 45.49
CA THR D 316 -4.42 -31.08 44.87
C THR D 316 -5.13 -31.35 43.56
N VAL D 317 -6.45 -31.15 43.55
CA VAL D 317 -7.26 -31.34 42.35
C VAL D 317 -6.81 -30.38 41.25
N SER D 318 -6.48 -29.13 41.61
CA SER D 318 -5.99 -28.16 40.64
C SER D 318 -4.65 -28.62 40.06
N ARG D 319 -3.72 -28.94 40.98
CA ARG D 319 -2.39 -29.43 40.59
C ARG D 319 -2.44 -30.61 39.62
N VAL D 320 -3.39 -31.53 39.84
CA VAL D 320 -3.50 -32.67 38.94
C VAL D 320 -4.22 -32.31 37.64
N ALA D 321 -5.29 -31.53 37.75
CA ALA D 321 -6.18 -31.27 36.61
C ALA D 321 -5.57 -30.36 35.55
N PHE D 322 -4.94 -29.26 35.96
CA PHE D 322 -4.45 -28.30 34.96
C PHE D 322 -3.48 -28.93 33.94
N PRO D 323 -2.39 -29.58 34.41
CA PRO D 323 -1.51 -30.19 33.41
C PRO D 323 -2.17 -31.30 32.60
N LEU D 324 -3.05 -32.08 33.23
CA LEU D 324 -3.71 -33.20 32.56
C LEU D 324 -4.72 -32.73 31.51
N VAL D 325 -5.50 -31.71 31.87
CA VAL D 325 -6.48 -31.14 30.96
C VAL D 325 -5.78 -30.47 29.78
N PHE D 326 -4.72 -29.72 30.08
CA PHE D 326 -4.00 -29.02 29.02
C PHE D 326 -3.26 -30.02 28.11
N LEU D 327 -2.87 -31.16 28.68
CA LEU D 327 -2.22 -32.23 27.92
C LEU D 327 -3.21 -32.94 26.99
N ILE D 328 -4.39 -33.27 27.51
CA ILE D 328 -5.44 -33.88 26.71
C ILE D 328 -5.80 -32.93 25.57
N PHE D 329 -5.91 -31.64 25.91
CA PHE D 329 -6.22 -30.61 24.93
C PHE D 329 -5.18 -30.50 23.82
N ASN D 330 -3.90 -30.48 24.20
CA ASN D 330 -2.82 -30.45 23.22
C ASN D 330 -2.91 -31.67 22.31
N ILE D 331 -3.11 -32.84 22.94
CA ILE D 331 -3.22 -34.11 22.23
C ILE D 331 -4.32 -34.10 21.18
N PHE D 332 -5.47 -33.50 21.50
CA PHE D 332 -6.55 -33.38 20.52
C PHE D 332 -6.20 -32.36 19.43
N TYR D 333 -5.76 -31.18 19.86
CA TYR D 333 -5.51 -30.02 19.00
C TYR D 333 -4.47 -30.27 17.90
N TRP D 334 -3.27 -30.65 18.30
CA TRP D 334 -2.16 -30.79 17.36
C TRP D 334 -2.43 -31.88 16.33
N ILE D 335 -2.96 -33.00 16.79
CA ILE D 335 -3.30 -34.10 15.90
C ILE D 335 -4.44 -33.69 14.98
N THR D 336 -5.34 -32.86 15.50
CA THR D 336 -6.47 -32.37 14.72
C THR D 336 -6.01 -31.54 13.52
N TYR D 337 -5.26 -30.47 13.79
CA TYR D 337 -4.87 -29.56 12.71
C TYR D 337 -3.65 -29.99 11.88
N LYS D 338 -2.70 -30.68 12.48
CA LYS D 338 -1.51 -31.05 11.73
C LYS D 338 -1.73 -32.43 11.09
N LEU D 339 -1.69 -32.46 9.77
CA LEU D 339 -2.07 -33.62 8.95
C LEU D 339 -3.52 -34.04 9.22
N VAL D 340 -3.73 -35.35 9.38
CA VAL D 340 -5.05 -35.92 9.68
C VAL D 340 -6.13 -35.45 8.70
N ALA E 1 -13.34 -17.07 -46.43
CA ALA E 1 -14.69 -16.93 -46.95
C ALA E 1 -15.63 -16.19 -45.98
N PRO E 2 -15.68 -16.62 -44.69
CA PRO E 2 -16.60 -15.86 -43.82
C PRO E 2 -16.09 -14.45 -43.55
N SER E 3 -14.78 -14.26 -43.65
CA SER E 3 -14.17 -12.96 -43.44
C SER E 3 -14.66 -11.90 -44.44
N GLU E 4 -14.65 -12.26 -45.72
CA GLU E 4 -15.04 -11.32 -46.78
C GLU E 4 -16.54 -11.08 -46.81
N PHE E 5 -17.31 -12.12 -46.49
CA PHE E 5 -18.76 -12.04 -46.49
C PHE E 5 -19.16 -11.17 -45.30
N LEU E 6 -18.33 -11.22 -44.27
CA LEU E 6 -18.41 -10.31 -43.13
C LEU E 6 -18.05 -8.87 -43.53
N ASP E 7 -17.08 -8.74 -44.43
CA ASP E 7 -16.64 -7.43 -44.90
C ASP E 7 -17.70 -6.75 -45.77
N LYS E 8 -18.52 -7.54 -46.46
CA LYS E 8 -19.63 -6.98 -47.23
C LYS E 8 -20.68 -6.36 -46.30
N LEU E 9 -20.98 -7.08 -45.23
CA LEU E 9 -22.01 -6.66 -44.29
C LEU E 9 -21.58 -5.48 -43.43
N MET E 10 -20.41 -5.61 -42.81
CA MET E 10 -19.94 -4.61 -41.86
C MET E 10 -19.07 -3.53 -42.50
N GLY E 11 -18.79 -3.67 -43.79
CA GLY E 11 -17.92 -2.75 -44.49
C GLY E 11 -18.64 -1.66 -45.26
N LYS E 12 -17.87 -0.78 -45.90
CA LYS E 12 -18.41 0.32 -46.69
C LYS E 12 -19.18 -0.19 -47.91
N VAL E 13 -18.86 -1.42 -48.32
CA VAL E 13 -19.62 -2.12 -49.34
C VAL E 13 -21.06 -2.27 -48.83
N SER E 14 -22.03 -2.13 -49.72
CA SER E 14 -23.42 -1.90 -49.33
C SER E 14 -23.44 -0.66 -48.46
N GLY E 15 -23.98 -0.77 -47.26
CA GLY E 15 -23.82 0.29 -46.28
C GLY E 15 -24.09 -0.15 -44.87
N TYR E 16 -23.41 0.51 -43.94
CA TYR E 16 -23.63 0.27 -42.52
C TYR E 16 -23.06 1.46 -41.76
N ASP E 17 -23.50 1.67 -40.53
CA ASP E 17 -22.96 2.74 -39.70
C ASP E 17 -22.64 2.25 -38.29
N ALA E 18 -21.36 2.33 -37.92
CA ALA E 18 -20.96 2.09 -36.54
C ALA E 18 -21.56 3.19 -35.67
N ARG E 19 -21.69 4.37 -36.26
CA ARG E 19 -22.26 5.52 -35.58
C ARG E 19 -23.72 5.29 -35.22
N ILE E 20 -24.49 4.80 -36.18
CA ILE E 20 -25.94 4.74 -36.05
C ILE E 20 -26.44 3.41 -35.50
N ARG E 21 -27.31 3.49 -34.50
CA ARG E 21 -27.83 2.30 -33.83
C ARG E 21 -28.82 1.56 -34.74
N PRO E 22 -29.20 0.33 -34.36
CA PRO E 22 -30.26 -0.35 -35.10
C PRO E 22 -31.59 0.38 -34.94
N ASN E 23 -32.46 0.29 -35.94
CA ASN E 23 -33.81 0.86 -35.87
C ASN E 23 -33.81 2.36 -35.62
N PHE E 24 -32.90 3.09 -36.28
CA PHE E 24 -32.80 4.52 -36.10
C PHE E 24 -34.05 5.21 -36.64
N LYS E 25 -34.58 6.16 -35.87
CA LYS E 25 -35.90 6.73 -36.13
C LYS E 25 -36.94 5.61 -36.15
N GLY E 26 -37.00 4.84 -35.06
CA GLY E 26 -37.85 3.67 -34.96
C GLY E 26 -38.01 3.16 -33.53
N PRO E 27 -38.47 1.92 -33.38
CA PRO E 27 -38.64 1.29 -32.06
C PRO E 27 -37.32 1.11 -31.30
N PRO E 28 -37.35 1.24 -29.96
CA PRO E 28 -36.16 1.20 -29.10
C PRO E 28 -35.50 -0.17 -28.99
N VAL E 29 -34.17 -0.18 -28.99
CA VAL E 29 -33.36 -1.40 -29.01
C VAL E 29 -33.24 -2.09 -27.65
N ASN E 30 -33.63 -3.35 -27.59
CA ASN E 30 -33.44 -4.15 -26.38
C ASN E 30 -32.07 -4.78 -26.31
N VAL E 31 -31.42 -4.65 -25.16
CA VAL E 31 -30.23 -5.44 -24.91
C VAL E 31 -30.50 -6.30 -23.69
N THR E 32 -30.59 -7.60 -23.91
CA THR E 32 -30.73 -8.53 -22.80
C THR E 32 -29.32 -8.93 -22.39
N CYS E 33 -28.94 -8.54 -21.17
CA CYS E 33 -27.58 -8.78 -20.72
C CYS E 33 -27.52 -9.44 -19.35
N ASN E 34 -26.68 -10.47 -19.28
CA ASN E 34 -26.47 -11.19 -18.03
C ASN E 34 -24.98 -11.30 -17.75
N ILE E 35 -24.61 -11.30 -16.47
CA ILE E 35 -23.21 -11.30 -16.08
C ILE E 35 -22.85 -12.54 -15.29
N PHE E 36 -21.66 -13.06 -15.54
CA PHE E 36 -21.13 -14.17 -14.75
C PHE E 36 -19.90 -13.70 -14.02
N ILE E 37 -19.98 -13.55 -12.69
CA ILE E 37 -18.89 -12.91 -11.95
C ILE E 37 -17.83 -13.94 -11.54
N ASN E 38 -16.57 -13.61 -11.82
CA ASN E 38 -15.46 -14.51 -11.51
C ASN E 38 -15.00 -14.41 -10.07
N SER E 39 -14.90 -13.19 -9.56
CA SER E 39 -14.33 -13.00 -8.22
C SER E 39 -14.78 -11.73 -7.49
N PHE E 40 -14.91 -11.85 -6.17
CA PHE E 40 -14.94 -10.68 -5.31
C PHE E 40 -13.66 -10.64 -4.53
N GLY E 41 -13.24 -9.45 -4.14
CA GLY E 41 -12.05 -9.30 -3.33
C GLY E 41 -11.84 -7.89 -2.87
N SER E 42 -10.87 -7.71 -1.97
CA SER E 42 -10.42 -6.41 -1.53
C SER E 42 -11.58 -5.48 -1.17
N ILE E 43 -12.46 -5.93 -0.28
CA ILE E 43 -13.56 -5.09 0.12
C ILE E 43 -13.05 -4.30 1.30
N ALA E 44 -12.82 -3.01 1.09
CA ALA E 44 -12.10 -2.19 2.06
C ALA E 44 -12.99 -1.14 2.68
N GLU E 45 -12.89 -1.00 3.99
CA GLU E 45 -13.55 0.08 4.68
C GLU E 45 -12.98 1.39 4.14
N THR E 46 -11.69 1.35 3.82
CA THR E 46 -10.94 2.54 3.46
C THR E 46 -11.43 3.27 2.21
N THR E 47 -11.43 2.58 1.08
CA THR E 47 -11.70 3.24 -0.19
C THR E 47 -13.21 3.16 -0.47
N MET E 48 -13.90 2.42 0.40
CA MET E 48 -15.35 2.27 0.36
C MET E 48 -15.78 1.62 -0.96
N ASP E 49 -15.13 0.51 -1.30
CA ASP E 49 -15.38 -0.17 -2.56
C ASP E 49 -14.91 -1.64 -2.58
N TYR E 50 -15.40 -2.40 -3.54
CA TYR E 50 -14.87 -3.74 -3.79
C TYR E 50 -14.42 -3.89 -5.24
N ARG E 51 -13.64 -4.92 -5.51
CA ARG E 51 -13.12 -5.19 -6.84
C ARG E 51 -13.65 -6.50 -7.39
N VAL E 52 -14.13 -6.47 -8.63
CA VAL E 52 -14.74 -7.64 -9.23
C VAL E 52 -14.46 -7.68 -10.72
N ASN E 53 -14.21 -8.87 -11.26
CA ASN E 53 -14.15 -9.04 -12.71
C ASN E 53 -15.28 -9.94 -13.17
N ILE E 54 -15.93 -9.56 -14.25
CA ILE E 54 -17.10 -10.28 -14.70
C ILE E 54 -16.96 -10.65 -16.18
N PHE E 55 -17.73 -11.66 -16.58
CA PHE E 55 -18.05 -11.83 -17.98
C PHE E 55 -19.39 -11.16 -18.25
N LEU E 56 -19.35 -10.06 -18.98
CA LEU E 56 -20.55 -9.34 -19.35
C LEU E 56 -21.05 -9.87 -20.69
N ARG E 57 -22.26 -10.40 -20.68
CA ARG E 57 -22.85 -11.01 -21.86
C ARG E 57 -24.04 -10.21 -22.34
N GLN E 58 -23.87 -9.53 -23.47
CA GLN E 58 -24.92 -8.71 -24.04
C GLN E 58 -25.51 -9.39 -25.27
N GLN E 59 -26.83 -9.28 -25.43
CA GLN E 59 -27.47 -9.79 -26.63
C GLN E 59 -28.48 -8.81 -27.17
N TRP E 60 -28.33 -8.49 -28.47
CA TRP E 60 -29.31 -7.64 -29.12
C TRP E 60 -29.33 -7.98 -30.59
N ASN E 61 -30.47 -7.81 -31.26
CA ASN E 61 -30.50 -8.06 -32.69
C ASN E 61 -30.79 -6.80 -33.51
N ASP E 62 -29.99 -6.59 -34.55
CA ASP E 62 -30.26 -5.56 -35.54
C ASP E 62 -30.86 -6.17 -36.80
N PRO E 63 -31.96 -5.59 -37.30
CA PRO E 63 -32.60 -6.05 -38.54
C PRO E 63 -31.64 -6.02 -39.72
N ARG E 64 -30.80 -4.99 -39.74
CA ARG E 64 -29.71 -4.88 -40.69
C ARG E 64 -28.65 -5.93 -40.39
N LEU E 65 -27.77 -6.18 -41.35
CA LEU E 65 -26.57 -7.00 -41.14
C LEU E 65 -26.86 -8.49 -41.05
N ALA E 66 -28.12 -8.88 -41.15
CA ALA E 66 -28.46 -10.30 -41.14
C ALA E 66 -28.50 -10.86 -42.55
N TYR E 67 -27.52 -11.69 -42.89
CA TYR E 67 -27.45 -12.33 -44.19
C TYR E 67 -28.62 -13.25 -44.56
N SER E 68 -28.74 -14.36 -43.83
CA SER E 68 -29.69 -15.46 -44.13
C SER E 68 -29.36 -16.20 -45.44
N GLU E 69 -28.48 -15.62 -46.26
CA GLU E 69 -28.05 -16.23 -47.51
C GLU E 69 -26.91 -17.24 -47.33
N TYR E 70 -25.97 -16.90 -46.45
CA TYR E 70 -24.69 -17.62 -46.36
C TYR E 70 -24.81 -18.94 -45.58
N PRO E 71 -24.19 -20.01 -46.11
CA PRO E 71 -24.26 -21.39 -45.60
C PRO E 71 -23.94 -21.56 -44.10
N ASP E 72 -22.90 -20.91 -43.61
CA ASP E 72 -22.51 -21.08 -42.21
C ASP E 72 -23.55 -20.50 -41.26
N ASP E 73 -23.63 -21.08 -40.08
CA ASP E 73 -24.52 -20.55 -39.05
C ASP E 73 -23.73 -19.66 -38.11
N SER E 74 -24.41 -18.61 -37.64
CA SER E 74 -23.80 -17.51 -36.90
C SER E 74 -22.62 -16.94 -37.68
N LEU E 75 -21.59 -16.53 -36.96
CA LEU E 75 -20.39 -15.93 -37.55
C LEU E 75 -19.52 -15.44 -36.41
N ASP E 76 -18.25 -15.19 -36.68
CA ASP E 76 -17.37 -14.59 -35.68
C ASP E 76 -16.44 -13.59 -36.34
N LEU E 77 -16.31 -12.42 -35.74
CA LEU E 77 -15.39 -11.42 -36.26
C LEU E 77 -14.27 -11.18 -35.25
N ASP E 78 -13.11 -10.78 -35.75
CA ASP E 78 -11.94 -10.53 -34.92
C ASP E 78 -12.13 -9.30 -34.05
N PRO E 79 -11.55 -9.32 -32.83
CA PRO E 79 -11.68 -8.22 -31.87
C PRO E 79 -11.30 -6.86 -32.43
N SER E 80 -10.46 -6.85 -33.46
CA SER E 80 -10.07 -5.61 -34.12
C SER E 80 -11.18 -5.07 -35.03
N MET E 81 -11.96 -5.99 -35.60
CA MET E 81 -13.05 -5.63 -36.49
C MET E 81 -14.31 -5.36 -35.68
N LEU E 82 -14.16 -5.35 -34.36
CA LEU E 82 -15.28 -5.10 -33.46
C LEU E 82 -15.88 -3.72 -33.63
N ASP E 83 -15.07 -2.75 -34.05
CA ASP E 83 -15.52 -1.37 -34.19
C ASP E 83 -16.56 -1.22 -35.31
N SER E 84 -16.39 -1.98 -36.38
CA SER E 84 -17.25 -1.86 -37.57
C SER E 84 -18.74 -1.93 -37.21
N ILE E 85 -19.10 -2.87 -36.35
CA ILE E 85 -20.51 -3.03 -35.94
C ILE E 85 -20.85 -2.17 -34.73
N TRP E 86 -22.08 -1.66 -34.72
CA TRP E 86 -22.61 -0.91 -33.58
C TRP E 86 -22.73 -1.75 -32.32
N LYS E 87 -22.28 -1.20 -31.20
CA LYS E 87 -22.43 -1.84 -29.91
C LYS E 87 -23.22 -0.96 -28.97
N PRO E 88 -24.05 -1.57 -28.11
CA PRO E 88 -24.78 -0.79 -27.10
C PRO E 88 -23.83 -0.14 -26.14
N ASP E 89 -24.02 1.14 -25.90
CA ASP E 89 -23.08 1.90 -25.09
C ASP E 89 -23.46 1.80 -23.61
N LEU E 90 -22.58 1.18 -22.85
CA LEU E 90 -22.85 0.80 -21.47
C LEU E 90 -21.71 1.16 -20.53
N PHE E 91 -22.02 1.86 -19.43
CA PHE E 91 -21.06 1.89 -18.34
C PHE E 91 -21.65 1.28 -17.10
N PHE E 92 -20.78 0.98 -16.14
CA PHE E 92 -21.30 0.72 -14.82
C PHE E 92 -21.33 2.10 -14.19
N ALA E 93 -22.38 2.41 -13.45
CA ALA E 93 -22.54 3.77 -12.94
C ALA E 93 -21.65 4.04 -11.74
N ASN E 94 -21.42 3.02 -10.92
CA ASN E 94 -20.73 3.18 -9.65
C ASN E 94 -19.23 2.80 -9.55
N GLU E 95 -18.55 2.45 -10.65
CA GLU E 95 -17.15 2.06 -10.48
C GLU E 95 -16.24 3.29 -10.42
N LYS E 96 -15.14 3.15 -9.68
CA LYS E 96 -14.11 4.17 -9.69
C LYS E 96 -13.26 4.00 -10.95
N GLY E 97 -12.94 2.77 -11.30
CA GLY E 97 -12.13 2.48 -12.47
C GLY E 97 -12.27 1.07 -12.98
N ALA E 98 -11.97 0.86 -14.27
CA ALA E 98 -12.19 -0.43 -14.92
C ALA E 98 -11.20 -0.66 -16.05
N ASN E 99 -11.02 -1.90 -16.46
CA ASN E 99 -10.16 -2.21 -17.61
C ASN E 99 -10.53 -3.51 -18.33
N PHE E 100 -10.21 -3.57 -19.61
CA PHE E 100 -10.27 -4.80 -20.39
C PHE E 100 -9.10 -5.71 -20.04
N HIS E 101 -9.20 -6.99 -20.39
CA HIS E 101 -8.03 -7.87 -20.35
C HIS E 101 -7.49 -8.14 -21.74
N GLU E 102 -6.25 -7.73 -21.99
CA GLU E 102 -5.62 -7.94 -23.27
C GLU E 102 -4.71 -9.19 -23.25
N VAL E 103 -4.59 -9.85 -22.09
CA VAL E 103 -3.65 -10.96 -21.91
C VAL E 103 -3.79 -12.07 -22.94
N THR E 104 -2.65 -12.44 -23.52
CA THR E 104 -2.59 -13.36 -24.65
C THR E 104 -3.45 -12.73 -25.74
N THR E 105 -4.48 -13.42 -26.19
CA THR E 105 -5.42 -12.84 -27.16
C THR E 105 -6.35 -11.85 -26.44
N ASP E 106 -7.01 -11.01 -27.22
CA ASP E 106 -7.98 -10.07 -26.67
C ASP E 106 -9.26 -10.82 -26.23
N ASN E 107 -9.85 -10.41 -25.10
CA ASN E 107 -10.98 -11.11 -24.51
C ASN E 107 -12.36 -10.67 -25.00
N LYS E 108 -12.41 -9.84 -26.02
CA LYS E 108 -13.69 -9.44 -26.58
C LYS E 108 -14.16 -10.46 -27.62
N LEU E 109 -15.31 -11.07 -27.37
CA LEU E 109 -15.86 -12.07 -28.28
C LEU E 109 -17.19 -11.64 -28.86
N LEU E 110 -17.34 -11.81 -30.16
CA LEU E 110 -18.57 -11.39 -30.81
C LEU E 110 -19.05 -12.39 -31.84
N ARG E 111 -20.36 -12.63 -31.86
CA ARG E 111 -20.97 -13.51 -32.84
C ARG E 111 -22.23 -12.90 -33.43
N ILE E 112 -22.33 -12.98 -34.76
CA ILE E 112 -23.47 -12.46 -35.49
C ILE E 112 -24.28 -13.62 -36.04
N SER E 113 -25.46 -13.86 -35.49
CA SER E 113 -26.26 -15.02 -35.85
C SER E 113 -26.91 -14.87 -37.23
N LYS E 114 -27.31 -16.00 -37.81
CA LYS E 114 -27.95 -16.03 -39.12
C LYS E 114 -29.19 -15.14 -39.16
N ASN E 115 -30.03 -15.26 -38.15
CA ASN E 115 -31.28 -14.51 -38.08
C ASN E 115 -31.04 -13.02 -37.86
N GLY E 116 -29.81 -12.65 -37.50
CA GLY E 116 -29.51 -11.27 -37.18
C GLY E 116 -29.44 -10.97 -35.70
N ASN E 117 -29.34 -12.03 -34.89
CA ASN E 117 -29.12 -11.86 -33.46
C ASN E 117 -27.63 -11.69 -33.19
N VAL E 118 -27.29 -10.87 -32.20
CA VAL E 118 -25.89 -10.55 -31.89
C VAL E 118 -25.54 -10.85 -30.43
N LEU E 119 -24.54 -11.70 -30.27
CA LEU E 119 -24.01 -12.10 -28.96
C LEU E 119 -22.63 -11.50 -28.74
N TYR E 120 -22.55 -10.55 -27.80
CA TYR E 120 -21.33 -9.80 -27.52
C TYR E 120 -20.90 -9.97 -26.08
N SER E 121 -19.80 -10.68 -25.87
CA SER E 121 -19.33 -10.98 -24.52
C SER E 121 -17.95 -10.40 -24.29
N ILE E 122 -17.78 -9.69 -23.18
CA ILE E 122 -16.48 -9.13 -22.87
C ILE E 122 -16.12 -9.40 -21.43
N ARG E 123 -14.83 -9.55 -21.18
CA ARG E 123 -14.35 -9.80 -19.84
C ARG E 123 -13.78 -8.55 -19.22
N ILE E 124 -14.37 -8.09 -18.14
CA ILE E 124 -13.98 -6.80 -17.58
C ILE E 124 -13.62 -6.88 -16.12
N THR E 125 -12.44 -6.39 -15.75
CA THR E 125 -12.15 -6.18 -14.34
C THR E 125 -12.48 -4.75 -13.98
N LEU E 126 -13.18 -4.56 -12.87
CA LEU E 126 -13.58 -3.23 -12.45
C LEU E 126 -13.81 -3.11 -10.95
N VAL E 127 -13.56 -1.90 -10.46
CA VAL E 127 -13.65 -1.61 -9.05
C VAL E 127 -14.91 -0.81 -8.78
N LEU E 128 -15.90 -1.43 -8.15
CA LEU E 128 -17.18 -0.77 -7.87
C LEU E 128 -17.24 -0.17 -6.47
N ALA E 129 -17.86 1.00 -6.35
CA ALA E 129 -17.96 1.67 -5.05
C ALA E 129 -19.27 1.39 -4.33
N CYS E 130 -19.19 0.71 -3.19
CA CYS E 130 -20.35 0.42 -2.35
C CYS E 130 -20.33 1.23 -1.05
N PRO E 131 -21.43 1.95 -0.75
CA PRO E 131 -21.60 2.62 0.53
C PRO E 131 -21.72 1.61 1.68
N MET E 132 -20.98 1.83 2.77
CA MET E 132 -20.97 0.86 3.86
C MET E 132 -21.28 1.52 5.20
N ASP E 133 -22.23 0.97 5.93
CA ASP E 133 -22.51 1.44 7.28
C ASP E 133 -22.02 0.42 8.30
N LEU E 134 -20.92 0.77 8.98
CA LEU E 134 -20.32 -0.09 9.99
C LEU E 134 -20.93 0.19 11.35
N LYS E 135 -22.01 0.98 11.36
CA LYS E 135 -22.67 1.41 12.59
C LYS E 135 -22.82 0.26 13.57
N ASN E 136 -23.15 -0.91 13.03
CA ASN E 136 -22.96 -2.15 13.77
C ASN E 136 -21.87 -2.96 13.08
N PHE E 137 -20.66 -2.95 13.63
CA PHE E 137 -19.53 -3.60 12.97
C PHE E 137 -19.47 -5.13 13.03
N PRO E 138 -19.53 -5.72 14.24
CA PRO E 138 -19.39 -7.18 14.27
C PRO E 138 -20.60 -7.92 13.70
N MET E 139 -21.79 -7.40 13.96
CA MET E 139 -23.02 -8.04 13.54
C MET E 139 -23.42 -7.58 12.13
N ASP E 140 -22.53 -6.82 11.51
CA ASP E 140 -22.75 -6.12 10.25
C ASP E 140 -23.30 -6.96 9.10
N VAL E 141 -24.22 -6.35 8.34
CA VAL E 141 -24.67 -6.91 7.07
C VAL E 141 -24.54 -5.87 5.95
N GLN E 142 -23.65 -6.16 5.00
CA GLN E 142 -23.40 -5.24 3.89
C GLN E 142 -24.17 -5.60 2.63
N THR E 143 -24.59 -4.56 1.91
CA THR E 143 -25.28 -4.75 0.64
C THR E 143 -24.47 -4.12 -0.50
N CYS E 144 -24.32 -4.88 -1.58
CA CYS E 144 -23.43 -4.49 -2.66
C CYS E 144 -24.19 -4.33 -3.98
N ILE E 145 -24.22 -3.10 -4.50
CA ILE E 145 -24.97 -2.83 -5.71
C ILE E 145 -24.04 -2.69 -6.92
N MET E 146 -24.36 -3.42 -7.96
CA MET E 146 -23.71 -3.31 -9.26
C MET E 146 -24.72 -2.84 -10.29
N GLN E 147 -24.59 -1.61 -10.76
CA GLN E 147 -25.62 -1.07 -11.64
C GLN E 147 -25.10 -0.67 -13.02
N LEU E 148 -25.76 -1.20 -14.04
CA LEU E 148 -25.35 -1.05 -15.44
C LEU E 148 -26.29 -0.12 -16.18
N GLU E 149 -25.79 1.04 -16.58
CA GLU E 149 -26.64 2.03 -17.23
C GLU E 149 -26.11 2.38 -18.62
N SER E 150 -27.02 2.73 -19.52
CA SER E 150 -26.65 3.17 -20.85
C SER E 150 -26.14 4.60 -20.81
N PHE E 151 -25.19 4.89 -21.68
CA PHE E 151 -24.55 6.19 -21.65
C PHE E 151 -24.90 6.97 -22.90
N GLY E 152 -25.71 8.00 -22.75
CA GLY E 152 -26.05 8.82 -23.89
C GLY E 152 -27.21 8.32 -24.74
N TYR E 153 -27.97 7.37 -24.23
CA TYR E 153 -29.20 6.94 -24.89
C TYR E 153 -30.40 6.87 -23.96
N THR E 154 -31.38 7.70 -24.27
CA THR E 154 -32.64 7.79 -23.52
C THR E 154 -33.49 6.54 -23.69
N MET E 155 -34.52 6.41 -22.84
CA MET E 155 -35.50 5.33 -22.95
C MET E 155 -36.00 5.12 -24.37
N ASN E 156 -36.08 6.20 -25.13
CA ASN E 156 -36.52 6.14 -26.51
C ASN E 156 -35.51 5.40 -27.39
N ASP E 157 -34.24 5.51 -27.05
CA ASP E 157 -33.17 4.89 -27.83
C ASP E 157 -32.94 3.39 -27.56
N LEU E 158 -32.83 3.00 -26.29
CA LEU E 158 -32.59 1.59 -25.95
C LEU E 158 -33.01 1.21 -24.53
N ILE E 159 -33.12 -0.09 -24.27
CA ILE E 159 -33.48 -0.62 -22.96
C ILE E 159 -32.55 -1.75 -22.52
N PHE E 160 -32.12 -1.71 -21.26
CA PHE E 160 -31.39 -2.81 -20.65
C PHE E 160 -32.30 -3.65 -19.77
N GLU E 161 -32.17 -4.97 -19.91
CA GLU E 161 -33.02 -5.91 -19.19
C GLU E 161 -32.27 -7.21 -18.92
N TRP E 162 -32.53 -7.80 -17.77
CA TRP E 162 -31.83 -9.02 -17.35
C TRP E 162 -32.28 -10.25 -18.14
N ASP E 163 -31.43 -11.27 -18.11
CA ASP E 163 -31.79 -12.59 -18.63
C ASP E 163 -32.87 -13.22 -17.74
N GLU E 164 -33.75 -14.00 -18.37
CA GLU E 164 -34.82 -14.67 -17.64
C GLU E 164 -34.27 -15.73 -16.69
N LYS E 165 -33.39 -16.59 -17.20
CA LYS E 165 -32.82 -17.66 -16.41
C LYS E 165 -31.32 -17.46 -16.19
N GLY E 166 -30.93 -17.37 -14.92
CA GLY E 166 -29.53 -17.19 -14.56
C GLY E 166 -28.91 -15.88 -15.01
N ALA E 167 -29.57 -14.77 -14.70
CA ALA E 167 -29.10 -13.46 -15.12
C ALA E 167 -27.75 -13.12 -14.49
N VAL E 168 -27.68 -13.10 -13.18
CA VAL E 168 -26.37 -12.90 -12.55
C VAL E 168 -25.93 -14.21 -11.93
N GLN E 169 -24.78 -14.70 -12.37
CA GLN E 169 -24.31 -16.00 -11.93
C GLN E 169 -22.95 -15.94 -11.26
N VAL E 170 -22.95 -16.29 -9.99
CA VAL E 170 -21.74 -16.32 -9.20
C VAL E 170 -20.97 -17.59 -9.50
N ALA E 171 -19.70 -17.44 -9.87
CA ALA E 171 -18.81 -18.60 -9.99
C ALA E 171 -18.56 -19.15 -8.58
N ASP E 172 -18.80 -20.43 -8.40
CA ASP E 172 -18.78 -21.04 -7.07
C ASP E 172 -17.41 -21.03 -6.40
N GLY E 173 -17.43 -21.13 -5.08
CA GLY E 173 -16.20 -21.21 -4.31
C GLY E 173 -15.39 -19.94 -4.28
N LEU E 174 -16.07 -18.80 -4.19
CA LEU E 174 -15.37 -17.52 -4.10
C LEU E 174 -14.66 -17.35 -2.76
N THR E 175 -15.33 -17.75 -1.69
CA THR E 175 -14.79 -17.77 -0.32
C THR E 175 -14.05 -16.47 0.07
N LEU E 176 -14.76 -15.35 -0.07
CA LEU E 176 -14.25 -14.04 0.31
C LEU E 176 -13.69 -14.05 1.73
N PRO E 177 -12.53 -13.38 1.93
CA PRO E 177 -11.78 -13.50 3.18
C PRO E 177 -12.51 -13.03 4.43
N GLN E 178 -13.11 -11.84 4.38
CA GLN E 178 -13.73 -11.30 5.57
C GLN E 178 -15.26 -11.48 5.63
N PHE E 179 -15.87 -11.82 4.50
CA PHE E 179 -17.33 -11.91 4.41
C PHE E 179 -17.80 -13.27 3.90
N ILE E 180 -19.08 -13.56 4.12
CA ILE E 180 -19.72 -14.68 3.43
C ILE E 180 -20.78 -14.10 2.49
N LEU E 181 -20.85 -14.68 1.29
CA LEU E 181 -21.80 -14.21 0.28
C LEU E 181 -23.11 -14.97 0.39
N LYS E 182 -24.19 -14.26 0.69
CA LYS E 182 -25.51 -14.87 0.79
C LYS E 182 -25.95 -15.38 -0.58
N GLU E 183 -26.37 -16.64 -0.64
CA GLU E 183 -26.72 -17.29 -1.90
C GLU E 183 -27.81 -16.53 -2.65
N GLU E 184 -28.72 -15.91 -1.90
CA GLU E 184 -29.77 -15.11 -2.52
C GLU E 184 -29.19 -13.85 -3.13
N LYS E 185 -29.42 -13.68 -4.43
CA LYS E 185 -28.96 -12.51 -5.16
C LYS E 185 -30.15 -11.77 -5.75
N ASP E 186 -30.39 -10.56 -5.28
CA ASP E 186 -31.61 -9.85 -5.65
C ASP E 186 -31.35 -8.80 -6.72
N LEU E 187 -31.84 -9.05 -7.92
CA LEU E 187 -31.67 -8.08 -8.99
C LEU E 187 -33.00 -7.46 -9.38
N ARG E 188 -32.96 -6.20 -9.81
CA ARG E 188 -34.16 -5.49 -10.21
C ARG E 188 -33.84 -4.27 -11.08
N TYR E 189 -34.84 -3.78 -11.79
CA TYR E 189 -34.66 -2.61 -12.64
C TYR E 189 -34.39 -1.34 -11.83
N CYS E 190 -33.72 -0.39 -12.47
CA CYS E 190 -33.63 0.97 -11.95
C CYS E 190 -33.74 1.97 -13.10
N THR E 191 -34.29 3.15 -12.80
CA THR E 191 -34.51 4.15 -13.84
C THR E 191 -33.90 5.47 -13.44
N LYS E 192 -33.09 6.02 -14.34
CA LYS E 192 -32.42 7.29 -14.13
C LYS E 192 -33.32 8.41 -14.66
N HIS E 193 -33.71 9.34 -13.81
CA HIS E 193 -34.47 10.50 -14.28
C HIS E 193 -33.64 11.78 -14.17
N TYR E 194 -33.33 12.34 -15.34
CA TYR E 194 -32.52 13.55 -15.45
C TYR E 194 -33.23 14.59 -16.30
N ASN E 195 -32.70 15.80 -16.28
CA ASN E 195 -33.21 16.91 -17.07
C ASN E 195 -33.26 16.57 -18.57
N THR E 196 -32.27 15.80 -19.02
CA THR E 196 -32.18 15.43 -20.43
C THR E 196 -33.20 14.33 -20.78
N GLY E 197 -33.61 13.55 -19.78
CA GLY E 197 -34.60 12.51 -20.00
C GLY E 197 -34.59 11.36 -19.01
N LYS E 198 -35.09 10.21 -19.45
CA LYS E 198 -35.05 8.99 -18.66
C LYS E 198 -34.11 7.96 -19.30
N PHE E 199 -33.20 7.43 -18.51
CA PHE E 199 -32.21 6.46 -18.98
C PHE E 199 -32.35 5.14 -18.23
N THR E 200 -32.05 4.04 -18.91
CA THR E 200 -32.17 2.72 -18.29
C THR E 200 -31.00 2.42 -17.37
N CYS E 201 -31.25 1.63 -16.33
CA CYS E 201 -30.16 0.92 -15.68
C CYS E 201 -30.69 -0.37 -15.07
N ILE E 202 -29.85 -1.38 -15.00
CA ILE E 202 -30.25 -2.59 -14.29
C ILE E 202 -29.40 -2.67 -13.03
N GLU E 203 -30.03 -2.94 -11.90
CA GLU E 203 -29.31 -2.96 -10.64
C GLU E 203 -29.26 -4.36 -10.05
N ALA E 204 -28.06 -4.85 -9.78
CA ALA E 204 -27.88 -6.15 -9.13
C ALA E 204 -27.47 -5.96 -7.67
N ARG E 205 -28.02 -6.77 -6.78
CA ARG E 205 -27.70 -6.65 -5.37
C ARG E 205 -27.23 -7.96 -4.76
N PHE E 206 -26.03 -7.91 -4.19
CA PHE E 206 -25.45 -9.04 -3.48
C PHE E 206 -25.46 -8.77 -1.99
N HIS E 207 -26.01 -9.68 -1.21
CA HIS E 207 -25.95 -9.54 0.24
C HIS E 207 -24.72 -10.24 0.79
N LEU E 208 -23.85 -9.46 1.43
CA LEU E 208 -22.67 -9.99 2.10
C LEU E 208 -22.79 -9.88 3.60
N GLU E 209 -22.85 -11.02 4.28
CA GLU E 209 -22.92 -11.01 5.74
C GLU E 209 -21.52 -11.12 6.32
N ARG E 210 -21.16 -10.19 7.20
CA ARG E 210 -19.90 -10.27 7.90
C ARG E 210 -20.00 -11.36 8.95
N GLN E 211 -19.03 -12.25 8.97
CA GLN E 211 -18.97 -13.29 9.99
C GLN E 211 -18.17 -12.80 11.20
N MET E 212 -18.80 -12.82 12.37
CA MET E 212 -18.27 -12.16 13.55
C MET E 212 -17.36 -13.04 14.41
N GLY E 213 -17.12 -14.27 13.97
CA GLY E 213 -16.41 -15.25 14.77
C GLY E 213 -15.08 -14.84 15.37
N TYR E 214 -14.17 -14.36 14.54
CA TYR E 214 -12.86 -13.94 15.01
C TYR E 214 -12.97 -12.81 16.04
N TYR E 215 -13.97 -11.97 15.89
CA TYR E 215 -14.14 -10.86 16.83
C TYR E 215 -14.78 -11.35 18.12
N LEU E 216 -15.64 -12.36 18.02
CA LEU E 216 -16.24 -12.96 19.19
C LEU E 216 -15.16 -13.58 20.05
N ILE E 217 -14.22 -14.27 19.42
CA ILE E 217 -13.19 -14.96 20.17
C ILE E 217 -12.03 -14.06 20.63
N GLN E 218 -11.52 -13.19 19.76
CA GLN E 218 -10.33 -12.40 20.07
C GLN E 218 -10.62 -11.15 20.91
N MET E 219 -11.81 -10.58 20.76
CA MET E 219 -12.14 -9.30 21.37
C MET E 219 -13.09 -9.42 22.57
N TYR E 220 -14.28 -9.95 22.33
CA TYR E 220 -15.33 -10.04 23.36
C TYR E 220 -14.98 -10.88 24.58
N ILE E 221 -14.72 -12.16 24.35
CA ILE E 221 -14.52 -13.13 25.43
C ILE E 221 -13.45 -12.73 26.46
N PRO E 222 -12.25 -12.30 25.99
CA PRO E 222 -11.25 -11.88 27.00
C PRO E 222 -11.72 -10.73 27.89
N SER E 223 -12.31 -9.71 27.26
CA SER E 223 -12.82 -8.55 27.99
C SER E 223 -13.87 -8.94 29.02
N LEU E 224 -14.88 -9.68 28.56
CA LEU E 224 -15.95 -10.18 29.41
C LEU E 224 -15.38 -10.95 30.61
N LEU E 225 -14.41 -11.80 30.32
CA LEU E 225 -13.75 -12.62 31.33
C LEU E 225 -13.06 -11.74 32.39
N ILE E 226 -12.42 -10.67 31.91
CA ILE E 226 -11.80 -9.70 32.79
C ILE E 226 -12.83 -9.07 33.73
N VAL E 227 -13.99 -8.75 33.16
CA VAL E 227 -15.10 -8.22 33.95
C VAL E 227 -15.48 -9.20 35.06
N ILE E 228 -15.55 -10.48 34.71
CA ILE E 228 -15.81 -11.51 35.72
C ILE E 228 -14.74 -11.47 36.82
N LEU E 229 -13.48 -11.28 36.42
CA LEU E 229 -12.40 -11.16 37.39
C LEU E 229 -12.62 -10.00 38.37
N SER E 230 -13.09 -8.87 37.86
CA SER E 230 -13.41 -7.73 38.75
C SER E 230 -14.57 -8.09 39.69
N TRP E 231 -15.57 -8.79 39.17
CA TRP E 231 -16.66 -9.30 40.00
C TRP E 231 -16.10 -10.12 41.17
N VAL E 232 -15.13 -10.97 40.86
CA VAL E 232 -14.46 -11.76 41.89
C VAL E 232 -13.67 -10.87 42.84
N SER E 233 -13.21 -9.73 42.33
CA SER E 233 -12.52 -8.75 43.17
C SER E 233 -13.48 -8.08 44.15
N PHE E 234 -14.78 -8.09 43.82
CA PHE E 234 -15.79 -7.59 44.75
C PHE E 234 -15.93 -8.51 45.98
N TRP E 235 -15.65 -9.80 45.79
CA TRP E 235 -15.66 -10.79 46.87
C TRP E 235 -14.53 -10.59 47.90
N ILE E 236 -13.48 -9.87 47.48
CA ILE E 236 -12.26 -9.73 48.26
C ILE E 236 -12.50 -9.14 49.65
N ASN E 237 -11.59 -9.46 50.57
CA ASN E 237 -11.75 -9.13 51.99
C ASN E 237 -12.09 -7.66 52.23
N MET E 238 -12.86 -7.42 53.29
CA MET E 238 -13.36 -6.09 53.60
C MET E 238 -12.30 -5.29 54.33
N ASP E 239 -11.10 -5.88 54.40
CA ASP E 239 -9.97 -5.25 55.08
C ASP E 239 -8.86 -4.83 54.10
N ALA E 240 -8.25 -5.80 53.42
CA ALA E 240 -7.00 -5.56 52.69
C ALA E 240 -7.19 -4.86 51.33
N ALA E 241 -6.56 -3.70 51.19
CA ALA E 241 -6.55 -2.94 49.93
C ALA E 241 -5.64 -3.49 48.80
N PRO E 242 -4.32 -3.70 49.06
CA PRO E 242 -3.37 -3.76 47.94
C PRO E 242 -3.55 -4.91 46.95
N ALA E 243 -4.08 -6.05 47.39
CA ALA E 243 -4.38 -7.15 46.48
C ALA E 243 -5.73 -6.95 45.82
N ARG E 244 -6.63 -6.26 46.53
CA ARG E 244 -8.00 -5.99 46.08
C ARG E 244 -8.03 -4.75 45.18
N VAL E 245 -7.61 -3.60 45.73
CA VAL E 245 -7.34 -2.42 44.93
C VAL E 245 -6.46 -2.85 43.75
N GLY E 246 -5.48 -3.70 44.06
CA GLY E 246 -4.64 -4.33 43.04
C GLY E 246 -5.43 -5.06 41.97
N LEU E 247 -6.36 -5.92 42.38
CA LEU E 247 -7.20 -6.65 41.45
C LEU E 247 -7.93 -5.69 40.51
N GLY E 248 -8.55 -4.66 41.09
CA GLY E 248 -9.21 -3.64 40.30
C GLY E 248 -8.33 -2.88 39.31
N ILE E 249 -7.18 -2.40 39.79
CA ILE E 249 -6.24 -1.64 38.98
C ILE E 249 -5.70 -2.49 37.83
N THR E 250 -5.34 -3.73 38.15
CA THR E 250 -4.88 -4.70 37.15
C THR E 250 -5.96 -4.91 36.09
N THR E 251 -7.20 -5.05 36.57
CA THR E 251 -8.37 -5.21 35.72
C THR E 251 -8.45 -4.05 34.71
N VAL E 252 -8.34 -2.83 35.23
CA VAL E 252 -8.34 -1.63 34.41
C VAL E 252 -7.24 -1.66 33.37
N LEU E 253 -6.00 -1.94 33.79
CA LEU E 253 -4.87 -1.94 32.87
C LEU E 253 -4.96 -2.97 31.74
N THR E 254 -5.35 -4.19 32.09
CA THR E 254 -5.55 -5.24 31.10
C THR E 254 -6.65 -4.86 30.12
N MET E 255 -7.73 -4.30 30.66
CA MET E 255 -8.82 -3.83 29.82
C MET E 255 -8.33 -2.78 28.82
N THR E 256 -7.51 -1.86 29.31
CA THR E 256 -6.99 -0.76 28.48
C THR E 256 -6.09 -1.26 27.36
N THR E 257 -5.16 -2.16 27.66
CA THR E 257 -4.28 -2.66 26.61
C THR E 257 -5.06 -3.53 25.61
N GLN E 258 -6.11 -4.21 26.09
CA GLN E 258 -6.96 -4.98 25.20
C GLN E 258 -7.67 -4.06 24.21
N SER E 259 -8.25 -2.99 24.73
CA SER E 259 -8.93 -2.01 23.91
C SER E 259 -7.96 -1.33 22.94
N SER E 260 -6.71 -1.18 23.35
CA SER E 260 -5.70 -0.58 22.50
C SER E 260 -5.37 -1.48 21.31
N GLY E 261 -5.08 -2.76 21.60
CA GLY E 261 -4.78 -3.71 20.55
C GLY E 261 -5.91 -3.88 19.55
N SER E 262 -7.11 -4.07 20.08
CA SER E 262 -8.30 -4.14 19.23
C SER E 262 -8.45 -2.85 18.41
N ARG E 263 -8.14 -1.71 19.02
CA ARG E 263 -8.23 -0.42 18.31
C ARG E 263 -7.18 -0.31 17.20
N ALA E 264 -6.11 -1.10 17.30
CA ALA E 264 -5.13 -1.15 16.23
C ALA E 264 -5.59 -2.06 15.08
N SER E 265 -6.17 -3.21 15.43
CA SER E 265 -6.50 -4.22 14.41
C SER E 265 -7.80 -3.97 13.62
N LEU E 266 -8.77 -3.29 14.23
CA LEU E 266 -10.06 -3.00 13.58
C LEU E 266 -9.91 -2.05 12.39
N PRO E 267 -10.94 -1.97 11.52
CA PRO E 267 -10.90 -0.98 10.45
C PRO E 267 -11.03 0.46 10.98
N LYS E 268 -10.32 1.40 10.36
CA LYS E 268 -10.29 2.77 10.84
C LYS E 268 -11.53 3.55 10.41
N VAL E 269 -12.26 4.02 11.41
CA VAL E 269 -13.52 4.72 11.22
C VAL E 269 -13.64 5.78 12.29
N SER E 270 -14.16 6.95 11.92
CA SER E 270 -14.31 8.01 12.91
C SER E 270 -15.71 8.11 13.53
N TYR E 271 -16.65 7.28 13.08
CA TYR E 271 -17.94 7.23 13.75
C TYR E 271 -18.02 6.01 14.66
N VAL E 272 -18.71 6.19 15.78
CA VAL E 272 -18.85 5.14 16.79
C VAL E 272 -19.47 3.89 16.21
N LYS E 273 -18.78 2.77 16.41
CA LYS E 273 -19.23 1.49 15.90
C LYS E 273 -19.47 0.52 17.05
N ALA E 274 -20.25 -0.53 16.81
CA ALA E 274 -20.74 -1.43 17.85
C ALA E 274 -19.65 -2.00 18.77
N ILE E 275 -18.63 -2.61 18.17
CA ILE E 275 -17.56 -3.23 18.94
C ILE E 275 -16.91 -2.21 19.87
N ASP E 276 -16.78 -0.96 19.40
CA ASP E 276 -16.19 0.11 20.20
C ASP E 276 -17.10 0.42 21.41
N ILE E 277 -18.40 0.47 21.16
CA ILE E 277 -19.40 0.66 22.20
C ILE E 277 -19.18 -0.35 23.30
N TRP E 278 -19.08 -1.61 22.86
CA TRP E 278 -19.00 -2.71 23.78
C TRP E 278 -17.71 -2.65 24.61
N MET E 279 -16.58 -2.44 23.93
CA MET E 279 -15.29 -2.27 24.61
C MET E 279 -15.38 -1.19 25.68
N ALA E 280 -15.97 -0.07 25.29
CA ALA E 280 -16.08 1.09 26.17
C ALA E 280 -16.92 0.80 27.41
N VAL E 281 -18.07 0.16 27.20
CA VAL E 281 -18.96 -0.16 28.31
C VAL E 281 -18.30 -1.12 29.28
N CYS E 282 -17.63 -2.13 28.73
CA CYS E 282 -16.89 -3.08 29.57
C CYS E 282 -15.86 -2.34 30.42
N LEU E 283 -15.10 -1.45 29.78
CA LEU E 283 -14.14 -0.62 30.50
C LEU E 283 -14.83 0.20 31.60
N LEU E 284 -16.06 0.63 31.32
CA LEU E 284 -16.84 1.39 32.29
C LEU E 284 -17.17 0.57 33.54
N PHE E 285 -17.62 -0.67 33.36
CA PHE E 285 -17.87 -1.52 34.54
C PHE E 285 -16.57 -1.83 35.29
N VAL E 286 -15.52 -2.13 34.53
CA VAL E 286 -14.20 -2.34 35.09
C VAL E 286 -13.81 -1.19 36.04
N PHE E 287 -14.07 0.03 35.60
CA PHE E 287 -13.90 1.19 36.49
C PHE E 287 -14.87 1.15 37.67
N SER E 288 -16.13 0.87 37.38
CA SER E 288 -17.19 0.89 38.39
C SER E 288 -16.83 0.01 39.58
N ALA E 289 -16.04 -1.03 39.33
CA ALA E 289 -15.50 -1.84 40.40
C ALA E 289 -14.72 -0.97 41.39
N LEU E 290 -13.71 -0.28 40.90
CA LEU E 290 -12.89 0.57 41.74
C LEU E 290 -13.66 1.78 42.28
N LEU E 291 -14.74 2.16 41.60
CA LEU E 291 -15.56 3.27 42.07
C LEU E 291 -16.31 2.86 43.33
N GLU E 292 -17.05 1.76 43.24
CA GLU E 292 -17.83 1.25 44.37
C GLU E 292 -16.91 0.81 45.51
N TYR E 293 -15.77 0.25 45.15
CA TYR E 293 -14.82 -0.26 46.15
C TYR E 293 -13.99 0.84 46.80
N ALA E 294 -13.83 1.97 46.10
CA ALA E 294 -13.21 3.14 46.72
C ALA E 294 -14.23 3.83 47.62
N ALA E 295 -15.51 3.73 47.24
CA ALA E 295 -16.58 4.21 48.10
C ALA E 295 -16.60 3.41 49.39
N VAL E 296 -16.45 2.09 49.27
CA VAL E 296 -16.39 1.19 50.42
C VAL E 296 -15.14 1.47 51.27
N ASN E 297 -14.00 1.64 50.61
CA ASN E 297 -12.73 1.85 51.30
C ASN E 297 -12.69 3.19 52.03
N PHE E 298 -13.36 4.20 51.48
CA PHE E 298 -13.42 5.50 52.12
C PHE E 298 -14.47 5.52 53.23
N ILE E 299 -15.61 4.87 53.03
CA ILE E 299 -16.65 4.87 54.05
C ILE E 299 -16.21 3.99 55.21
N ALA E 300 -15.25 3.09 54.94
CA ALA E 300 -14.71 2.22 55.97
C ALA E 300 -13.90 3.00 57.01
N ARG E 301 -13.16 3.99 56.55
CA ARG E 301 -12.34 4.80 57.45
C ARG E 301 -13.20 5.65 58.39
N LYS E 305 -19.29 1.72 62.92
CA LYS E 305 -20.42 0.82 63.16
C LYS E 305 -21.43 0.90 62.02
N LEU E 306 -22.03 2.06 61.84
CA LEU E 306 -23.00 2.29 60.77
C LEU E 306 -22.31 2.27 59.41
N PHE E 307 -21.10 2.82 59.37
CA PHE E 307 -20.30 2.87 58.15
C PHE E 307 -19.93 1.48 57.66
N ILE E 308 -19.66 0.58 58.60
CA ILE E 308 -19.33 -0.81 58.27
C ILE E 308 -20.53 -1.53 57.68
N SER E 309 -21.70 -1.29 58.26
CA SER E 309 -22.95 -1.88 57.76
C SER E 309 -23.29 -1.36 56.37
N ARG E 310 -23.02 -0.08 56.14
CA ARG E 310 -23.20 0.52 54.82
C ARG E 310 -22.20 -0.05 53.81
N ALA E 311 -21.01 -0.41 54.30
CA ALA E 311 -19.98 -1.01 53.46
C ALA E 311 -20.35 -2.43 53.05
N LYS E 312 -20.91 -3.19 53.99
CA LYS E 312 -21.34 -4.56 53.72
C LYS E 312 -22.59 -4.58 52.83
N ARG E 313 -23.48 -3.62 53.05
CA ARG E 313 -24.66 -3.48 52.20
C ARG E 313 -24.26 -3.04 50.79
N ILE E 314 -23.21 -2.23 50.69
CA ILE E 314 -22.66 -1.84 49.40
C ILE E 314 -21.96 -3.01 48.74
N ASP E 315 -21.47 -3.93 49.56
CA ASP E 315 -20.80 -5.14 49.07
C ASP E 315 -21.81 -6.13 48.47
N THR E 316 -22.89 -6.40 49.21
CA THR E 316 -23.95 -7.27 48.72
C THR E 316 -24.62 -6.64 47.51
N VAL E 317 -24.84 -5.33 47.59
CA VAL E 317 -25.44 -4.58 46.49
C VAL E 317 -24.57 -4.67 45.23
N SER E 318 -23.25 -4.58 45.41
CA SER E 318 -22.33 -4.71 44.28
C SER E 318 -22.41 -6.11 43.68
N ARG E 319 -22.29 -7.12 44.54
CA ARG E 319 -22.40 -8.51 44.12
C ARG E 319 -23.66 -8.83 43.33
N VAL E 320 -24.79 -8.23 43.72
CA VAL E 320 -26.03 -8.47 42.99
C VAL E 320 -26.11 -7.62 41.71
N ALA E 321 -25.69 -6.35 41.81
CA ALA E 321 -25.89 -5.40 40.73
C ALA E 321 -25.00 -5.64 39.50
N PHE E 322 -23.71 -5.90 39.72
CA PHE E 322 -22.80 -6.03 38.56
C PHE E 322 -23.25 -7.12 37.56
N PRO E 323 -23.44 -8.37 38.03
CA PRO E 323 -23.89 -9.37 37.05
C PRO E 323 -25.26 -9.08 36.44
N LEU E 324 -26.17 -8.51 37.24
CA LEU E 324 -27.53 -8.23 36.78
C LEU E 324 -27.55 -7.08 35.75
N VAL E 325 -26.78 -6.03 36.03
CA VAL E 325 -26.69 -4.89 35.13
C VAL E 325 -26.02 -5.31 33.83
N PHE E 326 -24.94 -6.08 33.94
CA PHE E 326 -24.21 -6.51 32.75
C PHE E 326 -25.06 -7.49 31.92
N LEU E 327 -25.91 -8.24 32.61
CA LEU E 327 -26.82 -9.18 31.95
C LEU E 327 -27.95 -8.44 31.20
N ILE E 328 -28.54 -7.45 31.85
CA ILE E 328 -29.56 -6.63 31.20
C ILE E 328 -28.96 -5.94 29.98
N PHE E 329 -27.73 -5.43 30.16
CA PHE E 329 -27.00 -4.77 29.08
C PHE E 329 -26.74 -5.69 27.90
N ASN E 330 -26.26 -6.91 28.17
CA ASN E 330 -26.04 -7.89 27.11
C ASN E 330 -27.35 -8.16 26.38
N ILE E 331 -28.41 -8.36 27.17
CA ILE E 331 -29.75 -8.65 26.64
C ILE E 331 -30.23 -7.57 25.68
N PHE E 332 -29.98 -6.31 26.01
CA PHE E 332 -30.34 -5.21 25.11
C PHE E 332 -29.45 -5.18 23.88
N TYR E 333 -28.14 -5.23 24.11
CA TYR E 333 -27.10 -5.08 23.09
C TYR E 333 -27.18 -6.09 21.96
N TRP E 334 -27.09 -7.38 22.31
CA TRP E 334 -27.02 -8.44 21.32
C TRP E 334 -28.27 -8.49 20.46
N ILE E 335 -29.43 -8.36 21.10
CA ILE E 335 -30.70 -8.36 20.39
C ILE E 335 -30.80 -7.13 19.51
N THR E 336 -30.23 -6.02 19.99
CA THR E 336 -30.23 -4.77 19.24
C THR E 336 -29.49 -4.91 17.91
N TYR E 337 -28.21 -5.29 17.98
CA TYR E 337 -27.40 -5.33 16.76
C TYR E 337 -27.54 -6.58 15.91
N LYS E 338 -27.79 -7.73 16.52
CA LYS E 338 -27.89 -8.96 15.73
C LYS E 338 -29.34 -9.17 15.30
N LEU E 339 -29.55 -9.17 13.98
CA LEU E 339 -30.88 -9.16 13.36
C LEU E 339 -31.69 -7.93 13.80
N VAL E 340 -32.95 -8.15 14.14
CA VAL E 340 -33.86 -7.10 14.60
C VAL E 340 -33.91 -5.89 13.66
#